data_5LV6
#
_entry.id   5LV6
#
_cell.length_a   1.000
_cell.length_b   1.000
_cell.length_c   1.000
_cell.angle_alpha   90.00
_cell.angle_beta   90.00
_cell.angle_gamma   90.00
#
_symmetry.space_group_name_H-M   'P 1'
#
_entity_poly.entity_id   1
_entity_poly.type   'polypeptide(L)'
_entity_poly.pdbx_seq_one_letter_code
;EGCPTNGPKIPSIATGMVGALLLLLVVALGIGLFMRRRHIVRKR
;
_entity_poly.pdbx_strand_id   A,B
#
# COMPACT_ATOMS: atom_id res chain seq x y z
N GLU A 1 -5.15 32.29 20.53
CA GLU A 1 -5.12 33.45 21.42
C GLU A 1 -6.51 33.77 21.96
N GLY A 2 -7.45 34.02 21.05
CA GLY A 2 -8.80 34.33 21.45
C GLY A 2 -9.84 33.54 20.67
N CYS A 3 -9.58 33.35 19.38
CA CYS A 3 -10.50 32.61 18.52
C CYS A 3 -9.81 31.38 17.93
N PRO A 4 -10.62 30.41 17.47
CA PRO A 4 -10.12 29.18 16.87
C PRO A 4 -9.47 29.42 15.52
N THR A 5 -8.15 29.28 15.46
CA THR A 5 -7.40 29.48 14.23
C THR A 5 -6.69 28.19 13.80
N ASN A 6 -6.93 27.78 12.56
CA ASN A 6 -6.31 26.56 12.03
C ASN A 6 -4.79 26.72 11.95
N GLY A 7 -4.07 25.71 12.42
CA GLY A 7 -2.61 25.76 12.39
C GLY A 7 -2.01 24.52 11.76
N PRO A 8 -0.69 24.34 11.95
CA PRO A 8 0.03 23.19 11.41
C PRO A 8 -0.34 21.89 12.10
N LYS A 9 -1.48 21.34 11.72
CA LYS A 9 -1.97 20.08 12.29
C LYS A 9 -2.34 19.08 11.20
N ILE A 10 -2.25 17.80 11.52
CA ILE A 10 -2.59 16.74 10.57
C ILE A 10 -3.86 16.02 10.98
N PRO A 11 -4.78 15.83 10.02
CA PRO A 11 -6.05 15.14 10.25
C PRO A 11 -5.86 13.65 10.51
N SER A 12 -6.97 12.93 10.55
CA SER A 12 -6.93 11.48 10.80
C SER A 12 -6.75 10.72 9.49
N ILE A 13 -7.36 11.23 8.42
CA ILE A 13 -7.25 10.59 7.11
C ILE A 13 -5.80 10.33 6.74
N ALA A 14 -4.91 11.21 7.20
CA ALA A 14 -3.49 11.06 6.92
C ALA A 14 -2.99 9.66 7.25
N THR A 15 -3.64 9.03 8.23
CA THR A 15 -3.27 7.68 8.66
C THR A 15 -3.16 6.74 7.46
N GLY A 16 -3.98 6.99 6.45
CA GLY A 16 -3.96 6.16 5.25
C GLY A 16 -2.69 6.34 4.44
N MET A 17 -2.15 7.56 4.46
CA MET A 17 -0.94 7.87 3.71
C MET A 17 0.27 7.18 4.33
N VAL A 18 0.32 7.17 5.66
CA VAL A 18 1.42 6.53 6.38
C VAL A 18 1.40 5.02 6.20
N GLY A 19 0.28 4.40 6.56
CA GLY A 19 0.15 2.96 6.43
C GLY A 19 0.39 2.48 5.01
N ALA A 20 -0.04 3.28 4.04
CA ALA A 20 0.13 2.93 2.63
C ALA A 20 1.60 2.88 2.25
N LEU A 21 2.33 3.93 2.63
CA LEU A 21 3.76 4.01 2.33
C LEU A 21 4.53 2.90 3.03
N LEU A 22 4.30 2.74 4.32
CA LEU A 22 4.97 1.71 5.11
C LEU A 22 4.78 0.34 4.47
N LEU A 23 3.53 -0.06 4.29
CA LEU A 23 3.21 -1.34 3.70
C LEU A 23 3.79 -1.45 2.29
N LEU A 24 3.66 -0.37 1.52
CA LEU A 24 4.18 -0.33 0.16
C LEU A 24 5.62 -0.83 0.10
N LEU A 25 6.46 -0.31 1.00
CA LEU A 25 7.86 -0.71 1.05
C LEU A 25 8.00 -2.16 1.50
N VAL A 26 7.17 -2.56 2.45
CA VAL A 26 7.20 -3.94 2.96
C VAL A 26 6.88 -4.93 1.85
N VAL A 27 5.85 -4.64 1.07
CA VAL A 27 5.44 -5.51 -0.02
C VAL A 27 6.54 -5.61 -1.07
N ALA A 28 7.16 -4.49 -1.38
CA ALA A 28 8.23 -4.46 -2.37
C ALA A 28 9.38 -5.37 -1.98
N LEU A 29 9.72 -5.37 -0.70
CA LEU A 29 10.80 -6.21 -0.18
C LEU A 29 10.44 -7.69 -0.28
N GLY A 30 9.19 -8.00 0.01
CA GLY A 30 8.73 -9.37 -0.04
C GLY A 30 8.79 -9.95 -1.45
N ILE A 31 8.26 -9.22 -2.41
CA ILE A 31 8.26 -9.65 -3.80
C ILE A 31 9.68 -9.88 -4.31
N GLY A 32 10.51 -8.84 -4.21
CA GLY A 32 11.88 -8.94 -4.66
C GLY A 32 12.58 -10.18 -4.12
N LEU A 33 12.69 -10.26 -2.80
CA LEU A 33 13.33 -11.41 -2.16
C LEU A 33 12.75 -12.72 -2.68
N PHE A 34 11.47 -12.70 -2.99
CA PHE A 34 10.79 -13.89 -3.50
C PHE A 34 11.37 -14.34 -4.83
N MET A 35 11.62 -13.37 -5.70
CA MET A 35 12.19 -13.66 -7.02
C MET A 35 13.63 -14.12 -6.91
N ARG A 36 14.39 -13.48 -6.01
CA ARG A 36 15.78 -13.83 -5.80
C ARG A 36 15.91 -15.25 -5.27
N ARG A 37 15.27 -15.51 -4.13
CA ARG A 37 15.32 -16.83 -3.51
C ARG A 37 14.79 -17.90 -4.46
N ARG A 38 13.57 -17.69 -4.96
CA ARG A 38 12.95 -18.63 -5.88
C ARG A 38 13.79 -18.79 -7.14
N HIS A 39 13.97 -20.04 -7.58
CA HIS A 39 14.75 -20.33 -8.77
C HIS A 39 14.03 -19.84 -10.03
N ILE A 40 14.71 -19.92 -11.16
CA ILE A 40 14.15 -19.48 -12.42
C ILE A 40 14.63 -20.36 -13.58
N VAL A 41 13.73 -20.63 -14.53
CA VAL A 41 14.07 -21.46 -15.67
C VAL A 41 13.71 -20.75 -16.98
N ARG A 42 14.53 -20.95 -18.00
CA ARG A 42 14.31 -20.33 -19.30
C ARG A 42 13.19 -21.04 -20.06
N LYS A 43 12.15 -20.28 -20.40
CA LYS A 43 11.01 -20.84 -21.13
C LYS A 43 10.61 -19.93 -22.28
N ARG A 44 10.49 -20.50 -23.47
CA ARG A 44 10.11 -19.75 -24.65
C ARG A 44 8.68 -19.23 -24.53
N GLU B 1 -29.15 4.77 24.96
CA GLU B 1 -30.41 4.98 25.68
C GLU B 1 -30.23 5.97 26.82
N GLY B 2 -29.32 5.65 27.74
CA GLY B 2 -29.07 6.53 28.87
C GLY B 2 -27.59 6.77 29.09
N CYS B 3 -26.79 5.73 28.91
CA CYS B 3 -25.34 5.83 29.11
C CYS B 3 -24.60 5.51 27.82
N PRO B 4 -23.33 5.95 27.74
CA PRO B 4 -22.49 5.72 26.56
C PRO B 4 -22.10 4.26 26.41
N THR B 5 -22.64 3.61 25.39
CA THR B 5 -22.35 2.20 25.14
C THR B 5 -21.69 2.02 23.77
N ASN B 6 -20.54 1.34 23.76
CA ASN B 6 -19.82 1.10 22.51
C ASN B 6 -20.63 0.21 21.58
N GLY B 7 -20.70 0.60 20.31
CA GLY B 7 -21.44 -0.17 19.33
C GLY B 7 -20.63 -0.48 18.10
N PRO B 8 -21.31 -0.93 17.03
CA PRO B 8 -20.66 -1.28 15.76
C PRO B 8 -20.14 -0.04 15.03
N LYS B 9 -18.99 0.46 15.47
CA LYS B 9 -18.39 1.63 14.85
C LYS B 9 -16.92 1.37 14.50
N ILE B 10 -16.43 2.07 13.48
CA ILE B 10 -15.04 1.91 13.05
C ILE B 10 -14.22 3.16 13.38
N PRO B 11 -13.03 2.95 13.95
CA PRO B 11 -12.13 4.04 14.32
C PRO B 11 -11.52 4.73 13.10
N SER B 12 -10.55 5.60 13.34
CA SER B 12 -9.89 6.33 12.26
C SER B 12 -8.73 5.53 11.69
N ILE B 13 -8.03 4.80 12.57
CA ILE B 13 -6.89 3.99 12.17
C ILE B 13 -7.27 3.08 11.00
N ALA B 14 -8.52 2.65 10.95
CA ALA B 14 -9.00 1.78 9.89
C ALA B 14 -8.65 2.35 8.52
N THR B 15 -8.54 3.67 8.44
CA THR B 15 -8.22 4.34 7.18
C THR B 15 -6.99 3.72 6.54
N GLY B 16 -6.07 3.23 7.37
CA GLY B 16 -4.86 2.60 6.86
C GLY B 16 -5.13 1.28 6.17
N MET B 17 -6.14 0.56 6.66
CA MET B 17 -6.49 -0.73 6.09
C MET B 17 -7.12 -0.56 4.71
N VAL B 18 -7.97 0.44 4.57
CA VAL B 18 -8.63 0.72 3.30
C VAL B 18 -7.63 1.19 2.25
N GLY B 19 -6.93 2.28 2.56
CA GLY B 19 -5.96 2.82 1.64
C GLY B 19 -4.91 1.81 1.24
N ALA B 20 -4.53 0.95 2.19
CA ALA B 20 -3.53 -0.07 1.93
C ALA B 20 -4.02 -1.07 0.89
N LEU B 21 -5.24 -1.57 1.09
CA LEU B 21 -5.83 -2.55 0.17
C LEU B 21 -6.03 -1.94 -1.21
N LEU B 22 -6.66 -0.76 -1.25
CA LEU B 22 -6.91 -0.07 -2.51
C LEU B 22 -5.62 0.09 -3.30
N LEU B 23 -4.63 0.74 -2.70
CA LEU B 23 -3.35 0.96 -3.36
C LEU B 23 -2.70 -0.37 -3.73
N LEU B 24 -2.76 -1.34 -2.82
CA LEU B 24 -2.17 -2.65 -3.06
C LEU B 24 -2.60 -3.20 -4.41
N LEU B 25 -3.90 -3.14 -4.69
CA LEU B 25 -4.44 -3.63 -5.95
C LEU B 25 -3.96 -2.77 -7.11
N VAL B 26 -3.91 -1.46 -6.90
CA VAL B 26 -3.46 -0.54 -7.93
C VAL B 26 -2.02 -0.81 -8.34
N VAL B 27 -1.17 -1.02 -7.35
CA VAL B 27 0.24 -1.31 -7.61
C VAL B 27 0.41 -2.62 -8.37
N ALA B 28 -0.37 -3.62 -7.99
CA ALA B 28 -0.31 -4.92 -8.64
C ALA B 28 -0.62 -4.81 -10.13
N LEU B 29 -1.63 -4.00 -10.45
CA LEU B 29 -2.03 -3.80 -11.84
C LEU B 29 -0.93 -3.09 -12.63
N GLY B 30 -0.30 -2.12 -12.00
CA GLY B 30 0.77 -1.38 -12.66
C GLY B 30 1.95 -2.25 -13.01
N ILE B 31 2.42 -3.03 -12.04
CA ILE B 31 3.56 -3.91 -12.26
C ILE B 31 3.27 -4.92 -13.36
N GLY B 32 2.19 -5.67 -13.21
CA GLY B 32 1.82 -6.66 -14.21
C GLY B 32 1.83 -6.09 -15.63
N LEU B 33 0.99 -5.09 -15.86
CA LEU B 33 0.90 -4.46 -17.17
C LEU B 33 2.27 -4.03 -17.66
N PHE B 34 3.13 -3.64 -16.72
CA PHE B 34 4.48 -3.21 -17.07
C PHE B 34 5.28 -4.34 -17.69
N MET B 35 5.16 -5.53 -17.12
CA MET B 35 5.86 -6.70 -17.61
C MET B 35 5.31 -7.14 -18.97
N ARG B 36 3.98 -7.07 -19.10
CA ARG B 36 3.33 -7.46 -20.35
C ARG B 36 3.76 -6.55 -21.49
N ARG B 37 3.54 -5.25 -21.32
CA ARG B 37 3.90 -4.27 -22.34
C ARG B 37 5.39 -4.34 -22.66
N ARG B 38 6.22 -4.22 -21.63
CA ARG B 38 7.67 -4.27 -21.80
C ARG B 38 8.10 -5.60 -22.39
N HIS B 39 8.98 -5.54 -23.38
CA HIS B 39 9.48 -6.76 -24.04
C HIS B 39 10.37 -7.56 -23.09
N ILE B 40 10.74 -8.76 -23.52
CA ILE B 40 11.59 -9.63 -22.71
C ILE B 40 12.56 -10.43 -23.58
N VAL B 41 13.78 -10.60 -23.10
CA VAL B 41 14.80 -11.34 -23.84
C VAL B 41 15.41 -12.43 -22.96
N ARG B 42 15.70 -13.58 -23.58
CA ARG B 42 16.30 -14.70 -22.86
C ARG B 42 17.78 -14.44 -22.59
N LYS B 43 18.15 -14.45 -21.31
CA LYS B 43 19.54 -14.22 -20.92
C LYS B 43 19.99 -15.26 -19.89
N ARG B 44 21.12 -15.91 -20.17
CA ARG B 44 21.65 -16.92 -19.27
C ARG B 44 22.08 -16.29 -17.94
N GLU A 1 -7.14 39.12 1.48
CA GLU A 1 -8.37 38.38 1.19
C GLU A 1 -8.43 37.10 2.02
N GLY A 2 -7.35 36.33 2.00
CA GLY A 2 -7.30 35.08 2.75
C GLY A 2 -6.04 34.96 3.59
N CYS A 3 -6.04 34.01 4.51
CA CYS A 3 -4.89 33.79 5.39
C CYS A 3 -4.52 32.31 5.43
N PRO A 4 -3.28 32.03 5.85
CA PRO A 4 -2.77 30.66 5.95
C PRO A 4 -3.43 29.88 7.07
N THR A 5 -2.96 28.65 7.29
CA THR A 5 -3.51 27.79 8.33
C THR A 5 -2.42 26.96 9.00
N ASN A 6 -2.36 27.01 10.32
CA ASN A 6 -1.37 26.27 11.08
C ASN A 6 -1.62 24.76 10.98
N GLY A 7 -0.57 23.98 11.18
CA GLY A 7 -0.70 22.53 11.11
C GLY A 7 0.31 21.82 11.98
N PRO A 8 0.12 21.91 13.31
CA PRO A 8 1.00 21.29 14.29
C PRO A 8 0.87 19.76 14.29
N LYS A 9 -0.37 19.28 14.31
CA LYS A 9 -0.63 17.85 14.32
C LYS A 9 -1.55 17.46 13.16
N ILE A 10 -1.02 16.71 12.21
CA ILE A 10 -1.79 16.26 11.06
C ILE A 10 -3.10 15.61 11.50
N PRO A 11 -4.09 15.63 10.59
CA PRO A 11 -5.41 15.04 10.86
C PRO A 11 -5.37 13.52 10.93
N SER A 12 -6.53 12.89 10.97
CA SER A 12 -6.63 11.44 11.04
C SER A 12 -6.39 10.82 9.67
N ILE A 13 -6.88 11.49 8.63
CA ILE A 13 -6.73 11.01 7.26
C ILE A 13 -5.27 10.66 6.96
N ALA A 14 -4.36 11.40 7.58
CA ALA A 14 -2.92 11.18 7.37
C ALA A 14 -2.57 9.71 7.59
N THR A 15 -3.34 9.04 8.44
CA THR A 15 -3.10 7.63 8.75
C THR A 15 -2.96 6.82 7.47
N GLY A 16 -3.67 7.23 6.43
CA GLY A 16 -3.62 6.53 5.16
C GLY A 16 -2.27 6.68 4.47
N MET A 17 -1.64 7.83 4.66
CA MET A 17 -0.33 8.10 4.06
C MET A 17 0.75 7.24 4.70
N VAL A 18 0.70 7.11 6.02
CA VAL A 18 1.67 6.32 6.75
C VAL A 18 1.53 4.84 6.42
N GLY A 19 0.34 4.29 6.66
CA GLY A 19 0.10 2.89 6.38
C GLY A 19 0.41 2.52 4.94
N ALA A 20 0.12 3.44 4.02
CA ALA A 20 0.37 3.20 2.61
C ALA A 20 1.86 3.05 2.33
N LEU A 21 2.66 3.97 2.86
CA LEU A 21 4.10 3.92 2.67
C LEU A 21 4.71 2.68 3.32
N LEU A 22 4.34 2.43 4.57
CA LEU A 22 4.84 1.27 5.29
C LEU A 22 4.59 -0.01 4.51
N LEU A 23 3.33 -0.27 4.18
CA LEU A 23 2.95 -1.47 3.43
C LEU A 23 3.64 -1.49 2.08
N LEU A 24 3.70 -0.33 1.42
CA LEU A 24 4.33 -0.22 0.11
C LEU A 24 5.73 -0.85 0.13
N LEU A 25 6.51 -0.50 1.13
CA LEU A 25 7.87 -1.03 1.27
C LEU A 25 7.84 -2.52 1.56
N VAL A 26 6.90 -2.94 2.41
CA VAL A 26 6.75 -4.34 2.77
C VAL A 26 6.45 -5.20 1.56
N VAL A 27 5.53 -4.73 0.72
CA VAL A 27 5.14 -5.45 -0.48
C VAL A 27 6.32 -5.57 -1.45
N ALA A 28 7.08 -4.48 -1.59
CA ALA A 28 8.22 -4.46 -2.48
C ALA A 28 9.25 -5.52 -2.08
N LEU A 29 9.46 -5.67 -0.78
CA LEU A 29 10.42 -6.65 -0.27
C LEU A 29 9.93 -8.07 -0.54
N GLY A 30 8.63 -8.29 -0.39
CA GLY A 30 8.06 -9.60 -0.62
C GLY A 30 8.21 -10.05 -2.07
N ILE A 31 7.83 -9.17 -3.00
CA ILE A 31 7.93 -9.48 -4.41
C ILE A 31 9.35 -9.79 -4.82
N GLY A 32 10.26 -8.85 -4.55
CA GLY A 32 11.66 -9.04 -4.90
C GLY A 32 12.19 -10.39 -4.44
N LEU A 33 12.17 -10.62 -3.12
CA LEU A 33 12.66 -11.86 -2.56
C LEU A 33 12.01 -13.06 -3.25
N PHE A 34 10.75 -12.90 -3.66
CA PHE A 34 10.02 -13.96 -4.33
C PHE A 34 10.69 -14.32 -5.66
N MET A 35 11.10 -13.31 -6.41
CA MET A 35 11.75 -13.52 -7.70
C MET A 35 13.18 -14.02 -7.50
N ARG A 36 13.85 -13.50 -6.47
CA ARG A 36 15.22 -13.88 -6.18
C ARG A 36 15.29 -15.32 -5.69
N ARG A 37 14.29 -15.73 -4.92
CA ARG A 37 14.23 -17.09 -4.39
C ARG A 37 15.55 -17.46 -3.72
N ARG A 38 16.21 -16.47 -3.13
CA ARG A 38 17.48 -16.69 -2.45
C ARG A 38 17.28 -16.79 -0.94
N HIS A 39 17.74 -17.90 -0.37
CA HIS A 39 17.61 -18.12 1.07
C HIS A 39 18.63 -19.15 1.56
N ILE A 40 18.71 -19.31 2.88
CA ILE A 40 19.64 -20.26 3.46
C ILE A 40 19.06 -20.91 4.72
N VAL A 41 19.50 -22.12 5.01
CA VAL A 41 19.02 -22.84 6.18
C VAL A 41 20.16 -23.49 6.95
N ARG A 42 20.17 -23.33 8.26
CA ARG A 42 21.21 -23.90 9.10
C ARG A 42 20.64 -24.89 10.10
N LYS A 43 21.29 -26.04 10.24
CA LYS A 43 20.84 -27.07 11.15
C LYS A 43 22.00 -27.95 11.61
N ARG A 44 22.03 -28.27 12.89
CA ARG A 44 23.09 -29.10 13.46
C ARG A 44 22.58 -30.52 13.72
N GLU B 1 -17.60 -12.82 32.80
CA GLU B 1 -16.38 -12.09 33.10
C GLU B 1 -16.22 -10.87 32.20
N GLY B 2 -16.38 -11.08 30.89
CA GLY B 2 -16.26 -9.98 29.95
C GLY B 2 -17.42 -9.93 28.98
N CYS B 3 -17.54 -8.82 28.27
CA CYS B 3 -18.62 -8.62 27.30
C CYS B 3 -18.08 -8.12 25.97
N PRO B 4 -18.87 -8.29 24.90
CA PRO B 4 -18.49 -7.86 23.55
C PRO B 4 -18.48 -6.34 23.42
N THR B 5 -18.24 -5.85 22.20
CA THR B 5 -18.21 -4.42 21.94
C THR B 5 -18.80 -4.09 20.58
N ASN B 6 -19.75 -3.16 20.56
CA ASN B 6 -20.41 -2.76 19.32
C ASN B 6 -19.43 -2.03 18.41
N GLY B 7 -19.72 -2.05 17.11
CA GLY B 7 -18.86 -1.38 16.14
C GLY B 7 -19.61 -0.91 14.92
N PRO B 8 -20.47 0.11 15.11
CA PRO B 8 -21.27 0.68 14.02
C PRO B 8 -20.41 1.44 13.00
N LYS B 9 -19.54 2.31 13.51
CA LYS B 9 -18.66 3.09 12.65
C LYS B 9 -17.20 2.89 13.03
N ILE B 10 -16.45 2.27 12.12
CA ILE B 10 -15.03 2.02 12.36
C ILE B 10 -14.31 3.29 12.79
N PRO B 11 -13.18 3.13 13.51
CA PRO B 11 -12.38 4.26 13.97
C PRO B 11 -11.66 4.98 12.83
N SER B 12 -10.76 5.90 13.19
CA SER B 12 -10.01 6.65 12.19
C SER B 12 -8.87 5.82 11.61
N ILE B 13 -8.27 4.99 12.45
CA ILE B 13 -7.17 4.14 12.03
C ILE B 13 -7.54 3.34 10.79
N ALA B 14 -8.82 2.98 10.68
CA ALA B 14 -9.30 2.22 9.54
C ALA B 14 -8.89 2.87 8.22
N THR B 15 -8.72 4.19 8.25
CA THR B 15 -8.32 4.93 7.06
C THR B 15 -7.10 4.29 6.40
N GLY B 16 -6.23 3.70 7.22
CA GLY B 16 -5.04 3.06 6.69
C GLY B 16 -5.35 1.81 5.89
N MET B 17 -6.40 1.11 6.28
CA MET B 17 -6.81 -0.11 5.59
C MET B 17 -7.36 0.21 4.20
N VAL B 18 -8.18 1.25 4.13
CA VAL B 18 -8.78 1.67 2.86
C VAL B 18 -7.72 2.19 1.89
N GLY B 19 -6.99 3.21 2.33
CA GLY B 19 -5.96 3.80 1.49
C GLY B 19 -4.94 2.78 1.04
N ALA B 20 -4.63 1.82 1.91
CA ALA B 20 -3.66 0.77 1.60
C ALA B 20 -4.16 -0.10 0.46
N LEU B 21 -5.41 -0.55 0.55
CA LEU B 21 -6.00 -1.40 -0.47
C LEU B 21 -6.10 -0.65 -1.80
N LEU B 22 -6.66 0.55 -1.75
CA LEU B 22 -6.83 1.37 -2.95
C LEU B 22 -5.50 1.53 -3.68
N LEU B 23 -4.49 2.06 -2.98
CA LEU B 23 -3.18 2.26 -3.57
C LEU B 23 -2.58 0.94 -4.04
N LEU B 24 -2.74 -0.10 -3.23
CA LEU B 24 -2.23 -1.42 -3.57
C LEU B 24 -2.63 -1.81 -4.98
N LEU B 25 -3.91 -1.66 -5.29
CA LEU B 25 -4.42 -2.00 -6.63
C LEU B 25 -3.84 -1.06 -7.68
N VAL B 26 -3.73 0.22 -7.34
CA VAL B 26 -3.19 1.22 -8.27
C VAL B 26 -1.76 0.89 -8.64
N VAL B 27 -0.95 0.53 -7.65
CA VAL B 27 0.44 0.20 -7.88
C VAL B 27 0.58 -1.04 -8.76
N ALA B 28 -0.27 -2.04 -8.50
CA ALA B 28 -0.25 -3.27 -9.27
C ALA B 28 -0.51 -3.00 -10.75
N LEU B 29 -1.45 -2.10 -11.04
CA LEU B 29 -1.78 -1.75 -12.41
C LEU B 29 -0.62 -1.04 -13.09
N GLY B 30 0.05 -0.17 -12.35
CA GLY B 30 1.18 0.57 -12.89
C GLY B 30 2.33 -0.34 -13.28
N ILE B 31 2.71 -1.23 -12.38
CA ILE B 31 3.80 -2.17 -12.64
C ILE B 31 3.51 -3.04 -13.85
N GLY B 32 2.38 -3.74 -13.81
CA GLY B 32 1.99 -4.60 -14.91
C GLY B 32 2.09 -3.90 -16.25
N LEU B 33 1.32 -2.85 -16.42
CA LEU B 33 1.32 -2.09 -17.67
C LEU B 33 2.74 -1.70 -18.07
N PHE B 34 3.58 -1.44 -17.08
CA PHE B 34 4.96 -1.05 -17.32
C PHE B 34 5.72 -2.19 -18.03
N MET B 35 5.51 -3.40 -17.56
CA MET B 35 6.17 -4.56 -18.15
C MET B 35 5.57 -4.91 -19.50
N ARG B 36 4.25 -4.73 -19.63
CA ARG B 36 3.56 -5.03 -20.88
C ARG B 36 3.95 -4.03 -21.96
N ARG B 37 4.16 -2.78 -21.57
CA ARG B 37 4.53 -1.73 -22.50
C ARG B 37 3.59 -1.72 -23.70
N ARG B 38 2.34 -2.06 -23.46
CA ARG B 38 1.34 -2.09 -24.53
C ARG B 38 0.47 -0.84 -24.48
N HIS B 39 0.43 -0.12 -25.60
CA HIS B 39 -0.36 1.10 -25.69
C HIS B 39 -0.67 1.45 -27.15
N ILE B 40 -1.51 2.45 -27.35
CA ILE B 40 -1.88 2.87 -28.70
C ILE B 40 -2.09 4.39 -28.75
N VAL B 41 -1.87 4.97 -29.94
CA VAL B 41 -2.03 6.40 -30.13
C VAL B 41 -2.79 6.70 -31.42
N ARG B 42 -3.76 7.59 -31.33
CA ARG B 42 -4.57 7.96 -32.49
C ARG B 42 -4.42 9.45 -32.80
N LYS B 43 -4.24 9.76 -34.08
CA LYS B 43 -4.07 11.15 -34.51
C LYS B 43 -4.52 11.32 -35.96
N ARG B 44 -5.22 12.41 -36.23
CA ARG B 44 -5.71 12.69 -37.58
C ARG B 44 -4.88 13.79 -38.24
N GLU A 1 -9.05 35.90 -6.88
CA GLU A 1 -9.96 35.71 -5.76
C GLU A 1 -9.26 34.98 -4.61
N GLY A 2 -8.74 33.79 -4.90
CA GLY A 2 -8.05 33.02 -3.89
C GLY A 2 -6.57 32.89 -4.16
N CYS A 3 -5.83 32.34 -3.20
CA CYS A 3 -4.39 32.17 -3.34
C CYS A 3 -3.89 31.03 -2.45
N PRO A 4 -2.70 30.51 -2.77
CA PRO A 4 -2.08 29.41 -2.01
C PRO A 4 -1.63 29.85 -0.62
N THR A 5 -1.42 28.89 0.26
CA THR A 5 -0.98 29.18 1.62
C THR A 5 -0.35 27.95 2.27
N ASN A 6 0.53 28.18 3.24
CA ASN A 6 1.20 27.10 3.94
C ASN A 6 0.27 26.44 4.95
N GLY A 7 0.79 25.48 5.70
CA GLY A 7 -0.01 24.79 6.69
C GLY A 7 0.35 23.32 6.81
N PRO A 8 1.48 23.03 7.46
CA PRO A 8 1.95 21.66 7.65
C PRO A 8 1.08 20.87 8.61
N LYS A 9 -0.01 20.32 8.10
CA LYS A 9 -0.93 19.54 8.92
C LYS A 9 -1.97 18.84 8.04
N ILE A 10 -2.63 17.82 8.61
CA ILE A 10 -3.64 17.07 7.89
C ILE A 10 -4.60 16.38 8.85
N PRO A 11 -5.80 16.04 8.34
CA PRO A 11 -6.83 15.36 9.15
C PRO A 11 -6.45 13.92 9.48
N SER A 12 -7.39 13.19 10.05
CA SER A 12 -7.15 11.80 10.43
C SER A 12 -6.95 10.93 9.19
N ILE A 13 -7.65 11.26 8.12
CA ILE A 13 -7.56 10.52 6.87
C ILE A 13 -6.09 10.32 6.46
N ALA A 14 -5.25 11.30 6.81
CA ALA A 14 -3.84 11.23 6.48
C ALA A 14 -3.23 9.91 6.93
N THR A 15 -3.79 9.34 8.00
CA THR A 15 -3.31 8.07 8.53
C THR A 15 -3.16 7.02 7.43
N GLY A 16 -4.05 7.10 6.44
CA GLY A 16 -3.99 6.15 5.34
C GLY A 16 -2.76 6.32 4.49
N MET A 17 -2.27 7.55 4.37
CA MET A 17 -1.08 7.83 3.58
C MET A 17 0.15 7.21 4.21
N VAL A 18 0.27 7.33 5.52
CA VAL A 18 1.40 6.78 6.26
C VAL A 18 1.40 5.26 6.21
N GLY A 19 0.29 4.66 6.61
CA GLY A 19 0.18 3.21 6.61
C GLY A 19 0.40 2.62 5.23
N ALA A 20 -0.03 3.34 4.20
CA ALA A 20 0.13 2.87 2.83
C ALA A 20 1.60 2.81 2.44
N LEU A 21 2.33 3.89 2.70
CA LEU A 21 3.75 3.95 2.37
C LEU A 21 4.52 2.83 3.07
N LEU A 22 4.28 2.68 4.37
CA LEU A 22 4.95 1.65 5.15
C LEU A 22 4.76 0.28 4.51
N LEU A 23 3.51 -0.12 4.33
CA LEU A 23 3.20 -1.41 3.73
C LEU A 23 3.77 -1.52 2.32
N LEU A 24 3.67 -0.43 1.56
CA LEU A 24 4.17 -0.39 0.20
C LEU A 24 5.61 -0.89 0.14
N LEU A 25 6.45 -0.36 1.04
CA LEU A 25 7.86 -0.75 1.10
C LEU A 25 8.00 -2.21 1.53
N VAL A 26 7.16 -2.62 2.49
CA VAL A 26 7.20 -3.98 2.99
C VAL A 26 6.87 -4.99 1.89
N VAL A 27 5.85 -4.68 1.10
CA VAL A 27 5.44 -5.55 0.01
C VAL A 27 6.54 -5.67 -1.05
N ALA A 28 7.17 -4.54 -1.36
CA ALA A 28 8.24 -4.50 -2.35
C ALA A 28 9.39 -5.43 -1.95
N LEU A 29 9.72 -5.41 -0.66
CA LEU A 29 10.80 -6.25 -0.14
C LEU A 29 10.44 -7.73 -0.25
N GLY A 30 9.18 -8.04 0.05
CA GLY A 30 8.73 -9.42 -0.02
C GLY A 30 8.80 -10.00 -1.41
N ILE A 31 8.26 -9.26 -2.39
CA ILE A 31 8.27 -9.70 -3.77
C ILE A 31 9.69 -9.92 -4.28
N GLY A 32 10.52 -8.87 -4.18
CA GLY A 32 11.90 -8.97 -4.62
C GLY A 32 12.60 -10.21 -4.09
N LEU A 33 12.70 -10.30 -2.76
CA LEU A 33 13.35 -11.44 -2.13
C LEU A 33 12.78 -12.76 -2.64
N PHE A 34 11.48 -12.75 -2.96
CA PHE A 34 10.80 -13.94 -3.46
C PHE A 34 11.39 -14.37 -4.79
N MET A 35 11.64 -13.41 -5.67
CA MET A 35 12.21 -13.70 -6.99
C MET A 35 13.69 -14.04 -6.87
N ARG A 36 14.39 -13.38 -5.95
CA ARG A 36 15.81 -13.62 -5.75
C ARG A 36 16.05 -15.02 -5.22
N ARG A 37 15.14 -15.51 -4.39
CA ARG A 37 15.26 -16.85 -3.83
C ARG A 37 14.34 -17.84 -4.54
N ARG A 38 14.16 -17.62 -5.84
CA ARG A 38 13.30 -18.49 -6.63
C ARG A 38 13.91 -19.87 -6.80
N HIS A 39 15.24 -19.91 -6.92
CA HIS A 39 15.95 -21.18 -7.08
C HIS A 39 15.63 -22.13 -5.93
N ILE A 40 16.10 -23.37 -6.05
CA ILE A 40 15.87 -24.38 -5.01
C ILE A 40 17.06 -25.32 -4.88
N VAL A 41 17.10 -26.04 -3.77
CA VAL A 41 18.20 -26.98 -3.51
C VAL A 41 18.17 -28.13 -4.53
N ARG A 42 19.34 -28.73 -4.75
CA ARG A 42 19.45 -29.84 -5.69
C ARG A 42 18.57 -31.01 -5.26
N LYS A 43 17.85 -31.57 -6.22
CA LYS A 43 16.95 -32.70 -5.94
C LYS A 43 17.45 -33.96 -6.63
N ARG A 44 17.56 -35.04 -5.88
CA ARG A 44 18.02 -36.32 -6.42
C ARG A 44 16.92 -36.99 -7.23
N GLU B 1 -17.00 -15.13 32.02
CA GLU B 1 -16.93 -13.74 32.45
C GLU B 1 -17.32 -12.80 31.32
N GLY B 2 -16.64 -12.92 30.19
CA GLY B 2 -16.94 -12.07 29.05
C GLY B 2 -17.51 -12.86 27.88
N CYS B 3 -17.99 -12.15 26.86
CA CYS B 3 -18.56 -12.78 25.69
C CYS B 3 -18.46 -11.87 24.47
N PRO B 4 -18.58 -12.46 23.28
CA PRO B 4 -18.50 -11.71 22.01
C PRO B 4 -19.71 -10.82 21.79
N THR B 5 -19.57 -9.85 20.90
CA THR B 5 -20.66 -8.91 20.60
C THR B 5 -20.44 -8.24 19.25
N ASN B 6 -21.53 -7.81 18.63
CA ASN B 6 -21.47 -7.14 17.34
C ASN B 6 -21.00 -5.70 17.49
N GLY B 7 -20.98 -4.97 16.38
CA GLY B 7 -20.56 -3.57 16.42
C GLY B 7 -19.77 -3.17 15.18
N PRO B 8 -20.49 -3.00 14.06
CA PRO B 8 -19.88 -2.61 12.79
C PRO B 8 -19.36 -1.18 12.80
N LYS B 9 -18.14 -1.00 13.29
CA LYS B 9 -17.52 0.32 13.36
C LYS B 9 -16.04 0.21 13.70
N ILE B 10 -15.29 1.27 13.42
CA ILE B 10 -13.86 1.30 13.70
C ILE B 10 -13.35 2.73 13.82
N PRO B 11 -12.19 2.89 14.49
CA PRO B 11 -11.57 4.20 14.69
C PRO B 11 -11.02 4.78 13.40
N SER B 12 -10.31 5.91 13.50
CA SER B 12 -9.74 6.56 12.33
C SER B 12 -8.59 5.75 11.77
N ILE B 13 -7.83 5.11 12.66
CA ILE B 13 -6.69 4.29 12.26
C ILE B 13 -7.10 3.28 11.19
N ALA B 14 -8.34 2.81 11.26
CA ALA B 14 -8.84 1.84 10.30
C ALA B 14 -8.62 2.32 8.87
N THR B 15 -8.59 3.63 8.68
CA THR B 15 -8.40 4.22 7.37
C THR B 15 -7.18 3.60 6.67
N GLY B 16 -6.19 3.22 7.46
CA GLY B 16 -4.99 2.62 6.90
C GLY B 16 -5.26 1.28 6.25
N MET B 17 -6.22 0.53 6.81
CA MET B 17 -6.58 -0.78 6.27
C MET B 17 -7.20 -0.65 4.89
N VAL B 18 -8.13 0.30 4.74
CA VAL B 18 -8.80 0.52 3.47
C VAL B 18 -7.83 1.05 2.42
N GLY B 19 -7.15 2.14 2.75
CA GLY B 19 -6.20 2.74 1.84
C GLY B 19 -5.11 1.76 1.42
N ALA B 20 -4.70 0.90 2.35
CA ALA B 20 -3.67 -0.09 2.06
C ALA B 20 -4.13 -1.09 1.02
N LEU B 21 -5.32 -1.65 1.23
CA LEU B 21 -5.88 -2.63 0.30
C LEU B 21 -6.07 -2.02 -1.09
N LEU B 22 -6.72 -0.86 -1.14
CA LEU B 22 -6.97 -0.17 -2.40
C LEU B 22 -5.67 0.03 -3.17
N LEU B 23 -4.71 0.70 -2.54
CA LEU B 23 -3.42 0.96 -3.18
C LEU B 23 -2.72 -0.35 -3.54
N LEU B 24 -2.79 -1.32 -2.63
CA LEU B 24 -2.17 -2.62 -2.86
C LEU B 24 -2.56 -3.18 -4.22
N LEU B 25 -3.84 -3.15 -4.53
CA LEU B 25 -4.34 -3.65 -5.80
C LEU B 25 -3.86 -2.78 -6.95
N VAL B 26 -3.85 -1.46 -6.73
CA VAL B 26 -3.42 -0.52 -7.75
C VAL B 26 -1.95 -0.76 -8.13
N VAL B 27 -1.11 -0.96 -7.12
CA VAL B 27 0.31 -1.20 -7.34
C VAL B 27 0.53 -2.51 -8.12
N ALA B 28 -0.22 -3.53 -7.75
CA ALA B 28 -0.11 -4.83 -8.41
C ALA B 28 -0.40 -4.71 -9.90
N LEU B 29 -1.42 -3.93 -10.24
CA LEU B 29 -1.80 -3.73 -11.63
C LEU B 29 -0.71 -2.99 -12.40
N GLY B 30 -0.11 -2.00 -11.74
CA GLY B 30 0.95 -1.23 -12.39
C GLY B 30 2.16 -2.07 -12.72
N ILE B 31 2.63 -2.83 -11.75
CA ILE B 31 3.80 -3.69 -11.94
C ILE B 31 3.56 -4.69 -13.06
N GLY B 32 2.49 -5.47 -12.94
CA GLY B 32 2.17 -6.46 -13.95
C GLY B 32 2.20 -5.88 -15.36
N LEU B 33 1.33 -4.91 -15.60
CA LEU B 33 1.25 -4.27 -16.91
C LEU B 33 2.61 -3.81 -17.37
N PHE B 34 3.45 -3.40 -16.42
CA PHE B 34 4.79 -2.92 -16.73
C PHE B 34 5.63 -4.03 -17.35
N MET B 35 5.54 -5.23 -16.78
CA MET B 35 6.28 -6.37 -17.27
C MET B 35 5.73 -6.85 -18.61
N ARG B 36 4.41 -6.77 -18.76
CA ARG B 36 3.76 -7.20 -19.99
C ARG B 36 4.17 -6.30 -21.16
N ARG B 37 4.36 -5.02 -20.88
CA ARG B 37 4.74 -4.05 -21.90
C ARG B 37 6.22 -3.72 -21.80
N ARG B 38 7.02 -4.71 -21.41
CA ARG B 38 8.46 -4.51 -21.27
C ARG B 38 9.12 -4.31 -22.63
N HIS B 39 8.61 -5.01 -23.64
CA HIS B 39 9.16 -4.91 -24.99
C HIS B 39 9.15 -3.46 -25.46
N ILE B 40 9.77 -3.22 -26.62
CA ILE B 40 9.83 -1.88 -27.18
C ILE B 40 9.77 -1.92 -28.71
N VAL B 41 9.51 -0.77 -29.32
CA VAL B 41 9.42 -0.67 -30.76
C VAL B 41 10.77 -0.94 -31.41
N ARG B 42 10.74 -1.36 -32.67
CA ARG B 42 11.97 -1.66 -33.40
C ARG B 42 12.85 -0.42 -33.50
N LYS B 43 14.14 -0.59 -33.23
CA LYS B 43 15.09 0.52 -33.28
C LYS B 43 16.10 0.31 -34.42
N ARG B 44 16.26 1.34 -35.24
CA ARG B 44 17.20 1.27 -36.36
C ARG B 44 18.64 1.40 -35.88
N GLU A 1 -16.95 30.79 -6.06
CA GLU A 1 -17.90 30.92 -4.95
C GLU A 1 -17.16 31.09 -3.63
N GLY A 2 -16.28 30.14 -3.31
CA GLY A 2 -15.54 30.20 -2.07
C GLY A 2 -16.04 29.22 -1.04
N CYS A 3 -15.14 28.46 -0.44
CA CYS A 3 -15.50 27.48 0.58
C CYS A 3 -14.66 27.64 1.82
N PRO A 4 -15.14 27.10 2.95
CA PRO A 4 -14.44 27.18 4.24
C PRO A 4 -13.17 26.33 4.26
N THR A 5 -12.17 26.80 5.00
CA THR A 5 -10.90 26.08 5.11
C THR A 5 -10.38 26.09 6.54
N ASN A 6 -10.15 24.91 7.09
CA ASN A 6 -9.65 24.79 8.46
C ASN A 6 -8.86 23.50 8.63
N GLY A 7 -7.98 23.47 9.62
CA GLY A 7 -7.17 22.29 9.88
C GLY A 7 -5.87 22.62 10.59
N PRO A 8 -5.96 22.89 11.90
CA PRO A 8 -4.79 23.23 12.71
C PRO A 8 -3.87 22.04 12.93
N LYS A 9 -4.46 20.90 13.28
CA LYS A 9 -3.70 19.68 13.52
C LYS A 9 -3.91 18.68 12.38
N ILE A 10 -2.94 17.78 12.22
CA ILE A 10 -3.02 16.77 11.17
C ILE A 10 -4.31 15.95 11.28
N PRO A 11 -5.00 15.78 10.14
CA PRO A 11 -6.25 15.01 10.09
C PRO A 11 -6.03 13.53 10.31
N SER A 12 -7.13 12.79 10.52
CA SER A 12 -7.05 11.36 10.74
C SER A 12 -6.84 10.60 9.43
N ILE A 13 -7.46 11.12 8.37
CA ILE A 13 -7.35 10.50 7.05
C ILE A 13 -5.87 10.26 6.68
N ALA A 14 -5.01 11.15 7.14
CA ALA A 14 -3.58 11.04 6.87
C ALA A 14 -3.07 9.64 7.22
N THR A 15 -3.70 9.00 8.19
CA THR A 15 -3.30 7.66 8.61
C THR A 15 -3.17 6.73 7.42
N GLY A 16 -3.99 6.95 6.40
CA GLY A 16 -3.95 6.12 5.21
C GLY A 16 -2.69 6.31 4.41
N MET A 17 -2.16 7.53 4.43
CA MET A 17 -0.95 7.86 3.69
C MET A 17 0.27 7.18 4.32
N VAL A 18 0.31 7.16 5.65
CA VAL A 18 1.42 6.53 6.36
C VAL A 18 1.40 5.01 6.19
N GLY A 19 0.29 4.40 6.57
CA GLY A 19 0.16 2.95 6.45
C GLY A 19 0.39 2.47 5.03
N ALA A 20 -0.03 3.28 4.06
CA ALA A 20 0.14 2.92 2.65
C ALA A 20 1.61 2.88 2.27
N LEU A 21 2.34 3.93 2.62
CA LEU A 21 3.76 4.02 2.32
C LEU A 21 4.54 2.90 3.02
N LEU A 22 4.31 2.76 4.32
CA LEU A 22 4.98 1.73 5.10
C LEU A 22 4.79 0.35 4.47
N LEU A 23 3.54 -0.05 4.31
CA LEU A 23 3.22 -1.35 3.71
C LEU A 23 3.80 -1.45 2.30
N LEU A 24 3.67 -0.38 1.54
CA LEU A 24 4.18 -0.34 0.17
C LEU A 24 5.62 -0.84 0.11
N LEU A 25 6.46 -0.31 0.99
CA LEU A 25 7.87 -0.69 1.04
C LEU A 25 8.01 -2.15 1.48
N VAL A 26 7.19 -2.55 2.45
CA VAL A 26 7.23 -3.91 2.97
C VAL A 26 6.91 -4.93 1.87
N VAL A 27 5.87 -4.63 1.09
CA VAL A 27 5.46 -5.51 0.01
C VAL A 27 6.54 -5.62 -1.06
N ALA A 28 7.18 -4.50 -1.37
CA ALA A 28 8.24 -4.46 -2.37
C ALA A 28 9.39 -5.38 -1.97
N LEU A 29 9.74 -5.37 -0.69
CA LEU A 29 10.82 -6.20 -0.19
C LEU A 29 10.47 -7.68 -0.27
N GLY A 30 9.21 -7.99 0.03
CA GLY A 30 8.76 -9.37 -0.02
C GLY A 30 8.82 -9.95 -1.42
N ILE A 31 8.28 -9.21 -2.40
CA ILE A 31 8.27 -9.66 -3.77
C ILE A 31 9.69 -9.87 -4.29
N GLY A 32 10.51 -8.84 -4.20
CA GLY A 32 11.89 -8.94 -4.65
C GLY A 32 12.59 -10.17 -4.12
N LEU A 33 12.71 -10.26 -2.81
CA LEU A 33 13.36 -11.40 -2.17
C LEU A 33 12.78 -12.71 -2.67
N PHE A 34 11.48 -12.71 -2.98
CA PHE A 34 10.81 -13.90 -3.47
C PHE A 34 11.39 -14.33 -4.81
N MET A 35 11.63 -13.37 -5.70
CA MET A 35 12.18 -13.66 -7.01
C MET A 35 13.63 -14.14 -6.90
N ARG A 36 14.40 -13.50 -6.02
CA ARG A 36 15.78 -13.86 -5.82
C ARG A 36 15.90 -15.28 -5.26
N ARG A 37 15.24 -15.52 -4.14
CA ARG A 37 15.26 -16.83 -3.50
C ARG A 37 14.74 -17.91 -4.44
N ARG A 38 13.53 -17.68 -4.98
CA ARG A 38 12.91 -18.63 -5.89
C ARG A 38 13.54 -18.54 -7.28
N HIS A 39 13.07 -19.39 -8.19
CA HIS A 39 13.58 -19.40 -9.55
C HIS A 39 12.48 -19.05 -10.55
N ILE A 40 12.86 -18.88 -11.81
CA ILE A 40 11.91 -18.54 -12.86
C ILE A 40 12.29 -19.19 -14.19
N VAL A 41 11.32 -19.30 -15.08
CA VAL A 41 11.56 -19.91 -16.39
C VAL A 41 10.65 -19.29 -17.45
N ARG A 42 11.17 -19.20 -18.68
CA ARG A 42 10.39 -18.63 -19.78
C ARG A 42 9.23 -19.54 -20.15
N LYS A 43 8.42 -19.08 -21.11
CA LYS A 43 7.27 -19.86 -21.55
C LYS A 43 6.90 -19.50 -22.99
N ARG A 44 6.66 -20.53 -23.81
CA ARG A 44 6.31 -20.33 -25.20
C ARG A 44 5.02 -19.51 -25.33
N GLU B 1 -4.50 -8.54 35.20
CA GLU B 1 -4.78 -7.26 35.83
C GLU B 1 -6.11 -6.69 35.34
N GLY B 2 -6.24 -6.56 34.02
CA GLY B 2 -7.46 -6.03 33.45
C GLY B 2 -7.32 -4.60 32.97
N CYS B 3 -7.76 -4.33 31.75
CA CYS B 3 -7.67 -3.00 31.17
C CYS B 3 -9.02 -2.55 30.62
N PRO B 4 -9.18 -1.23 30.44
CA PRO B 4 -10.42 -0.65 29.91
C PRO B 4 -10.63 -0.97 28.43
N THR B 5 -11.89 -1.12 28.04
CA THR B 5 -12.23 -1.43 26.67
C THR B 5 -13.44 -0.63 26.20
N ASN B 6 -13.28 0.12 25.12
CA ASN B 6 -14.35 0.94 24.58
C ASN B 6 -14.18 1.14 23.07
N GLY B 7 -15.27 1.43 22.38
CA GLY B 7 -15.21 1.66 20.95
C GLY B 7 -16.53 1.37 20.27
N PRO B 8 -17.50 2.29 20.41
CA PRO B 8 -18.82 2.16 19.81
C PRO B 8 -18.79 2.29 18.29
N LYS B 9 -18.09 3.32 17.80
CA LYS B 9 -17.97 3.56 16.38
C LYS B 9 -16.57 3.21 15.87
N ILE B 10 -16.47 2.91 14.58
CA ILE B 10 -15.18 2.57 13.98
C ILE B 10 -14.15 3.67 14.21
N PRO B 11 -12.94 3.26 14.65
CA PRO B 11 -11.84 4.20 14.92
C PRO B 11 -11.29 4.82 13.64
N SER B 12 -10.47 5.85 13.80
CA SER B 12 -9.86 6.54 12.66
C SER B 12 -8.70 5.74 12.09
N ILE B 13 -7.96 5.08 12.98
CA ILE B 13 -6.82 4.27 12.56
C ILE B 13 -7.20 3.30 11.45
N ALA B 14 -8.44 2.82 11.50
CA ALA B 14 -8.94 1.88 10.49
C ALA B 14 -8.67 2.41 9.09
N THR B 15 -8.65 3.72 8.94
CA THR B 15 -8.41 4.35 7.64
C THR B 15 -7.18 3.76 6.96
N GLY B 16 -6.21 3.36 7.77
CA GLY B 16 -4.99 2.79 7.23
C GLY B 16 -5.22 1.41 6.62
N MET B 17 -6.16 0.67 7.18
CA MET B 17 -6.48 -0.67 6.69
C MET B 17 -7.15 -0.60 5.32
N VAL B 18 -8.06 0.36 5.16
CA VAL B 18 -8.78 0.54 3.90
C VAL B 18 -7.84 1.01 2.80
N GLY B 19 -7.18 2.15 3.04
CA GLY B 19 -6.26 2.69 2.06
C GLY B 19 -5.17 1.70 1.66
N ALA B 20 -4.73 0.91 2.62
CA ALA B 20 -3.69 -0.08 2.37
C ALA B 20 -4.18 -1.15 1.40
N LEU B 21 -5.36 -1.70 1.68
CA LEU B 21 -5.94 -2.74 0.83
C LEU B 21 -6.21 -2.20 -0.57
N LEU B 22 -6.89 -1.07 -0.64
CA LEU B 22 -7.21 -0.44 -1.93
C LEU B 22 -5.96 -0.27 -2.78
N LEU B 23 -4.98 0.46 -2.23
CA LEU B 23 -3.73 0.71 -2.94
C LEU B 23 -3.04 -0.61 -3.27
N LEU B 24 -3.03 -1.53 -2.32
CA LEU B 24 -2.39 -2.83 -2.51
C LEU B 24 -2.83 -3.46 -3.83
N LEU B 25 -4.14 -3.48 -4.06
CA LEU B 25 -4.69 -4.05 -5.28
C LEU B 25 -4.29 -3.23 -6.50
N VAL B 26 -4.30 -1.91 -6.34
CA VAL B 26 -3.94 -1.02 -7.43
C VAL B 26 -2.50 -1.25 -7.88
N VAL B 27 -1.59 -1.37 -6.90
CA VAL B 27 -0.18 -1.60 -7.20
C VAL B 27 0.03 -2.94 -7.91
N ALA B 28 -0.70 -3.96 -7.46
CA ALA B 28 -0.59 -5.28 -8.04
C ALA B 28 -0.97 -5.26 -9.53
N LEU B 29 -2.01 -4.50 -9.85
CA LEU B 29 -2.47 -4.40 -11.23
C LEU B 29 -1.44 -3.68 -12.09
N GLY B 30 -0.81 -2.65 -11.53
CA GLY B 30 0.19 -1.90 -12.26
C GLY B 30 1.40 -2.74 -12.60
N ILE B 31 1.94 -3.45 -11.62
CA ILE B 31 3.11 -4.28 -11.82
C ILE B 31 2.82 -5.36 -12.88
N GLY B 32 1.79 -6.15 -12.66
CA GLY B 32 1.44 -7.20 -13.60
C GLY B 32 1.38 -6.69 -15.02
N LEU B 33 0.48 -5.75 -15.28
CA LEU B 33 0.33 -5.19 -16.62
C LEU B 33 1.67 -4.73 -17.17
N PHE B 34 2.53 -4.24 -16.29
CA PHE B 34 3.85 -3.77 -16.69
C PHE B 34 4.68 -4.91 -17.29
N MET B 35 4.64 -6.06 -16.64
CA MET B 35 5.38 -7.24 -17.12
C MET B 35 4.82 -7.74 -18.44
N ARG B 36 3.49 -7.75 -18.55
CA ARG B 36 2.83 -8.21 -19.76
C ARG B 36 3.16 -7.30 -20.94
N ARG B 37 2.89 -6.01 -20.78
CA ARG B 37 3.17 -5.04 -21.84
C ARG B 37 4.66 -5.02 -22.19
N ARG B 38 5.50 -4.85 -21.18
CA ARG B 38 6.94 -4.81 -21.37
C ARG B 38 7.49 -6.21 -21.58
N HIS B 39 8.80 -6.29 -21.81
CA HIS B 39 9.47 -7.58 -22.03
C HIS B 39 10.49 -7.86 -20.93
N ILE B 40 11.04 -9.06 -20.94
CA ILE B 40 12.04 -9.45 -19.95
C ILE B 40 13.08 -10.38 -20.56
N VAL B 41 14.24 -10.48 -19.90
CA VAL B 41 15.31 -11.34 -20.37
C VAL B 41 16.14 -11.87 -19.21
N ARG B 42 16.64 -13.10 -19.35
CA ARG B 42 17.44 -13.72 -18.31
C ARG B 42 18.79 -13.01 -18.15
N LYS B 43 19.58 -13.45 -17.19
CA LYS B 43 20.88 -12.85 -16.93
C LYS B 43 21.83 -13.86 -16.29
N ARG B 44 23.05 -13.93 -16.80
CA ARG B 44 24.06 -14.85 -16.27
C ARG B 44 24.33 -14.56 -14.80
N GLU A 1 -23.27 26.52 1.18
CA GLU A 1 -23.53 26.09 2.55
C GLU A 1 -22.23 25.91 3.32
N GLY A 2 -21.31 25.14 2.74
CA GLY A 2 -20.03 24.90 3.38
C GLY A 2 -19.11 24.03 2.54
N CYS A 3 -17.85 23.93 2.95
CA CYS A 3 -16.87 23.13 2.22
C CYS A 3 -15.76 22.66 3.16
N PRO A 4 -15.04 21.61 2.73
CA PRO A 4 -13.93 21.04 3.52
C PRO A 4 -12.73 21.97 3.59
N THR A 5 -12.09 22.00 4.75
CA THR A 5 -10.92 22.85 4.95
C THR A 5 -9.88 22.16 5.81
N ASN A 6 -8.60 22.47 5.56
CA ASN A 6 -7.50 21.86 6.31
C ASN A 6 -7.19 22.67 7.56
N GLY A 7 -6.34 22.12 8.42
CA GLY A 7 -5.97 22.81 9.65
C GLY A 7 -4.54 22.54 10.05
N PRO A 8 -4.15 23.06 11.22
CA PRO A 8 -2.79 22.88 11.75
C PRO A 8 -2.52 21.45 12.18
N LYS A 9 -3.50 20.84 12.83
CA LYS A 9 -3.36 19.46 13.30
C LYS A 9 -3.70 18.48 12.19
N ILE A 10 -2.79 17.54 11.93
CA ILE A 10 -2.99 16.54 10.89
C ILE A 10 -4.28 15.75 11.13
N PRO A 11 -5.08 15.59 10.07
CA PRO A 11 -6.34 14.85 10.15
C PRO A 11 -6.13 13.35 10.34
N SER A 12 -7.23 12.64 10.61
CA SER A 12 -7.15 11.20 10.82
C SER A 12 -6.93 10.47 9.50
N ILE A 13 -7.52 10.98 8.44
CA ILE A 13 -7.38 10.38 7.11
C ILE A 13 -5.91 10.16 6.76
N ALA A 14 -5.04 11.03 7.27
CA ALA A 14 -3.61 10.93 7.03
C ALA A 14 -3.10 9.53 7.33
N THR A 15 -3.77 8.85 8.27
CA THR A 15 -3.37 7.50 8.65
C THR A 15 -3.22 6.60 7.43
N GLY A 16 -4.01 6.86 6.41
CA GLY A 16 -3.95 6.07 5.18
C GLY A 16 -2.65 6.30 4.43
N MET A 17 -2.13 7.51 4.50
CA MET A 17 -0.89 7.86 3.81
C MET A 17 0.30 7.14 4.44
N VAL A 18 0.33 7.09 5.77
CA VAL A 18 1.41 6.44 6.49
C VAL A 18 1.38 4.93 6.27
N GLY A 19 0.26 4.30 6.62
CA GLY A 19 0.13 2.87 6.45
C GLY A 19 0.38 2.42 5.03
N ALA A 20 -0.02 3.26 4.07
CA ALA A 20 0.16 2.95 2.66
C ALA A 20 1.64 2.89 2.29
N LEU A 21 2.38 3.93 2.70
CA LEU A 21 3.81 4.00 2.41
C LEU A 21 4.56 2.87 3.10
N LEU A 22 4.30 2.68 4.39
CA LEU A 22 4.95 1.62 5.16
C LEU A 22 4.77 0.27 4.48
N LEU A 23 3.52 -0.12 4.27
CA LEU A 23 3.21 -1.40 3.63
C LEU A 23 3.81 -1.46 2.23
N LEU A 24 3.70 -0.36 1.50
CA LEU A 24 4.24 -0.29 0.14
C LEU A 24 5.68 -0.80 0.10
N LEU A 25 6.50 -0.30 1.02
CA LEU A 25 7.91 -0.70 1.09
C LEU A 25 8.03 -2.17 1.49
N VAL A 26 7.18 -2.59 2.42
CA VAL A 26 7.20 -3.97 2.89
C VAL A 26 6.89 -4.95 1.76
N VAL A 27 5.87 -4.61 0.97
CA VAL A 27 5.48 -5.45 -0.15
C VAL A 27 6.59 -5.55 -1.19
N ALA A 28 7.24 -4.42 -1.47
CA ALA A 28 8.32 -4.37 -2.44
C ALA A 28 9.46 -5.32 -2.04
N LEU A 29 9.77 -5.34 -0.75
CA LEU A 29 10.83 -6.19 -0.23
C LEU A 29 10.46 -7.67 -0.36
N GLY A 30 9.19 -7.98 -0.11
CA GLY A 30 8.73 -9.35 -0.22
C GLY A 30 8.82 -9.89 -1.62
N ILE A 31 8.31 -9.13 -2.58
CA ILE A 31 8.34 -9.54 -3.98
C ILE A 31 9.77 -9.76 -4.47
N GLY A 32 10.60 -8.73 -4.33
CA GLY A 32 11.98 -8.83 -4.75
C GLY A 32 12.66 -10.09 -4.23
N LEU A 33 12.74 -10.20 -2.91
CA LEU A 33 13.37 -11.37 -2.28
C LEU A 33 12.79 -12.66 -2.84
N PHE A 34 11.50 -12.64 -3.18
CA PHE A 34 10.83 -13.81 -3.72
C PHE A 34 11.44 -14.22 -5.05
N MET A 35 11.71 -13.23 -5.90
CA MET A 35 12.30 -13.49 -7.21
C MET A 35 13.74 -13.99 -7.08
N ARG A 36 14.46 -13.43 -6.10
CA ARG A 36 15.84 -13.82 -5.87
C ARG A 36 15.93 -15.22 -5.29
N ARG A 37 15.31 -15.42 -4.13
CA ARG A 37 15.31 -16.72 -3.47
C ARG A 37 14.61 -17.77 -4.33
N ARG A 38 13.35 -17.52 -4.64
CA ARG A 38 12.57 -18.44 -5.45
C ARG A 38 12.56 -19.85 -4.83
N HIS A 39 12.52 -19.90 -3.51
CA HIS A 39 12.52 -21.17 -2.80
C HIS A 39 11.09 -21.62 -2.50
N ILE A 40 10.96 -22.84 -1.99
CA ILE A 40 9.64 -23.38 -1.66
C ILE A 40 9.72 -24.27 -0.42
N VAL A 41 8.56 -24.56 0.17
CA VAL A 41 8.49 -25.40 1.35
C VAL A 41 8.63 -26.87 0.99
N ARG A 42 9.16 -27.67 1.92
CA ARG A 42 9.34 -29.09 1.69
C ARG A 42 8.60 -29.91 2.74
N LYS A 43 8.06 -31.05 2.32
CA LYS A 43 7.32 -31.93 3.21
C LYS A 43 7.48 -33.39 2.81
N ARG A 44 7.54 -34.27 3.80
CA ARG A 44 7.70 -35.69 3.55
C ARG A 44 6.64 -36.19 2.56
N GLU B 1 -3.65 6.69 35.93
CA GLU B 1 -4.46 7.81 35.47
C GLU B 1 -5.48 7.35 34.43
N GLY B 2 -5.00 6.65 33.41
CA GLY B 2 -5.87 6.18 32.36
C GLY B 2 -5.13 5.37 31.31
N CYS B 3 -5.89 4.71 30.44
CA CYS B 3 -5.29 3.90 29.38
C CYS B 3 -6.23 3.78 28.18
N PRO B 4 -5.67 3.43 27.02
CA PRO B 4 -6.44 3.28 25.78
C PRO B 4 -7.37 2.07 25.82
N THR B 5 -8.57 2.24 25.26
CA THR B 5 -9.55 1.16 25.24
C THR B 5 -10.33 1.16 23.92
N ASN B 6 -10.75 -0.02 23.48
CA ASN B 6 -11.50 -0.16 22.24
C ASN B 6 -13.00 0.00 22.50
N GLY B 7 -13.76 0.12 21.42
CA GLY B 7 -15.21 0.27 21.55
C GLY B 7 -15.96 -0.38 20.40
N PRO B 8 -17.28 -0.19 20.38
CA PRO B 8 -18.15 -0.76 19.34
C PRO B 8 -17.94 -0.09 17.99
N LYS B 9 -17.77 1.22 18.00
CA LYS B 9 -17.55 1.98 16.78
C LYS B 9 -16.09 1.92 16.34
N ILE B 10 -15.87 1.57 15.08
CA ILE B 10 -14.52 1.47 14.55
C ILE B 10 -13.74 2.77 14.76
N PRO B 11 -12.50 2.64 15.26
CA PRO B 11 -11.64 3.79 15.51
C PRO B 11 -11.17 4.47 14.22
N SER B 12 -10.52 5.63 14.37
CA SER B 12 -10.02 6.37 13.22
C SER B 12 -8.82 5.68 12.61
N ILE B 13 -7.99 5.08 13.46
CA ILE B 13 -6.79 4.39 12.99
C ILE B 13 -7.13 3.39 11.89
N ALA B 14 -8.32 2.81 11.98
CA ALA B 14 -8.76 1.84 10.98
C ALA B 14 -8.59 2.38 9.56
N THR B 15 -8.68 3.71 9.43
CA THR B 15 -8.55 4.35 8.13
C THR B 15 -7.28 3.86 7.41
N GLY B 16 -6.25 3.55 8.18
CA GLY B 16 -5.01 3.08 7.61
C GLY B 16 -5.14 1.70 6.98
N MET B 17 -6.00 0.87 7.57
CA MET B 17 -6.22 -0.48 7.07
C MET B 17 -6.93 -0.45 5.72
N VAL B 18 -7.91 0.43 5.60
CA VAL B 18 -8.67 0.57 4.35
C VAL B 18 -7.80 1.11 3.23
N GLY B 19 -7.23 2.30 3.46
CA GLY B 19 -6.38 2.91 2.46
C GLY B 19 -5.24 2.01 2.03
N ALA B 20 -4.72 1.24 2.97
CA ALA B 20 -3.61 0.33 2.69
C ALA B 20 -4.03 -0.77 1.72
N LEU B 21 -5.17 -1.41 2.01
CA LEU B 21 -5.69 -2.47 1.16
C LEU B 21 -6.03 -1.94 -0.23
N LEU B 22 -6.78 -0.85 -0.27
CA LEU B 22 -7.17 -0.24 -1.54
C LEU B 22 -5.95 0.03 -2.42
N LEU B 23 -5.01 0.80 -1.89
CA LEU B 23 -3.80 1.14 -2.63
C LEU B 23 -3.02 -0.12 -2.99
N LEU B 24 -2.94 -1.05 -2.05
CA LEU B 24 -2.23 -2.30 -2.27
C LEU B 24 -2.66 -2.95 -3.58
N LEU B 25 -3.97 -3.05 -3.79
CA LEU B 25 -4.51 -3.65 -4.99
C LEU B 25 -4.19 -2.80 -6.22
N VAL B 26 -4.29 -1.48 -6.05
CA VAL B 26 -4.00 -0.55 -7.14
C VAL B 26 -2.56 -0.69 -7.61
N VAL B 27 -1.63 -0.77 -6.66
CA VAL B 27 -0.22 -0.90 -6.99
C VAL B 27 0.06 -2.21 -7.73
N ALA B 28 -0.58 -3.29 -7.26
CA ALA B 28 -0.40 -4.59 -7.88
C ALA B 28 -0.81 -4.57 -9.35
N LEU B 29 -1.92 -3.88 -9.63
CA LEU B 29 -2.42 -3.79 -11.00
C LEU B 29 -1.46 -2.99 -11.88
N GLY B 30 -0.89 -1.93 -11.32
CA GLY B 30 0.04 -1.10 -12.05
C GLY B 30 1.29 -1.85 -12.45
N ILE B 31 1.90 -2.54 -11.49
CA ILE B 31 3.12 -3.30 -11.75
C ILE B 31 2.88 -4.37 -12.81
N GLY B 32 1.90 -5.23 -12.57
CA GLY B 32 1.59 -6.28 -13.52
C GLY B 32 1.46 -5.77 -14.94
N LEU B 33 0.49 -4.88 -15.15
CA LEU B 33 0.27 -4.31 -16.47
C LEU B 33 1.55 -3.75 -17.06
N PHE B 34 2.41 -3.24 -16.18
CA PHE B 34 3.69 -2.66 -16.62
C PHE B 34 4.57 -3.73 -17.26
N MET B 35 4.61 -4.90 -16.64
CA MET B 35 5.42 -6.00 -17.14
C MET B 35 4.83 -6.56 -18.43
N ARG B 36 3.50 -6.62 -18.49
CA ARG B 36 2.81 -7.13 -19.68
C ARG B 36 2.95 -6.16 -20.85
N ARG B 37 2.46 -4.95 -20.66
CA ARG B 37 2.52 -3.92 -21.71
C ARG B 37 3.97 -3.59 -22.05
N ARG B 38 4.71 -3.13 -21.03
CA ARG B 38 6.11 -2.76 -21.23
C ARG B 38 6.25 -1.73 -22.34
N HIS B 39 5.29 -0.82 -22.42
CA HIS B 39 5.31 0.23 -23.44
C HIS B 39 5.94 1.50 -22.89
N ILE B 40 6.16 2.47 -23.77
CA ILE B 40 6.76 3.75 -23.38
C ILE B 40 6.17 4.90 -24.17
N VAL B 41 6.38 6.12 -23.69
CA VAL B 41 5.88 7.32 -24.37
C VAL B 41 6.73 7.66 -25.58
N ARG B 42 6.12 8.29 -26.58
CA ARG B 42 6.83 8.68 -27.79
C ARG B 42 6.73 10.18 -28.01
N LYS B 43 7.79 10.77 -28.54
CA LYS B 43 7.83 12.21 -28.82
C LYS B 43 8.69 12.51 -30.04
N ARG B 44 8.27 13.50 -30.82
CA ARG B 44 9.01 13.89 -32.02
C ARG B 44 10.48 14.15 -31.69
N GLU A 1 -25.52 23.86 -5.13
CA GLU A 1 -25.92 24.54 -3.89
C GLU A 1 -24.69 24.90 -3.05
N GLY A 2 -23.75 23.97 -2.98
CA GLY A 2 -22.54 24.21 -2.20
C GLY A 2 -21.56 23.05 -2.28
N CYS A 3 -20.36 23.26 -1.75
CA CYS A 3 -19.34 22.23 -1.77
C CYS A 3 -18.60 22.17 -0.43
N PRO A 4 -17.95 21.03 -0.16
CA PRO A 4 -17.19 20.82 1.07
C PRO A 4 -15.94 21.69 1.15
N THR A 5 -15.19 21.55 2.24
CA THR A 5 -13.96 22.31 2.42
C THR A 5 -13.05 21.65 3.45
N ASN A 6 -11.75 21.93 3.36
CA ASN A 6 -10.78 21.37 4.28
C ASN A 6 -10.32 22.42 5.30
N GLY A 7 -9.61 21.96 6.33
CA GLY A 7 -9.13 22.86 7.36
C GLY A 7 -7.62 22.96 7.38
N PRO A 8 -7.09 23.74 8.33
CA PRO A 8 -5.64 23.93 8.48
C PRO A 8 -4.93 22.68 8.97
N LYS A 9 -5.48 22.07 10.02
CA LYS A 9 -4.89 20.86 10.59
C LYS A 9 -5.24 19.64 9.74
N ILE A 10 -4.43 18.59 9.84
CA ILE A 10 -4.66 17.37 9.09
C ILE A 10 -5.59 16.43 9.84
N PRO A 11 -6.59 15.89 9.12
CA PRO A 11 -7.57 14.97 9.70
C PRO A 11 -6.95 13.61 10.04
N SER A 12 -7.80 12.65 10.40
CA SER A 12 -7.34 11.31 10.76
C SER A 12 -7.17 10.45 9.52
N ILE A 13 -8.03 10.67 8.53
CA ILE A 13 -7.98 9.91 7.29
C ILE A 13 -6.57 9.89 6.71
N ALA A 14 -5.83 10.98 6.93
CA ALA A 14 -4.46 11.09 6.44
C ALA A 14 -3.64 9.87 6.84
N THR A 15 -4.00 9.25 7.96
CA THR A 15 -3.30 8.06 8.44
C THR A 15 -3.11 7.03 7.33
N GLY A 16 -4.07 7.00 6.40
CA GLY A 16 -4.00 6.06 5.30
C GLY A 16 -2.75 6.26 4.45
N MET A 17 -2.31 7.50 4.33
CA MET A 17 -1.13 7.82 3.54
C MET A 17 0.13 7.21 4.18
N VAL A 18 0.24 7.35 5.50
CA VAL A 18 1.39 6.82 6.21
C VAL A 18 1.41 5.30 6.18
N GLY A 19 0.31 4.69 6.62
CA GLY A 19 0.22 3.24 6.62
C GLY A 19 0.42 2.64 5.24
N ALA A 20 -0.02 3.35 4.22
CA ALA A 20 0.12 2.88 2.84
C ALA A 20 1.59 2.83 2.44
N LEU A 21 2.31 3.91 2.68
CA LEU A 21 3.72 3.98 2.33
C LEU A 21 4.51 2.87 3.04
N LEU A 22 4.29 2.74 4.33
CA LEU A 22 4.98 1.73 5.13
C LEU A 22 4.80 0.34 4.51
N LEU A 23 3.54 -0.07 4.35
CA LEU A 23 3.24 -1.37 3.78
C LEU A 23 3.80 -1.49 2.36
N LEU A 24 3.66 -0.41 1.59
CA LEU A 24 4.16 -0.39 0.22
C LEU A 24 5.60 -0.88 0.14
N LEU A 25 6.44 -0.34 1.02
CA LEU A 25 7.85 -0.71 1.07
C LEU A 25 8.01 -2.16 1.52
N VAL A 26 7.20 -2.57 2.49
CA VAL A 26 7.25 -3.92 3.01
C VAL A 26 6.92 -4.94 1.94
N VAL A 27 5.88 -4.66 1.15
CA VAL A 27 5.46 -5.55 0.08
C VAL A 27 6.54 -5.66 -0.99
N ALA A 28 7.16 -4.53 -1.32
CA ALA A 28 8.22 -4.52 -2.33
C ALA A 28 9.38 -5.42 -1.93
N LEU A 29 9.73 -5.39 -0.65
CA LEU A 29 10.83 -6.21 -0.13
C LEU A 29 10.47 -7.70 -0.21
N GLY A 30 9.22 -8.01 0.11
CA GLY A 30 8.77 -9.40 0.08
C GLY A 30 8.83 -9.99 -1.32
N ILE A 31 8.28 -9.27 -2.28
CA ILE A 31 8.27 -9.73 -3.67
C ILE A 31 9.68 -9.95 -4.19
N GLY A 32 10.50 -8.91 -4.12
CA GLY A 32 11.87 -9.01 -4.58
C GLY A 32 12.58 -10.22 -4.04
N LEU A 33 12.71 -10.29 -2.72
CA LEU A 33 13.38 -11.42 -2.07
C LEU A 33 12.80 -12.75 -2.56
N PHE A 34 11.50 -12.75 -2.85
CA PHE A 34 10.83 -13.95 -3.33
C PHE A 34 11.40 -14.40 -4.66
N MET A 35 11.63 -13.45 -5.56
CA MET A 35 12.18 -13.75 -6.88
C MET A 35 13.62 -14.25 -6.77
N ARG A 36 14.43 -13.52 -6.01
CA ARG A 36 15.83 -13.88 -5.83
C ARG A 36 15.96 -15.29 -5.26
N ARG A 37 15.04 -15.65 -4.36
CA ARG A 37 15.05 -16.97 -3.74
C ARG A 37 14.88 -18.06 -4.79
N ARG A 38 13.85 -17.90 -5.64
CA ARG A 38 13.58 -18.88 -6.68
C ARG A 38 13.63 -18.22 -8.05
N HIS A 39 14.64 -18.58 -8.83
CA HIS A 39 14.81 -18.03 -10.18
C HIS A 39 13.74 -18.57 -11.12
N ILE A 40 13.69 -18.02 -12.33
CA ILE A 40 12.73 -18.45 -13.33
C ILE A 40 12.87 -17.65 -14.62
N VAL A 41 12.88 -18.34 -15.74
CA VAL A 41 13.01 -17.69 -17.04
C VAL A 41 11.69 -17.74 -17.81
N ARG A 42 11.66 -17.09 -18.98
CA ARG A 42 10.47 -17.06 -19.80
C ARG A 42 10.55 -18.10 -20.91
N LYS A 43 9.43 -18.32 -21.60
CA LYS A 43 9.37 -19.28 -22.69
C LYS A 43 8.62 -18.72 -23.88
N ARG A 44 9.07 -19.07 -25.09
CA ARG A 44 8.43 -18.59 -26.30
C ARG A 44 6.93 -18.87 -26.28
N GLU B 1 2.61 -8.93 34.52
CA GLU B 1 1.74 -8.12 35.37
C GLU B 1 0.39 -7.89 34.69
N GLY B 2 0.42 -7.62 33.40
CA GLY B 2 -0.80 -7.38 32.65
C GLY B 2 -0.56 -7.12 31.18
N CYS B 3 -1.63 -7.08 30.39
CA CYS B 3 -1.52 -6.84 28.96
C CYS B 3 -2.60 -5.88 28.49
N PRO B 4 -2.37 -5.27 27.31
CA PRO B 4 -3.32 -4.33 26.72
C PRO B 4 -4.60 -5.00 26.24
N THR B 5 -5.51 -4.21 25.67
CA THR B 5 -6.78 -4.73 25.17
C THR B 5 -7.40 -3.78 24.17
N ASN B 6 -8.25 -4.31 23.29
CA ASN B 6 -8.92 -3.51 22.28
C ASN B 6 -10.38 -3.27 22.65
N GLY B 7 -11.05 -2.39 21.90
CA GLY B 7 -12.44 -2.10 22.17
C GLY B 7 -13.36 -2.61 21.07
N PRO B 8 -14.67 -2.38 21.25
CA PRO B 8 -15.68 -2.82 20.28
C PRO B 8 -15.62 -2.02 18.98
N LYS B 9 -15.57 -0.70 19.11
CA LYS B 9 -15.50 0.18 17.94
C LYS B 9 -14.09 0.23 17.38
N ILE B 10 -13.98 0.50 16.08
CA ILE B 10 -12.69 0.59 15.42
C ILE B 10 -12.13 2.00 15.47
N PRO B 11 -10.84 2.12 15.84
CA PRO B 11 -10.16 3.40 15.94
C PRO B 11 -9.92 4.04 14.58
N SER B 12 -9.16 5.13 14.56
CA SER B 12 -8.86 5.84 13.33
C SER B 12 -7.65 5.22 12.62
N ILE B 13 -6.68 4.77 13.42
CA ILE B 13 -5.47 4.16 12.88
C ILE B 13 -5.81 3.07 11.89
N ALA B 14 -6.92 2.38 12.11
CA ALA B 14 -7.37 1.31 11.22
C ALA B 14 -7.39 1.78 9.77
N THR B 15 -7.60 3.08 9.57
CA THR B 15 -7.65 3.64 8.23
C THR B 15 -6.46 3.19 7.39
N GLY B 16 -5.32 2.98 8.06
CA GLY B 16 -4.12 2.55 7.36
C GLY B 16 -4.32 1.22 6.66
N MET B 17 -5.13 0.35 7.24
CA MET B 17 -5.39 -0.96 6.66
C MET B 17 -6.18 -0.83 5.36
N VAL B 18 -7.21 0.01 5.37
CA VAL B 18 -8.04 0.22 4.20
C VAL B 18 -7.26 0.92 3.10
N GLY B 19 -6.68 2.07 3.44
CA GLY B 19 -5.92 2.83 2.46
C GLY B 19 -4.77 2.03 1.87
N ALA B 20 -4.20 1.15 2.68
CA ALA B 20 -3.09 0.32 2.23
C ALA B 20 -3.54 -0.68 1.16
N LEU B 21 -4.62 -1.40 1.45
CA LEU B 21 -5.16 -2.38 0.52
C LEU B 21 -5.53 -1.72 -0.80
N LEU B 22 -6.27 -0.63 -0.73
CA LEU B 22 -6.70 0.10 -1.91
C LEU B 22 -5.50 0.44 -2.80
N LEU B 23 -4.54 1.17 -2.23
CA LEU B 23 -3.34 1.56 -2.97
C LEU B 23 -2.58 0.34 -3.46
N LEU B 24 -2.48 -0.68 -2.61
CA LEU B 24 -1.79 -1.91 -2.97
C LEU B 24 -2.25 -2.43 -4.31
N LEU B 25 -3.57 -2.50 -4.49
CA LEU B 25 -4.15 -2.99 -5.74
C LEU B 25 -3.85 -2.02 -6.89
N VAL B 26 -3.93 -0.72 -6.60
CA VAL B 26 -3.66 0.31 -7.60
C VAL B 26 -2.24 0.21 -8.12
N VAL B 27 -1.29 0.04 -7.21
CA VAL B 27 0.12 -0.07 -7.59
C VAL B 27 0.36 -1.32 -8.44
N ALA B 28 -0.26 -2.42 -8.06
CA ALA B 28 -0.12 -3.67 -8.79
C ALA B 28 -0.57 -3.51 -10.24
N LEU B 29 -1.66 -2.80 -10.44
CA LEU B 29 -2.20 -2.58 -11.79
C LEU B 29 -1.25 -1.71 -12.61
N GLY B 30 -0.67 -0.70 -11.97
CA GLY B 30 0.25 0.19 -12.65
C GLY B 30 1.49 -0.53 -13.15
N ILE B 31 2.11 -1.30 -12.26
CA ILE B 31 3.32 -2.05 -12.61
C ILE B 31 3.05 -3.01 -13.77
N GLY B 32 2.08 -3.89 -13.58
CA GLY B 32 1.74 -4.86 -14.61
C GLY B 32 1.58 -4.21 -15.97
N LEU B 33 0.61 -3.31 -16.09
CA LEU B 33 0.36 -2.62 -17.35
C LEU B 33 1.64 -2.01 -17.90
N PHE B 34 2.52 -1.58 -17.01
CA PHE B 34 3.79 -0.98 -17.42
C PHE B 34 4.65 -1.99 -18.17
N MET B 35 4.70 -3.21 -17.65
CA MET B 35 5.49 -4.27 -18.28
C MET B 35 4.91 -4.65 -19.64
N ARG B 36 3.60 -4.86 -19.68
CA ARG B 36 2.92 -5.24 -20.92
C ARG B 36 3.19 -4.20 -22.01
N ARG B 37 3.27 -2.93 -21.62
CA ARG B 37 3.52 -1.86 -22.58
C ARG B 37 4.86 -2.06 -23.29
N ARG B 38 5.90 -2.30 -22.50
CA ARG B 38 7.24 -2.51 -23.05
C ARG B 38 7.77 -3.88 -22.67
N HIS B 39 7.89 -4.77 -23.66
CA HIS B 39 8.39 -6.12 -23.42
C HIS B 39 9.89 -6.09 -23.11
N ILE B 40 10.42 -7.25 -22.71
CA ILE B 40 11.83 -7.37 -22.39
C ILE B 40 12.19 -8.78 -21.95
N VAL B 41 13.27 -9.31 -22.50
CA VAL B 41 13.72 -10.65 -22.17
C VAL B 41 14.98 -10.62 -21.31
N ARG B 42 15.40 -11.79 -20.83
CA ARG B 42 16.59 -11.89 -20.00
C ARG B 42 17.79 -12.33 -20.82
N LYS B 43 18.98 -12.25 -20.21
CA LYS B 43 20.21 -12.64 -20.89
C LYS B 43 21.09 -13.47 -19.97
N ARG B 44 21.77 -14.46 -20.55
CA ARG B 44 22.65 -15.34 -19.78
C ARG B 44 23.64 -14.52 -18.95
N GLU A 1 -13.05 34.02 -4.46
CA GLU A 1 -14.48 33.71 -4.39
C GLU A 1 -14.70 32.32 -3.80
N GLY A 2 -14.04 31.32 -4.38
CA GLY A 2 -14.18 29.96 -3.91
C GLY A 2 -12.85 29.23 -3.83
N CYS A 3 -12.45 28.83 -2.63
CA CYS A 3 -11.19 28.12 -2.44
C CYS A 3 -11.35 26.99 -1.43
N PRO A 4 -10.42 26.02 -1.47
CA PRO A 4 -10.44 24.87 -0.57
C PRO A 4 -10.14 25.26 0.87
N THR A 5 -10.09 24.25 1.75
CA THR A 5 -9.82 24.48 3.16
C THR A 5 -8.68 23.59 3.65
N ASN A 6 -7.91 24.10 4.60
CA ASN A 6 -6.79 23.34 5.17
C ASN A 6 -6.51 23.77 6.61
N GLY A 7 -6.02 22.84 7.40
CA GLY A 7 -5.71 23.13 8.80
C GLY A 7 -4.23 23.14 9.07
N PRO A 8 -3.85 23.67 10.25
CA PRO A 8 -2.44 23.75 10.66
C PRO A 8 -1.85 22.38 10.97
N LYS A 9 -2.61 21.57 11.71
CA LYS A 9 -2.17 20.23 12.07
C LYS A 9 -2.58 19.21 11.02
N ILE A 10 -2.25 17.94 11.27
CA ILE A 10 -2.60 16.86 10.36
C ILE A 10 -3.86 16.14 10.80
N PRO A 11 -4.79 15.92 9.85
CA PRO A 11 -6.06 15.23 10.14
C PRO A 11 -5.85 13.74 10.42
N SER A 12 -6.95 13.01 10.51
CA SER A 12 -6.90 11.57 10.78
C SER A 12 -6.73 10.78 9.48
N ILE A 13 -7.35 11.26 8.42
CA ILE A 13 -7.28 10.60 7.12
C ILE A 13 -5.82 10.34 6.73
N ALA A 14 -4.93 11.22 7.16
CA ALA A 14 -3.51 11.08 6.86
C ALA A 14 -3.01 9.69 7.22
N THR A 15 -3.63 9.08 8.22
CA THR A 15 -3.25 7.74 8.66
C THR A 15 -3.14 6.78 7.48
N GLY A 16 -3.99 7.00 6.47
CA GLY A 16 -3.97 6.14 5.30
C GLY A 16 -2.72 6.32 4.46
N MET A 17 -2.19 7.54 4.44
CA MET A 17 -0.99 7.84 3.68
C MET A 17 0.23 7.15 4.30
N VAL A 18 0.30 7.16 5.62
CA VAL A 18 1.41 6.54 6.33
C VAL A 18 1.40 5.03 6.17
N GLY A 19 0.28 4.41 6.56
CA GLY A 19 0.15 2.97 6.44
C GLY A 19 0.40 2.47 5.03
N ALA A 20 -0.05 3.25 4.04
CA ALA A 20 0.12 2.88 2.65
C ALA A 20 1.60 2.84 2.27
N LEU A 21 2.32 3.90 2.62
CA LEU A 21 3.76 3.98 2.31
C LEU A 21 4.52 2.87 3.02
N LEU A 22 4.29 2.72 4.31
CA LEU A 22 4.97 1.69 5.10
C LEU A 22 4.78 0.31 4.46
N LEU A 23 3.53 -0.09 4.29
CA LEU A 23 3.22 -1.38 3.68
C LEU A 23 3.80 -1.48 2.27
N LEU A 24 3.68 -0.40 1.52
CA LEU A 24 4.19 -0.37 0.15
C LEU A 24 5.64 -0.85 0.10
N LEU A 25 6.46 -0.32 0.99
CA LEU A 25 7.87 -0.72 1.04
C LEU A 25 8.02 -2.17 1.48
N VAL A 26 7.19 -2.58 2.44
CA VAL A 26 7.23 -3.94 2.95
C VAL A 26 6.91 -4.95 1.85
N VAL A 27 5.88 -4.65 1.06
CA VAL A 27 5.47 -5.53 -0.03
C VAL A 27 6.57 -5.64 -1.09
N ALA A 28 7.19 -4.52 -1.40
CA ALA A 28 8.26 -4.48 -2.39
C ALA A 28 9.41 -5.40 -1.97
N LEU A 29 9.75 -5.39 -0.70
CA LEU A 29 10.84 -6.22 -0.18
C LEU A 29 10.47 -7.69 -0.27
N GLY A 30 9.21 -8.00 0.01
CA GLY A 30 8.75 -9.37 -0.05
C GLY A 30 8.81 -9.96 -1.44
N ILE A 31 8.29 -9.22 -2.41
CA ILE A 31 8.28 -9.67 -3.80
C ILE A 31 9.71 -9.88 -4.31
N GLY A 32 10.51 -8.82 -4.26
CA GLY A 32 11.89 -8.92 -4.72
C GLY A 32 12.62 -10.11 -4.14
N LEU A 33 12.63 -10.21 -2.82
CA LEU A 33 13.30 -11.31 -2.14
C LEU A 33 12.75 -12.65 -2.61
N PHE A 34 11.46 -12.67 -2.96
CA PHE A 34 10.82 -13.89 -3.44
C PHE A 34 11.43 -14.35 -4.76
N MET A 35 11.66 -13.39 -5.67
CA MET A 35 12.24 -13.70 -6.96
C MET A 35 13.68 -14.16 -6.82
N ARG A 36 14.43 -13.50 -5.95
CA ARG A 36 15.83 -13.85 -5.73
C ARG A 36 15.96 -15.23 -5.11
N ARG A 37 15.13 -15.50 -4.09
CA ARG A 37 15.15 -16.78 -3.41
C ARG A 37 14.85 -17.92 -4.38
N ARG A 38 13.74 -17.79 -5.10
CA ARG A 38 13.33 -18.80 -6.07
C ARG A 38 12.74 -18.16 -7.32
N HIS A 39 12.86 -18.85 -8.45
CA HIS A 39 12.33 -18.35 -9.71
C HIS A 39 11.18 -19.23 -10.20
N ILE A 40 10.51 -18.78 -11.26
CA ILE A 40 9.39 -19.52 -11.82
C ILE A 40 9.35 -19.37 -13.35
N VAL A 41 8.98 -20.45 -14.03
CA VAL A 41 8.90 -20.43 -15.49
C VAL A 41 7.53 -20.91 -15.96
N ARG A 42 7.20 -20.61 -17.20
CA ARG A 42 5.93 -21.01 -17.78
C ARG A 42 6.09 -22.24 -18.66
N LYS A 43 5.21 -23.22 -18.49
CA LYS A 43 5.25 -24.45 -19.26
C LYS A 43 4.06 -24.55 -20.21
N ARG A 44 4.30 -25.04 -21.42
CA ARG A 44 3.25 -25.18 -22.41
C ARG A 44 2.22 -26.21 -21.96
N GLU B 1 -11.02 -11.51 33.64
CA GLU B 1 -10.15 -10.64 34.43
C GLU B 1 -9.56 -9.54 33.56
N GLY B 2 -8.95 -9.92 32.45
CA GLY B 2 -8.35 -8.95 31.55
C GLY B 2 -8.64 -9.25 30.09
N CYS B 3 -9.34 -8.34 29.42
CA CYS B 3 -9.68 -8.53 28.01
C CYS B 3 -9.51 -7.23 27.24
N PRO B 4 -9.40 -7.34 25.91
CA PRO B 4 -9.23 -6.17 25.03
C PRO B 4 -10.49 -5.32 24.96
N THR B 5 -10.43 -4.26 24.15
CA THR B 5 -11.57 -3.37 23.99
C THR B 5 -11.90 -3.17 22.51
N ASN B 6 -13.18 -2.96 22.22
CA ASN B 6 -13.63 -2.75 20.85
C ASN B 6 -14.89 -1.88 20.81
N GLY B 7 -15.04 -1.13 19.73
CA GLY B 7 -16.21 -0.27 19.59
C GLY B 7 -17.17 -0.75 18.52
N PRO B 8 -18.39 -0.20 18.52
CA PRO B 8 -19.41 -0.56 17.55
C PRO B 8 -19.09 -0.08 16.13
N LYS B 9 -18.63 1.17 16.04
CA LYS B 9 -18.28 1.76 14.76
C LYS B 9 -16.81 1.51 14.43
N ILE B 10 -16.38 2.03 13.29
CA ILE B 10 -14.99 1.87 12.86
C ILE B 10 -14.16 3.10 13.19
N PRO B 11 -12.97 2.89 13.78
CA PRO B 11 -12.07 3.97 14.16
C PRO B 11 -11.45 4.66 12.95
N SER B 12 -10.47 5.53 13.19
CA SER B 12 -9.80 6.26 12.12
C SER B 12 -8.64 5.45 11.56
N ILE B 13 -7.96 4.72 12.44
CA ILE B 13 -6.82 3.90 12.03
C ILE B 13 -7.19 3.00 10.85
N ALA B 14 -8.45 2.58 10.81
CA ALA B 14 -8.93 1.72 9.73
C ALA B 14 -8.56 2.29 8.37
N THR B 15 -8.45 3.61 8.29
CA THR B 15 -8.10 4.27 7.04
C THR B 15 -6.87 3.64 6.40
N GLY B 16 -5.96 3.14 7.24
CA GLY B 16 -4.76 2.51 6.74
C GLY B 16 -5.03 1.19 6.05
N MET B 17 -6.05 0.48 6.52
CA MET B 17 -6.42 -0.81 5.94
C MET B 17 -7.02 -0.63 4.55
N VAL B 18 -7.88 0.39 4.41
CA VAL B 18 -8.52 0.66 3.14
C VAL B 18 -7.52 1.16 2.11
N GLY B 19 -6.81 2.23 2.44
CA GLY B 19 -5.83 2.79 1.53
C GLY B 19 -4.77 1.78 1.13
N ALA B 20 -4.40 0.90 2.07
CA ALA B 20 -3.40 -0.12 1.80
C ALA B 20 -3.89 -1.12 0.75
N LEU B 21 -5.12 -1.61 0.94
CA LEU B 21 -5.70 -2.56 0.00
C LEU B 21 -5.88 -1.94 -1.38
N LEU B 22 -6.49 -0.76 -1.41
CA LEU B 22 -6.73 -0.06 -2.67
C LEU B 22 -5.43 0.11 -3.45
N LEU B 23 -4.45 0.75 -2.82
CA LEU B 23 -3.16 0.97 -3.46
C LEU B 23 -2.49 -0.35 -3.84
N LEU B 24 -2.59 -1.33 -2.94
CA LEU B 24 -2.01 -2.64 -3.18
C LEU B 24 -2.41 -3.18 -4.55
N LEU B 25 -3.71 -3.11 -4.84
CA LEU B 25 -4.23 -3.59 -6.12
C LEU B 25 -3.73 -2.72 -7.26
N VAL B 26 -3.68 -1.42 -7.03
CA VAL B 26 -3.22 -0.47 -8.05
C VAL B 26 -1.77 -0.76 -8.44
N VAL B 27 -0.93 -0.99 -7.44
CA VAL B 27 0.48 -1.27 -7.67
C VAL B 27 0.66 -2.56 -8.45
N ALA B 28 -0.12 -3.58 -8.10
CA ALA B 28 -0.06 -4.87 -8.77
C ALA B 28 -0.35 -4.73 -10.26
N LEU B 29 -1.35 -3.91 -10.58
CA LEU B 29 -1.74 -3.69 -11.98
C LEU B 29 -0.64 -2.97 -12.73
N GLY B 30 0.01 -2.02 -12.06
CA GLY B 30 1.08 -1.27 -12.71
C GLY B 30 2.27 -2.14 -13.05
N ILE B 31 2.73 -2.94 -12.09
CA ILE B 31 3.86 -3.81 -12.31
C ILE B 31 3.59 -4.81 -13.44
N GLY B 32 2.53 -5.60 -13.26
CA GLY B 32 2.17 -6.58 -14.28
C GLY B 32 2.13 -5.99 -15.67
N LEU B 33 1.35 -4.93 -15.85
CA LEU B 33 1.23 -4.27 -17.14
C LEU B 33 2.59 -3.81 -17.65
N PHE B 34 3.48 -3.47 -16.72
CA PHE B 34 4.82 -3.01 -17.08
C PHE B 34 5.62 -4.14 -17.73
N MET B 35 5.50 -5.34 -17.17
CA MET B 35 6.22 -6.49 -17.71
C MET B 35 5.67 -6.89 -19.07
N ARG B 36 4.35 -6.85 -19.21
CA ARG B 36 3.71 -7.20 -20.46
C ARG B 36 4.07 -6.21 -21.57
N ARG B 37 4.02 -4.93 -21.25
CA ARG B 37 4.34 -3.89 -22.21
C ARG B 37 5.78 -4.02 -22.70
N ARG B 38 6.71 -4.11 -21.76
CA ARG B 38 8.12 -4.25 -22.09
C ARG B 38 8.82 -5.19 -21.12
N HIS B 39 9.88 -5.85 -21.60
CA HIS B 39 10.64 -6.78 -20.77
C HIS B 39 12.05 -6.25 -20.51
N ILE B 40 12.77 -6.94 -19.64
CA ILE B 40 14.14 -6.55 -19.31
C ILE B 40 15.02 -7.77 -19.05
N VAL B 41 16.28 -7.68 -19.48
CA VAL B 41 17.21 -8.78 -19.30
C VAL B 41 18.50 -8.30 -18.63
N ARG B 42 19.26 -9.23 -18.07
CA ARG B 42 20.50 -8.90 -17.39
C ARG B 42 21.71 -9.16 -18.29
N LYS B 43 22.62 -8.21 -18.36
CA LYS B 43 23.81 -8.34 -19.18
C LYS B 43 25.06 -8.46 -18.32
N ARG B 44 25.98 -9.32 -18.73
CA ARG B 44 27.22 -9.53 -17.99
C ARG B 44 28.08 -8.27 -18.02
N GLU A 1 -5.30 35.38 12.81
CA GLU A 1 -6.07 36.53 13.31
C GLU A 1 -7.56 36.21 13.30
N GLY A 2 -8.06 35.76 12.16
CA GLY A 2 -9.47 35.45 12.04
C GLY A 2 -9.71 34.13 11.32
N CYS A 3 -10.09 33.10 12.08
CA CYS A 3 -10.35 31.79 11.51
C CYS A 3 -11.45 31.07 12.27
N PRO A 4 -12.11 30.12 11.60
CA PRO A 4 -13.21 29.34 12.19
C PRO A 4 -12.72 28.38 13.28
N THR A 5 -11.63 27.67 12.98
CA THR A 5 -11.06 26.72 13.92
C THR A 5 -9.54 26.73 13.86
N ASN A 6 -8.90 26.51 15.02
CA ASN A 6 -7.45 26.50 15.11
C ASN A 6 -6.94 25.14 15.56
N GLY A 7 -5.75 24.77 15.08
CA GLY A 7 -5.18 23.49 15.46
C GLY A 7 -4.34 22.88 14.35
N PRO A 8 -3.13 23.42 14.15
CA PRO A 8 -2.21 22.96 13.12
C PRO A 8 -1.65 21.57 13.43
N LYS A 9 -2.44 20.54 13.17
CA LYS A 9 -2.03 19.17 13.42
C LYS A 9 -2.47 18.24 12.29
N ILE A 10 -1.81 17.09 12.19
CA ILE A 10 -2.14 16.12 11.14
C ILE A 10 -3.51 15.50 11.39
N PRO A 11 -4.34 15.44 10.33
CA PRO A 11 -5.68 14.86 10.40
C PRO A 11 -5.65 13.34 10.60
N SER A 12 -6.83 12.76 10.77
CA SER A 12 -6.95 11.32 10.97
C SER A 12 -6.81 10.57 9.64
N ILE A 13 -7.34 11.17 8.58
CA ILE A 13 -7.29 10.57 7.25
C ILE A 13 -5.84 10.32 6.83
N ALA A 14 -4.94 11.19 7.27
CA ALA A 14 -3.52 11.06 6.94
C ALA A 14 -3.01 9.66 7.26
N THR A 15 -3.62 9.02 8.25
CA THR A 15 -3.24 7.67 8.65
C THR A 15 -3.14 6.75 7.45
N GLY A 16 -3.98 6.99 6.45
CA GLY A 16 -3.98 6.17 5.25
C GLY A 16 -2.72 6.37 4.41
N MET A 17 -2.21 7.59 4.41
CA MET A 17 -1.00 7.91 3.65
C MET A 17 0.23 7.24 4.27
N VAL A 18 0.31 7.26 5.60
CA VAL A 18 1.43 6.66 6.30
C VAL A 18 1.41 5.14 6.16
N GLY A 19 0.31 4.52 6.55
CA GLY A 19 0.19 3.08 6.46
C GLY A 19 0.41 2.56 5.04
N ALA A 20 -0.06 3.33 4.07
CA ALA A 20 0.09 2.95 2.66
C ALA A 20 1.56 2.92 2.26
N LEU A 21 2.29 3.98 2.59
CA LEU A 21 3.71 4.07 2.27
C LEU A 21 4.51 2.98 2.97
N LEU A 22 4.30 2.87 4.28
CA LEU A 22 5.00 1.85 5.07
C LEU A 22 4.81 0.47 4.47
N LEU A 23 3.56 0.06 4.34
CA LEU A 23 3.23 -1.25 3.77
C LEU A 23 3.78 -1.39 2.36
N LEU A 24 3.63 -0.33 1.57
CA LEU A 24 4.11 -0.32 0.20
C LEU A 24 5.56 -0.81 0.12
N LEU A 25 6.41 -0.26 0.97
CA LEU A 25 7.81 -0.65 1.01
C LEU A 25 7.98 -2.09 1.48
N VAL A 26 7.18 -2.47 2.46
CA VAL A 26 7.23 -3.83 3.01
C VAL A 26 6.89 -4.86 1.95
N VAL A 27 5.84 -4.59 1.18
CA VAL A 27 5.41 -5.49 0.12
C VAL A 27 6.48 -5.62 -0.96
N ALA A 28 7.10 -4.49 -1.31
CA ALA A 28 8.15 -4.48 -2.33
C ALA A 28 9.31 -5.38 -1.94
N LEU A 29 9.67 -5.34 -0.66
CA LEU A 29 10.77 -6.16 -0.15
C LEU A 29 10.42 -7.64 -0.20
N GLY A 30 9.17 -7.95 0.12
CA GLY A 30 8.73 -9.34 0.11
C GLY A 30 8.77 -9.95 -1.28
N ILE A 31 8.20 -9.23 -2.25
CA ILE A 31 8.18 -9.71 -3.63
C ILE A 31 9.59 -9.93 -4.15
N GLY A 32 10.41 -8.89 -4.10
CA GLY A 32 11.77 -8.99 -4.59
C GLY A 32 12.49 -10.20 -4.03
N LEU A 33 12.63 -10.27 -2.71
CA LEU A 33 13.30 -11.39 -2.07
C LEU A 33 12.71 -12.71 -2.53
N PHE A 34 11.42 -12.73 -2.81
CA PHE A 34 10.74 -13.93 -3.26
C PHE A 34 11.30 -14.39 -4.60
N MET A 35 11.52 -13.45 -5.51
CA MET A 35 12.06 -13.76 -6.83
C MET A 35 13.50 -14.23 -6.73
N ARG A 36 14.26 -13.63 -5.82
CA ARG A 36 15.65 -13.99 -5.61
C ARG A 36 15.79 -15.43 -5.13
N ARG A 37 14.87 -15.84 -4.27
CA ARG A 37 14.89 -17.20 -3.73
C ARG A 37 14.95 -18.23 -4.85
N ARG A 38 14.14 -18.03 -5.88
CA ARG A 38 14.10 -18.94 -7.02
C ARG A 38 15.14 -18.54 -8.07
N HIS A 39 15.40 -19.44 -9.01
CA HIS A 39 16.36 -19.19 -10.07
C HIS A 39 15.82 -19.67 -11.42
N ILE A 40 16.56 -19.34 -12.48
CA ILE A 40 16.16 -19.74 -13.83
C ILE A 40 17.37 -20.05 -14.69
N VAL A 41 17.13 -20.72 -15.83
CA VAL A 41 18.21 -21.07 -16.74
C VAL A 41 18.01 -20.42 -18.10
N ARG A 42 19.07 -20.39 -18.90
CA ARG A 42 19.02 -19.78 -20.23
C ARG A 42 17.93 -20.44 -21.07
N LYS A 43 18.01 -21.76 -21.21
CA LYS A 43 17.03 -22.52 -21.99
C LYS A 43 16.22 -23.45 -21.09
N ARG A 44 14.90 -23.39 -21.23
CA ARG A 44 14.01 -24.24 -20.44
C ARG A 44 14.19 -23.96 -18.95
N GLU B 1 -25.15 -2.27 29.08
CA GLU B 1 -25.73 -1.93 30.38
C GLU B 1 -24.78 -1.00 31.15
N GLY B 2 -23.53 -1.42 31.28
CA GLY B 2 -22.55 -0.61 31.99
C GLY B 2 -21.23 -0.52 31.24
N CYS B 3 -20.96 0.65 30.66
CA CYS B 3 -19.73 0.87 29.92
C CYS B 3 -19.26 2.31 30.06
N PRO B 4 -17.96 2.53 29.86
CA PRO B 4 -17.35 3.87 29.95
C PRO B 4 -17.78 4.78 28.82
N THR B 5 -17.75 4.25 27.59
CA THR B 5 -18.13 5.02 26.42
C THR B 5 -18.89 4.16 25.42
N ASN B 6 -19.86 4.77 24.73
CA ASN B 6 -20.65 4.05 23.75
C ASN B 6 -20.47 4.65 22.36
N GLY B 7 -20.57 3.81 21.34
CA GLY B 7 -20.42 4.28 19.97
C GLY B 7 -19.80 3.24 19.07
N PRO B 8 -20.58 2.23 18.69
CA PRO B 8 -20.11 1.14 17.81
C PRO B 8 -19.87 1.62 16.39
N LYS B 9 -18.72 2.25 16.17
CA LYS B 9 -18.36 2.75 14.85
C LYS B 9 -16.88 2.50 14.55
N ILE B 10 -16.53 2.54 13.27
CA ILE B 10 -15.15 2.31 12.86
C ILE B 10 -14.25 3.46 13.30
N PRO B 11 -13.09 3.12 13.88
CA PRO B 11 -12.12 4.12 14.36
C PRO B 11 -11.43 4.85 13.21
N SER B 12 -10.60 5.83 13.55
CA SER B 12 -9.89 6.60 12.54
C SER B 12 -8.69 5.83 12.00
N ILE B 13 -8.05 5.06 12.88
CA ILE B 13 -6.88 4.27 12.49
C ILE B 13 -7.24 3.29 11.38
N ALA B 14 -8.48 2.81 11.39
CA ALA B 14 -8.94 1.87 10.37
C ALA B 14 -8.66 2.40 8.97
N THR B 15 -8.63 3.73 8.83
CA THR B 15 -8.37 4.36 7.55
C THR B 15 -7.14 3.75 6.88
N GLY B 16 -6.17 3.34 7.69
CA GLY B 16 -4.95 2.76 7.16
C GLY B 16 -5.20 1.39 6.53
N MET B 17 -6.14 0.64 7.10
CA MET B 17 -6.46 -0.69 6.58
C MET B 17 -7.15 -0.60 5.23
N VAL B 18 -8.08 0.36 5.11
CA VAL B 18 -8.83 0.55 3.87
C VAL B 18 -7.92 1.06 2.77
N GLY B 19 -7.26 2.19 3.02
CA GLY B 19 -6.37 2.76 2.02
C GLY B 19 -5.29 1.79 1.58
N ALA B 20 -4.79 0.99 2.53
CA ALA B 20 -3.76 0.01 2.23
C ALA B 20 -4.26 -1.04 1.25
N LEU B 21 -5.43 -1.60 1.54
CA LEU B 21 -6.01 -2.62 0.67
C LEU B 21 -6.32 -2.06 -0.71
N LEU B 22 -7.01 -0.93 -0.74
CA LEU B 22 -7.37 -0.29 -2.00
C LEU B 22 -6.14 -0.08 -2.88
N LEU B 23 -5.16 0.65 -2.33
CA LEU B 23 -3.93 0.92 -3.06
C LEU B 23 -3.22 -0.37 -3.44
N LEU B 24 -3.19 -1.32 -2.51
CA LEU B 24 -2.54 -2.61 -2.74
C LEU B 24 -3.00 -3.22 -4.06
N LEU B 25 -4.32 -3.25 -4.26
CA LEU B 25 -4.89 -3.80 -5.49
C LEU B 25 -4.52 -2.94 -6.70
N VAL B 26 -4.54 -1.62 -6.51
CA VAL B 26 -4.20 -0.70 -7.59
C VAL B 26 -2.77 -0.91 -8.07
N VAL B 27 -1.85 -1.05 -7.13
CA VAL B 27 -0.45 -1.26 -7.45
C VAL B 27 -0.24 -2.57 -8.19
N ALA B 28 -0.94 -3.60 -7.75
CA ALA B 28 -0.85 -4.92 -8.37
C ALA B 28 -1.25 -4.87 -9.83
N LEU B 29 -2.30 -4.12 -10.12
CA LEU B 29 -2.79 -3.98 -11.49
C LEU B 29 -1.78 -3.23 -12.36
N GLY B 30 -1.16 -2.21 -11.79
CA GLY B 30 -0.18 -1.42 -12.51
C GLY B 30 1.04 -2.25 -12.91
N ILE B 31 1.59 -2.98 -11.95
CA ILE B 31 2.77 -3.80 -12.21
C ILE B 31 2.48 -4.85 -13.28
N GLY B 32 1.45 -5.65 -13.05
CA GLY B 32 1.08 -6.68 -14.00
C GLY B 32 1.00 -6.15 -15.42
N LEU B 33 0.08 -5.20 -15.64
CA LEU B 33 -0.11 -4.62 -16.96
C LEU B 33 1.21 -4.13 -17.53
N PHE B 34 2.10 -3.66 -16.65
CA PHE B 34 3.40 -3.15 -17.07
C PHE B 34 4.23 -4.27 -17.71
N MET B 35 4.21 -5.45 -17.10
CA MET B 35 4.95 -6.59 -17.62
C MET B 35 4.36 -7.08 -18.93
N ARG B 36 3.04 -7.02 -19.04
CA ARG B 36 2.34 -7.46 -20.25
C ARG B 36 2.73 -6.58 -21.44
N ARG B 37 2.88 -5.28 -21.19
CA ARG B 37 3.24 -4.33 -22.23
C ARG B 37 4.47 -4.81 -22.99
N ARG B 38 5.48 -5.27 -22.25
CA ARG B 38 6.72 -5.75 -22.85
C ARG B 38 6.62 -7.23 -23.19
N HIS B 39 7.56 -7.72 -23.98
CA HIS B 39 7.58 -9.12 -24.39
C HIS B 39 9.00 -9.68 -24.32
N ILE B 40 9.12 -10.99 -24.52
CA ILE B 40 10.42 -11.66 -24.48
C ILE B 40 10.48 -12.81 -25.48
N VAL B 41 11.68 -13.27 -25.77
CA VAL B 41 11.87 -14.38 -26.70
C VAL B 41 12.51 -15.57 -26.01
N ARG B 42 12.44 -16.74 -26.66
CA ARG B 42 13.00 -17.97 -26.11
C ARG B 42 14.49 -17.79 -25.84
N LYS B 43 15.23 -17.40 -26.87
CA LYS B 43 16.68 -17.20 -26.75
C LYS B 43 17.04 -15.73 -26.95
N ARG B 44 17.83 -15.19 -26.02
CA ARG B 44 18.25 -13.79 -26.10
C ARG B 44 17.05 -12.86 -26.09
N GLU A 1 -11.92 32.35 10.93
CA GLU A 1 -11.63 33.59 11.63
C GLU A 1 -10.14 33.66 11.98
N GLY A 2 -9.62 32.60 12.57
CA GLY A 2 -8.21 32.57 12.94
C GLY A 2 -8.01 32.10 14.38
N CYS A 3 -7.39 30.93 14.52
CA CYS A 3 -7.13 30.37 15.84
C CYS A 3 -5.64 30.10 16.03
N PRO A 4 -5.21 30.05 17.30
CA PRO A 4 -3.80 29.79 17.65
C PRO A 4 -3.38 28.36 17.35
N THR A 5 -2.17 28.20 16.83
CA THR A 5 -1.64 26.88 16.50
C THR A 5 -0.21 26.72 17.00
N ASN A 6 0.10 25.52 17.48
CA ASN A 6 1.44 25.23 17.98
C ASN A 6 1.78 23.76 17.82
N GLY A 7 3.06 23.47 17.59
CA GLY A 7 3.49 22.09 17.42
C GLY A 7 2.83 21.42 16.23
N PRO A 8 3.36 20.26 15.83
CA PRO A 8 2.84 19.50 14.70
C PRO A 8 1.47 18.88 15.00
N LYS A 9 0.63 18.80 13.97
CA LYS A 9 -0.71 18.24 14.12
C LYS A 9 -1.10 17.45 12.87
N ILE A 10 -1.37 16.16 13.05
CA ILE A 10 -1.76 15.30 11.95
C ILE A 10 -3.17 14.73 12.17
N PRO A 11 -4.00 14.80 11.11
CA PRO A 11 -5.38 14.29 11.17
C PRO A 11 -5.42 12.77 11.23
N SER A 12 -6.64 12.23 11.29
CA SER A 12 -6.82 10.78 11.36
C SER A 12 -6.74 10.15 9.97
N ILE A 13 -7.24 10.87 8.97
CA ILE A 13 -7.22 10.38 7.60
C ILE A 13 -5.78 10.14 7.12
N ALA A 14 -4.86 10.95 7.62
CA ALA A 14 -3.45 10.82 7.25
C ALA A 14 -2.96 9.38 7.45
N THR A 15 -3.58 8.68 8.40
CA THR A 15 -3.21 7.31 8.69
C THR A 15 -3.13 6.48 7.41
N GLY A 16 -3.96 6.81 6.43
CA GLY A 16 -3.97 6.09 5.18
C GLY A 16 -2.70 6.32 4.38
N MET A 17 -2.17 7.54 4.45
CA MET A 17 -0.95 7.88 3.72
C MET A 17 0.26 7.18 4.33
N VAL A 18 0.33 7.19 5.66
CA VAL A 18 1.44 6.56 6.37
C VAL A 18 1.42 5.05 6.19
N GLY A 19 0.29 4.43 6.53
CA GLY A 19 0.16 2.99 6.40
C GLY A 19 0.43 2.52 4.99
N ALA A 20 -0.04 3.28 4.01
CA ALA A 20 0.15 2.93 2.61
C ALA A 20 1.62 2.89 2.24
N LEU A 21 2.34 3.94 2.62
CA LEU A 21 3.78 4.03 2.34
C LEU A 21 4.55 2.91 3.03
N LEU A 22 4.31 2.76 4.33
CA LEU A 22 4.98 1.72 5.11
C LEU A 22 4.79 0.35 4.47
N LEU A 23 3.54 -0.04 4.29
CA LEU A 23 3.22 -1.33 3.68
C LEU A 23 3.80 -1.43 2.27
N LEU A 24 3.69 -0.34 1.52
CA LEU A 24 4.19 -0.31 0.15
C LEU A 24 5.64 -0.81 0.10
N LEU A 25 6.47 -0.29 1.00
CA LEU A 25 7.87 -0.68 1.06
C LEU A 25 8.02 -2.14 1.49
N VAL A 26 7.18 -2.55 2.44
CA VAL A 26 7.22 -3.92 2.95
C VAL A 26 6.89 -4.92 1.83
N VAL A 27 5.87 -4.61 1.05
CA VAL A 27 5.45 -5.48 -0.05
C VAL A 27 6.55 -5.58 -1.11
N ALA A 28 7.19 -4.46 -1.41
CA ALA A 28 8.25 -4.43 -2.40
C ALA A 28 9.40 -5.35 -1.99
N LEU A 29 9.74 -5.35 -0.71
CA LEU A 29 10.81 -6.18 -0.20
C LEU A 29 10.45 -7.66 -0.29
N GLY A 30 9.19 -7.97 -0.01
CA GLY A 30 8.73 -9.35 -0.08
C GLY A 30 8.80 -9.92 -1.48
N ILE A 31 8.27 -9.18 -2.45
CA ILE A 31 8.28 -9.62 -3.83
C ILE A 31 9.69 -9.84 -4.34
N GLY A 32 10.52 -8.81 -4.23
CA GLY A 32 11.90 -8.91 -4.68
C GLY A 32 12.59 -10.15 -4.14
N LEU A 33 12.70 -10.24 -2.82
CA LEU A 33 13.34 -11.38 -2.18
C LEU A 33 12.76 -12.70 -2.70
N PHE A 34 11.47 -12.68 -3.01
CA PHE A 34 10.79 -13.87 -3.53
C PHE A 34 11.39 -14.31 -4.86
N MET A 35 11.63 -13.34 -5.73
CA MET A 35 12.20 -13.62 -7.05
C MET A 35 13.65 -14.09 -6.92
N ARG A 36 14.38 -13.50 -5.99
CA ARG A 36 15.78 -13.85 -5.78
C ARG A 36 15.90 -15.25 -5.17
N ARG A 37 15.17 -15.48 -4.09
CA ARG A 37 15.19 -16.77 -3.41
C ARG A 37 14.66 -17.88 -4.33
N ARG A 38 13.43 -17.72 -4.80
CA ARG A 38 12.81 -18.70 -5.69
C ARG A 38 13.59 -18.80 -7.00
N HIS A 39 13.51 -19.97 -7.63
CA HIS A 39 14.19 -20.20 -8.89
C HIS A 39 13.66 -19.29 -9.99
N ILE A 40 14.31 -19.31 -11.14
CA ILE A 40 13.89 -18.48 -12.27
C ILE A 40 14.15 -19.19 -13.59
N VAL A 41 13.21 -19.04 -14.53
CA VAL A 41 13.33 -19.66 -15.84
C VAL A 41 14.68 -19.34 -16.48
N ARG A 42 15.54 -20.35 -16.57
CA ARG A 42 16.87 -20.17 -17.15
C ARG A 42 16.83 -20.46 -18.65
N LYS A 43 16.03 -21.44 -19.05
CA LYS A 43 15.92 -21.82 -20.44
C LYS A 43 15.45 -20.64 -21.29
N ARG A 44 15.96 -20.55 -22.51
CA ARG A 44 15.59 -19.46 -23.41
C ARG A 44 14.08 -19.38 -23.56
N GLU B 1 -17.57 -3.78 31.00
CA GLU B 1 -18.83 -4.09 31.65
C GLU B 1 -19.87 -4.55 30.64
N GLY B 2 -20.02 -3.79 29.56
CA GLY B 2 -20.98 -4.14 28.53
C GLY B 2 -21.86 -2.97 28.13
N CYS B 3 -21.69 -2.50 26.89
CA CYS B 3 -22.47 -1.38 26.39
C CYS B 3 -23.22 -1.77 25.12
N PRO B 4 -24.31 -1.04 24.83
CA PRO B 4 -25.14 -1.29 23.64
C PRO B 4 -24.42 -0.91 22.35
N THR B 5 -24.60 -1.74 21.32
CA THR B 5 -23.96 -1.51 20.04
C THR B 5 -24.96 -1.72 18.89
N ASN B 6 -24.86 -0.87 17.87
CA ASN B 6 -25.75 -0.97 16.71
C ASN B 6 -25.07 -0.44 15.45
N GLY B 7 -25.40 -1.04 14.31
CA GLY B 7 -24.81 -0.61 13.06
C GLY B 7 -23.30 -0.78 13.04
N PRO B 8 -22.71 -0.69 11.85
CA PRO B 8 -21.26 -0.82 11.67
C PRO B 8 -20.49 0.36 12.25
N LYS B 9 -19.31 0.08 12.79
CA LYS B 9 -18.47 1.12 13.37
C LYS B 9 -16.99 0.85 13.10
N ILE B 10 -16.34 1.78 12.40
CA ILE B 10 -14.93 1.63 12.08
C ILE B 10 -14.11 2.78 12.68
N PRO B 11 -12.98 2.42 13.33
CA PRO B 11 -12.10 3.40 13.96
C PRO B 11 -11.36 4.25 12.94
N SER B 12 -10.53 5.17 13.43
CA SER B 12 -9.76 6.06 12.56
C SER B 12 -8.51 5.37 12.05
N ILE B 13 -7.90 4.54 12.90
CA ILE B 13 -6.69 3.81 12.54
C ILE B 13 -6.95 2.89 11.34
N ALA B 14 -8.16 2.36 11.25
CA ALA B 14 -8.52 1.48 10.16
C ALA B 14 -8.19 2.10 8.81
N THR B 15 -8.20 3.43 8.75
CA THR B 15 -7.90 4.15 7.53
C THR B 15 -6.61 3.64 6.89
N GLY B 16 -5.67 3.20 7.72
CA GLY B 16 -4.41 2.69 7.22
C GLY B 16 -4.58 1.38 6.48
N MET B 17 -5.51 0.55 6.94
CA MET B 17 -5.76 -0.75 6.32
C MET B 17 -6.42 -0.57 4.95
N VAL B 18 -7.40 0.33 4.90
CA VAL B 18 -8.12 0.59 3.65
C VAL B 18 -7.20 1.24 2.61
N GLY B 19 -6.60 2.36 3.00
CA GLY B 19 -5.70 3.06 2.10
C GLY B 19 -4.58 2.18 1.58
N ALA B 20 -4.05 1.34 2.46
CA ALA B 20 -2.97 0.43 2.09
C ALA B 20 -3.40 -0.54 1.01
N LEU B 21 -4.56 -1.17 1.22
CA LEU B 21 -5.09 -2.12 0.26
C LEU B 21 -5.39 -1.45 -1.08
N LEU B 22 -6.11 -0.34 -1.03
CA LEU B 22 -6.46 0.40 -2.24
C LEU B 22 -5.21 0.73 -3.06
N LEU B 23 -4.28 1.43 -2.43
CA LEU B 23 -3.03 1.81 -3.09
C LEU B 23 -2.26 0.58 -3.56
N LEU B 24 -2.22 -0.45 -2.71
CA LEU B 24 -1.53 -1.68 -3.05
C LEU B 24 -1.93 -2.18 -4.43
N LEU B 25 -3.24 -2.23 -4.67
CA LEU B 25 -3.76 -2.68 -5.95
C LEU B 25 -3.39 -1.72 -7.07
N VAL B 26 -3.45 -0.42 -6.77
CA VAL B 26 -3.12 0.61 -7.75
C VAL B 26 -1.67 0.50 -8.20
N VAL B 27 -0.77 0.30 -7.24
CA VAL B 27 0.65 0.17 -7.54
C VAL B 27 0.92 -1.07 -8.39
N ALA B 28 0.25 -2.17 -8.06
CA ALA B 28 0.42 -3.41 -8.80
C ALA B 28 0.06 -3.24 -10.26
N LEU B 29 -1.02 -2.49 -10.52
CA LEU B 29 -1.48 -2.26 -11.88
C LEU B 29 -0.48 -1.39 -12.65
N GLY B 30 0.10 -0.41 -11.96
CA GLY B 30 1.07 0.47 -12.59
C GLY B 30 2.32 -0.27 -13.02
N ILE B 31 2.88 -1.06 -12.11
CA ILE B 31 4.09 -1.81 -12.41
C ILE B 31 3.87 -2.77 -13.58
N GLY B 32 2.86 -3.63 -13.46
CA GLY B 32 2.56 -4.57 -14.51
C GLY B 32 2.48 -3.92 -15.88
N LEU B 33 1.55 -2.99 -16.03
CA LEU B 33 1.37 -2.29 -17.30
C LEU B 33 2.69 -1.70 -17.78
N PHE B 34 3.53 -1.30 -16.84
CA PHE B 34 4.82 -0.71 -17.17
C PHE B 34 5.71 -1.73 -17.89
N MET B 35 5.71 -2.96 -17.38
CA MET B 35 6.51 -4.03 -17.97
C MET B 35 5.98 -4.40 -19.35
N ARG B 36 4.66 -4.41 -19.50
CA ARG B 36 4.03 -4.74 -20.77
C ARG B 36 4.30 -3.68 -21.82
N ARG B 37 4.05 -2.42 -21.46
CA ARG B 37 4.28 -1.31 -22.38
C ARG B 37 5.75 -1.21 -22.75
N ARG B 38 6.61 -1.04 -21.76
CA ARG B 38 8.04 -0.93 -21.99
C ARG B 38 8.60 -2.20 -22.63
N HIS B 39 9.68 -2.06 -23.38
CA HIS B 39 10.31 -3.19 -24.05
C HIS B 39 10.83 -4.20 -23.03
N ILE B 40 11.28 -5.35 -23.51
CA ILE B 40 11.80 -6.40 -22.65
C ILE B 40 12.95 -7.15 -23.32
N VAL B 41 13.97 -7.49 -22.54
CA VAL B 41 15.12 -8.21 -23.06
C VAL B 41 14.69 -9.46 -23.82
N ARG B 42 14.85 -9.42 -25.14
CA ARG B 42 14.47 -10.56 -25.98
C ARG B 42 15.64 -11.51 -26.17
N LYS B 43 16.85 -10.95 -26.26
CA LYS B 43 18.06 -11.74 -26.44
C LYS B 43 18.23 -12.72 -25.29
N ARG B 44 18.75 -13.91 -25.61
CA ARG B 44 18.97 -14.94 -24.59
C ARG B 44 19.79 -14.39 -23.44
N GLU A 1 -6.32 37.23 -4.82
CA GLU A 1 -7.41 36.93 -3.90
C GLU A 1 -6.92 36.08 -2.73
N GLY A 2 -6.00 35.16 -3.01
CA GLY A 2 -5.47 34.30 -1.98
C GLY A 2 -5.18 32.90 -2.48
N CYS A 3 -5.57 31.90 -1.70
CA CYS A 3 -5.35 30.50 -2.07
C CYS A 3 -6.68 29.78 -2.27
N PRO A 4 -6.63 28.65 -2.99
CA PRO A 4 -7.81 27.84 -3.28
C PRO A 4 -8.35 27.14 -2.03
N THR A 5 -7.45 26.73 -1.15
CA THR A 5 -7.83 26.04 0.07
C THR A 5 -6.70 26.09 1.10
N ASN A 6 -7.07 26.09 2.38
CA ASN A 6 -6.08 26.13 3.46
C ASN A 6 -5.93 24.76 4.11
N GLY A 7 -5.13 24.70 5.17
CA GLY A 7 -4.92 23.43 5.86
C GLY A 7 -3.69 23.46 6.74
N PRO A 8 -3.81 24.13 7.91
CA PRO A 8 -2.71 24.25 8.86
C PRO A 8 -2.38 22.92 9.54
N LYS A 9 -3.43 22.24 10.02
CA LYS A 9 -3.26 20.96 10.69
C LYS A 9 -3.63 19.81 9.77
N ILE A 10 -3.15 18.61 10.09
CA ILE A 10 -3.44 17.43 9.28
C ILE A 10 -4.59 16.64 9.88
N PRO A 11 -5.55 16.24 9.03
CA PRO A 11 -6.72 15.47 9.44
C PRO A 11 -6.35 14.04 9.84
N SER A 12 -7.38 13.21 10.05
CA SER A 12 -7.16 11.82 10.45
C SER A 12 -6.97 10.93 9.22
N ILE A 13 -7.68 11.27 8.14
CA ILE A 13 -7.58 10.51 6.91
C ILE A 13 -6.12 10.31 6.48
N ALA A 14 -5.29 11.29 6.80
CA ALA A 14 -3.87 11.23 6.47
C ALA A 14 -3.25 9.92 6.92
N THR A 15 -3.80 9.36 8.00
CA THR A 15 -3.30 8.10 8.54
C THR A 15 -3.16 7.04 7.45
N GLY A 16 -4.05 7.11 6.46
CA GLY A 16 -4.01 6.15 5.37
C GLY A 16 -2.77 6.30 4.50
N MET A 17 -2.29 7.54 4.38
CA MET A 17 -1.10 7.82 3.58
C MET A 17 0.14 7.19 4.21
N VAL A 18 0.26 7.33 5.53
CA VAL A 18 1.40 6.78 6.26
C VAL A 18 1.40 5.26 6.21
N GLY A 19 0.28 4.66 6.61
CA GLY A 19 0.17 3.21 6.61
C GLY A 19 0.40 2.62 5.23
N ALA A 20 -0.03 3.33 4.20
CA ALA A 20 0.12 2.87 2.82
C ALA A 20 1.59 2.80 2.44
N LEU A 21 2.33 3.89 2.70
CA LEU A 21 3.74 3.95 2.38
C LEU A 21 4.52 2.83 3.07
N LEU A 22 4.27 2.68 4.37
CA LEU A 22 4.95 1.65 5.15
C LEU A 22 4.76 0.27 4.51
N LEU A 23 3.51 -0.13 4.33
CA LEU A 23 3.20 -1.41 3.73
C LEU A 23 3.77 -1.52 2.32
N LEU A 24 3.67 -0.43 1.56
CA LEU A 24 4.18 -0.38 0.19
C LEU A 24 5.62 -0.88 0.14
N LEU A 25 6.45 -0.36 1.04
CA LEU A 25 7.86 -0.75 1.10
C LEU A 25 8.00 -2.20 1.53
N VAL A 26 7.17 -2.61 2.48
CA VAL A 26 7.20 -3.99 2.98
C VAL A 26 6.88 -4.98 1.88
N VAL A 27 5.86 -4.67 1.09
CA VAL A 27 5.45 -5.54 0.00
C VAL A 27 6.54 -5.66 -1.06
N ALA A 28 7.18 -4.53 -1.36
CA ALA A 28 8.25 -4.49 -2.35
C ALA A 28 9.39 -5.42 -1.95
N LEU A 29 9.73 -5.41 -0.66
CA LEU A 29 10.81 -6.24 -0.15
C LEU A 29 10.46 -7.72 -0.24
N GLY A 30 9.19 -8.04 0.03
CA GLY A 30 8.74 -9.42 -0.02
C GLY A 30 8.82 -9.99 -1.43
N ILE A 31 8.28 -9.25 -2.40
CA ILE A 31 8.29 -9.70 -3.78
C ILE A 31 9.71 -9.91 -4.29
N GLY A 32 10.53 -8.87 -4.18
CA GLY A 32 11.91 -8.97 -4.62
C GLY A 32 12.61 -10.21 -4.08
N LEU A 33 12.71 -10.29 -2.77
CA LEU A 33 13.37 -11.43 -2.13
C LEU A 33 12.79 -12.75 -2.64
N PHE A 34 11.49 -12.73 -2.96
CA PHE A 34 10.83 -13.93 -3.46
C PHE A 34 11.42 -14.37 -4.80
N MET A 35 11.66 -13.40 -5.67
CA MET A 35 12.24 -13.68 -6.98
C MET A 35 13.72 -14.07 -6.87
N ARG A 36 14.43 -13.39 -5.99
CA ARG A 36 15.85 -13.66 -5.77
C ARG A 36 16.05 -15.07 -5.23
N ARG A 37 15.13 -15.52 -4.39
CA ARG A 37 15.21 -16.85 -3.81
C ARG A 37 14.27 -17.82 -4.51
N ARG A 38 14.11 -17.62 -5.81
CA ARG A 38 13.23 -18.48 -6.61
C ARG A 38 13.82 -19.89 -6.74
N HIS A 39 15.14 -19.96 -6.86
CA HIS A 39 15.82 -21.24 -7.00
C HIS A 39 15.47 -22.16 -5.83
N ILE A 40 15.92 -23.41 -5.92
CA ILE A 40 15.66 -24.39 -4.86
C ILE A 40 16.82 -25.36 -4.71
N VAL A 41 16.86 -26.07 -3.60
CA VAL A 41 17.92 -27.04 -3.33
C VAL A 41 17.52 -28.43 -3.77
N ARG A 42 18.51 -29.23 -4.19
CA ARG A 42 18.26 -30.59 -4.65
C ARG A 42 17.84 -31.48 -3.48
N LYS A 43 16.57 -31.88 -3.47
CA LYS A 43 16.05 -32.73 -2.41
C LYS A 43 15.30 -33.92 -2.99
N ARG A 44 15.90 -35.10 -2.89
CA ARG A 44 15.30 -36.32 -3.41
C ARG A 44 14.53 -37.06 -2.32
N GLU B 1 -17.85 -15.43 30.92
CA GLU B 1 -17.53 -14.10 31.43
C GLU B 1 -17.86 -13.02 30.39
N GLY B 2 -17.63 -13.35 29.12
CA GLY B 2 -17.90 -12.40 28.06
C GLY B 2 -16.90 -12.49 26.92
N CYS B 3 -16.44 -11.34 26.45
CA CYS B 3 -15.47 -11.29 25.35
C CYS B 3 -14.16 -10.67 25.82
N PRO B 4 -13.09 -10.94 25.06
CA PRO B 4 -11.74 -10.41 25.39
C PRO B 4 -11.65 -8.90 25.17
N THR B 5 -12.35 -8.41 24.16
CA THR B 5 -12.35 -6.98 23.86
C THR B 5 -13.55 -6.59 23.01
N ASN B 6 -14.02 -5.36 23.19
CA ASN B 6 -15.16 -4.86 22.44
C ASN B 6 -14.72 -3.92 21.32
N GLY B 7 -15.70 -3.34 20.62
CA GLY B 7 -15.38 -2.43 19.53
C GLY B 7 -16.56 -2.22 18.60
N PRO B 8 -17.54 -1.41 19.06
CA PRO B 8 -18.73 -1.11 18.27
C PRO B 8 -18.43 -0.23 17.07
N LYS B 9 -17.70 0.85 17.30
CA LYS B 9 -17.33 1.78 16.24
C LYS B 9 -15.88 1.57 15.80
N ILE B 10 -15.57 2.01 14.58
CA ILE B 10 -14.22 1.88 14.05
C ILE B 10 -13.43 3.17 14.22
N PRO B 11 -12.19 3.04 14.71
CA PRO B 11 -11.30 4.19 14.93
C PRO B 11 -10.82 4.80 13.62
N SER B 12 -9.87 5.73 13.72
CA SER B 12 -9.34 6.40 12.55
C SER B 12 -8.19 5.60 11.94
N ILE B 13 -7.40 4.96 12.80
CA ILE B 13 -6.27 4.15 12.35
C ILE B 13 -6.70 3.16 11.27
N ALA B 14 -7.93 2.68 11.38
CA ALA B 14 -8.46 1.72 10.41
C ALA B 14 -8.27 2.23 8.98
N THR B 15 -8.24 3.55 8.82
CA THR B 15 -8.07 4.16 7.51
C THR B 15 -6.89 3.55 6.78
N GLY B 16 -5.87 3.14 7.53
CA GLY B 16 -4.69 2.55 6.94
C GLY B 16 -4.99 1.23 6.25
N MET B 17 -5.94 0.48 6.78
CA MET B 17 -6.32 -0.80 6.21
C MET B 17 -6.96 -0.62 4.84
N VAL B 18 -7.90 0.32 4.75
CA VAL B 18 -8.60 0.59 3.51
C VAL B 18 -7.64 1.17 2.46
N GLY B 19 -6.96 2.26 2.83
CA GLY B 19 -6.02 2.89 1.92
C GLY B 19 -4.95 1.93 1.44
N ALA B 20 -4.52 1.03 2.31
CA ALA B 20 -3.49 0.05 1.96
C ALA B 20 -3.99 -0.90 0.89
N LEU B 21 -5.17 -1.47 1.11
CA LEU B 21 -5.75 -2.41 0.16
C LEU B 21 -5.97 -1.73 -1.21
N LEU B 22 -6.63 -0.58 -1.18
CA LEU B 22 -6.90 0.17 -2.41
C LEU B 22 -5.62 0.40 -3.20
N LEU B 23 -4.65 1.06 -2.57
CA LEU B 23 -3.38 1.34 -3.22
C LEU B 23 -2.69 0.06 -3.65
N LEU B 24 -2.73 -0.96 -2.80
CA LEU B 24 -2.11 -2.24 -3.10
C LEU B 24 -2.53 -2.74 -4.47
N LEU B 25 -3.82 -2.71 -4.75
CA LEU B 25 -4.34 -3.16 -6.03
C LEU B 25 -3.90 -2.22 -7.15
N VAL B 26 -3.89 -0.93 -6.87
CA VAL B 26 -3.47 0.07 -7.86
C VAL B 26 -2.02 -0.15 -8.28
N VAL B 27 -1.16 -0.39 -7.30
CA VAL B 27 0.25 -0.61 -7.57
C VAL B 27 0.46 -1.87 -8.41
N ALA B 28 -0.28 -2.93 -8.07
CA ALA B 28 -0.18 -4.19 -8.79
C ALA B 28 -0.51 -4.01 -10.27
N LEU B 29 -1.53 -3.21 -10.55
CA LEU B 29 -1.95 -2.95 -11.92
C LEU B 29 -0.88 -2.16 -12.67
N GLY B 30 -0.26 -1.21 -12.00
CA GLY B 30 0.77 -0.40 -12.62
C GLY B 30 1.98 -1.23 -13.02
N ILE B 31 2.48 -2.04 -12.09
CA ILE B 31 3.64 -2.87 -12.36
C ILE B 31 3.38 -3.83 -13.52
N GLY B 32 2.32 -4.62 -13.40
CA GLY B 32 1.97 -5.56 -14.45
C GLY B 32 1.97 -4.92 -15.82
N LEU B 33 1.08 -3.94 -16.01
CA LEU B 33 0.97 -3.24 -17.29
C LEU B 33 2.33 -2.75 -17.76
N PHE B 34 3.18 -2.38 -16.81
CA PHE B 34 4.52 -1.89 -17.13
C PHE B 34 5.36 -2.96 -17.81
N MET B 35 5.26 -4.19 -17.30
CA MET B 35 6.01 -5.30 -17.86
C MET B 35 5.44 -5.71 -19.21
N ARG B 36 4.12 -5.67 -19.32
CA ARG B 36 3.44 -6.04 -20.57
C ARG B 36 3.82 -5.08 -21.69
N ARG B 37 3.99 -3.81 -21.34
CA ARG B 37 4.36 -2.79 -22.33
C ARG B 37 5.85 -2.45 -22.24
N ARG B 38 6.65 -3.46 -21.93
CA ARG B 38 8.10 -3.29 -21.81
C ARG B 38 8.72 -2.98 -23.17
N HIS B 39 8.18 -3.62 -24.21
CA HIS B 39 8.69 -3.43 -25.57
C HIS B 39 8.67 -1.95 -25.94
N ILE B 40 9.25 -1.63 -27.09
CA ILE B 40 9.30 -0.25 -27.57
C ILE B 40 9.20 -0.19 -29.09
N VAL B 41 8.92 1.01 -29.61
CA VAL B 41 8.79 1.19 -31.05
C VAL B 41 10.12 1.64 -31.66
N ARG B 42 10.33 1.25 -32.92
CA ARG B 42 11.57 1.61 -33.61
C ARG B 42 11.63 3.10 -33.90
N LYS B 43 12.50 3.81 -33.20
CA LYS B 43 12.66 5.24 -33.37
C LYS B 43 14.12 5.62 -33.58
N ARG B 44 14.47 5.99 -34.81
CA ARG B 44 15.83 6.37 -35.14
C ARG B 44 16.01 7.88 -35.04
N GLU A 1 -9.05 35.54 -5.57
CA GLU A 1 -10.03 35.54 -4.49
C GLU A 1 -9.36 35.31 -3.13
N GLY A 2 -8.53 34.26 -3.06
CA GLY A 2 -7.85 33.96 -1.83
C GLY A 2 -7.64 32.48 -1.63
N CYS A 3 -7.03 32.10 -0.51
CA CYS A 3 -6.77 30.70 -0.22
C CYS A 3 -6.84 30.43 1.29
N PRO A 4 -7.10 29.18 1.65
CA PRO A 4 -7.21 28.77 3.06
C PRO A 4 -5.86 28.80 3.78
N THR A 5 -5.89 29.10 5.07
CA THR A 5 -4.68 29.16 5.87
C THR A 5 -4.90 28.57 7.26
N ASN A 6 -3.92 27.80 7.73
CA ASN A 6 -4.01 27.17 9.04
C ASN A 6 -2.63 26.83 9.58
N GLY A 7 -2.57 26.40 10.83
CA GLY A 7 -1.30 26.04 11.43
C GLY A 7 -0.91 24.59 11.17
N PRO A 8 0.19 24.15 11.80
CA PRO A 8 0.69 22.79 11.64
C PRO A 8 -0.22 21.76 12.32
N LYS A 9 -1.08 21.13 11.54
CA LYS A 9 -2.01 20.13 12.06
C LYS A 9 -2.37 19.12 10.99
N ILE A 10 -2.46 17.86 11.37
CA ILE A 10 -2.81 16.79 10.44
C ILE A 10 -4.02 16.00 10.93
N PRO A 11 -4.99 15.77 10.02
CA PRO A 11 -6.21 15.03 10.34
C PRO A 11 -5.94 13.54 10.59
N SER A 12 -7.01 12.76 10.69
CA SER A 12 -6.89 11.33 10.92
C SER A 12 -6.74 10.57 9.60
N ILE A 13 -7.44 11.06 8.57
CA ILE A 13 -7.38 10.42 7.26
C ILE A 13 -5.94 10.22 6.80
N ALA A 14 -5.05 11.13 7.22
CA ALA A 14 -3.65 11.04 6.87
C ALA A 14 -3.08 9.66 7.18
N THR A 15 -3.65 9.00 8.18
CA THR A 15 -3.21 7.67 8.58
C THR A 15 -3.11 6.74 7.38
N GLY A 16 -3.98 6.95 6.40
CA GLY A 16 -3.97 6.12 5.21
C GLY A 16 -2.73 6.32 4.37
N MET A 17 -2.22 7.56 4.37
CA MET A 17 -1.02 7.88 3.59
C MET A 17 0.21 7.22 4.20
N VAL A 18 0.33 7.30 5.53
CA VAL A 18 1.46 6.71 6.23
C VAL A 18 1.45 5.19 6.12
N GLY A 19 0.34 4.58 6.52
CA GLY A 19 0.22 3.14 6.46
C GLY A 19 0.45 2.60 5.06
N ALA A 20 -0.03 3.32 4.06
CA ALA A 20 0.12 2.91 2.67
C ALA A 20 1.59 2.87 2.28
N LEU A 21 2.32 3.93 2.60
CA LEU A 21 3.74 4.01 2.28
C LEU A 21 4.53 2.91 2.99
N LEU A 22 4.32 2.79 4.30
CA LEU A 22 5.00 1.78 5.09
C LEU A 22 4.81 0.38 4.48
N LEU A 23 3.56 -0.02 4.33
CA LEU A 23 3.23 -1.33 3.76
C LEU A 23 3.79 -1.44 2.35
N LEU A 24 3.66 -0.39 1.56
CA LEU A 24 4.15 -0.38 0.19
C LEU A 24 5.59 -0.87 0.12
N LEU A 25 6.45 -0.32 0.99
CA LEU A 25 7.85 -0.71 1.04
C LEU A 25 8.00 -2.16 1.51
N VAL A 26 7.19 -2.54 2.48
CA VAL A 26 7.23 -3.90 3.01
C VAL A 26 6.90 -4.93 1.94
N VAL A 27 5.85 -4.65 1.17
CA VAL A 27 5.43 -5.54 0.09
C VAL A 27 6.51 -5.67 -0.97
N ALA A 28 7.14 -4.55 -1.32
CA ALA A 28 8.19 -4.54 -2.32
C ALA A 28 9.35 -5.45 -1.92
N LEU A 29 9.71 -5.41 -0.64
CA LEU A 29 10.80 -6.23 -0.12
C LEU A 29 10.44 -7.71 -0.17
N GLY A 30 9.17 -8.01 0.12
CA GLY A 30 8.71 -9.39 0.10
C GLY A 30 8.76 -10.00 -1.29
N ILE A 31 8.23 -9.27 -2.26
CA ILE A 31 8.21 -9.75 -3.64
C ILE A 31 9.62 -9.96 -4.17
N GLY A 32 10.42 -8.91 -4.16
CA GLY A 32 11.78 -9.00 -4.63
C GLY A 32 12.52 -10.19 -4.05
N LEU A 33 12.56 -10.27 -2.72
CA LEU A 33 13.24 -11.36 -2.03
C LEU A 33 12.67 -12.71 -2.48
N PHE A 34 11.39 -12.74 -2.81
CA PHE A 34 10.74 -13.96 -3.25
C PHE A 34 11.33 -14.44 -4.57
N MET A 35 11.55 -13.50 -5.49
CA MET A 35 12.10 -13.84 -6.80
C MET A 35 13.57 -14.22 -6.69
N ARG A 36 14.29 -13.52 -5.81
CA ARG A 36 15.71 -13.79 -5.60
C ARG A 36 15.93 -15.24 -5.18
N ARG A 37 15.17 -15.68 -4.20
CA ARG A 37 15.29 -17.05 -3.70
C ARG A 37 15.07 -18.06 -4.82
N ARG A 38 14.13 -17.76 -5.71
CA ARG A 38 13.82 -18.63 -6.83
C ARG A 38 13.49 -17.83 -8.08
N HIS A 39 14.34 -17.93 -9.09
CA HIS A 39 14.13 -17.21 -10.35
C HIS A 39 13.36 -18.07 -11.35
N ILE A 40 12.98 -17.47 -12.47
CA ILE A 40 12.24 -18.17 -13.50
C ILE A 40 12.62 -17.68 -14.89
N VAL A 41 12.30 -18.47 -15.91
CA VAL A 41 12.61 -18.11 -17.29
C VAL A 41 11.34 -17.76 -18.06
N ARG A 42 11.51 -17.38 -19.32
CA ARG A 42 10.39 -17.02 -20.17
C ARG A 42 10.12 -18.09 -21.22
N LYS A 43 8.97 -18.02 -21.86
CA LYS A 43 8.59 -18.98 -22.89
C LYS A 43 8.49 -18.32 -24.25
N ARG A 44 8.94 -19.01 -25.28
CA ARG A 44 8.89 -18.49 -26.65
C ARG A 44 7.45 -18.27 -27.09
N GLU B 1 -10.82 -16.67 31.50
CA GLU B 1 -11.02 -15.41 32.20
C GLU B 1 -12.12 -14.58 31.54
N GLY B 2 -12.04 -14.42 30.23
CA GLY B 2 -13.04 -13.65 29.51
C GLY B 2 -12.45 -12.90 28.33
N CYS B 3 -13.29 -12.16 27.62
CA CYS B 3 -12.85 -11.41 26.45
C CYS B 3 -13.66 -10.12 26.31
N PRO B 4 -13.07 -9.13 25.62
CA PRO B 4 -13.72 -7.83 25.40
C PRO B 4 -14.90 -7.93 24.44
N THR B 5 -15.90 -7.09 24.64
CA THR B 5 -17.09 -7.07 23.78
C THR B 5 -17.55 -5.64 23.51
N ASN B 6 -17.92 -5.40 22.26
CA ASN B 6 -18.39 -4.07 21.85
C ASN B 6 -19.26 -4.16 20.60
N GLY B 7 -19.86 -3.03 20.22
CA GLY B 7 -20.71 -3.01 19.04
C GLY B 7 -19.92 -2.72 17.78
N PRO B 8 -20.64 -2.58 16.65
CA PRO B 8 -20.03 -2.29 15.35
C PRO B 8 -19.46 -0.88 15.28
N LYS B 9 -18.15 -0.77 15.50
CA LYS B 9 -17.48 0.53 15.45
C LYS B 9 -16.02 0.37 15.06
N ILE B 10 -15.54 1.28 14.22
CA ILE B 10 -14.16 1.24 13.77
C ILE B 10 -13.44 2.57 14.04
N PRO B 11 -12.24 2.49 14.60
CA PRO B 11 -11.43 3.68 14.93
C PRO B 11 -10.91 4.37 13.67
N SER B 12 -10.03 5.34 13.87
CA SER B 12 -9.45 6.09 12.77
C SER B 12 -8.22 5.38 12.20
N ILE B 13 -7.46 4.75 13.09
CA ILE B 13 -6.25 4.03 12.68
C ILE B 13 -6.56 3.06 11.54
N ALA B 14 -7.77 2.52 11.53
CA ALA B 14 -8.17 1.58 10.49
C ALA B 14 -7.91 2.16 9.10
N THR B 15 -7.95 3.48 9.01
CA THR B 15 -7.72 4.15 7.72
C THR B 15 -6.45 3.64 7.05
N GLY B 16 -5.47 3.25 7.87
CA GLY B 16 -4.22 2.74 7.34
C GLY B 16 -4.38 1.41 6.62
N MET B 17 -5.32 0.60 7.11
CA MET B 17 -5.58 -0.71 6.51
C MET B 17 -6.25 -0.56 5.15
N VAL B 18 -7.27 0.30 5.09
CA VAL B 18 -7.99 0.53 3.84
C VAL B 18 -7.10 1.21 2.81
N GLY B 19 -6.52 2.34 3.18
CA GLY B 19 -5.65 3.07 2.28
C GLY B 19 -4.51 2.22 1.77
N ALA B 20 -3.95 1.38 2.63
CA ALA B 20 -2.84 0.51 2.26
C ALA B 20 -3.27 -0.47 1.18
N LEU B 21 -4.39 -1.14 1.39
CA LEU B 21 -4.91 -2.12 0.44
C LEU B 21 -5.22 -1.45 -0.90
N LEU B 22 -5.98 -0.37 -0.86
CA LEU B 22 -6.35 0.36 -2.07
C LEU B 22 -5.11 0.73 -2.88
N LEU B 23 -4.20 1.47 -2.25
CA LEU B 23 -2.97 1.88 -2.91
C LEU B 23 -2.16 0.67 -3.37
N LEU B 24 -2.08 -0.35 -2.52
CA LEU B 24 -1.35 -1.56 -2.85
C LEU B 24 -1.74 -2.08 -4.23
N LEU B 25 -3.04 -2.17 -4.48
CA LEU B 25 -3.55 -2.65 -5.76
C LEU B 25 -3.20 -1.67 -6.88
N VAL B 26 -3.31 -0.38 -6.59
CA VAL B 26 -3.02 0.66 -7.56
C VAL B 26 -1.56 0.58 -8.01
N VAL B 27 -0.65 0.43 -7.05
CA VAL B 27 0.77 0.34 -7.35
C VAL B 27 1.08 -0.89 -8.20
N ALA B 28 0.44 -2.01 -7.87
CA ALA B 28 0.65 -3.24 -8.60
C ALA B 28 0.28 -3.08 -10.08
N LEU B 29 -0.82 -2.39 -10.34
CA LEU B 29 -1.28 -2.16 -11.70
C LEU B 29 -0.31 -1.27 -12.46
N GLY B 30 0.24 -0.27 -11.77
CA GLY B 30 1.17 0.64 -12.39
C GLY B 30 2.46 -0.05 -12.82
N ILE B 31 3.03 -0.83 -11.91
CA ILE B 31 4.27 -1.56 -12.20
C ILE B 31 4.09 -2.52 -13.36
N GLY B 32 3.15 -3.45 -13.20
CA GLY B 32 2.89 -4.42 -14.25
C GLY B 32 2.73 -3.77 -15.61
N LEU B 33 1.81 -2.82 -15.71
CA LEU B 33 1.56 -2.13 -16.97
C LEU B 33 2.84 -1.47 -17.49
N PHE B 34 3.70 -1.06 -16.58
CA PHE B 34 4.96 -0.43 -16.94
C PHE B 34 5.87 -1.40 -17.68
N MET B 35 5.94 -2.63 -17.17
CA MET B 35 6.77 -3.66 -17.77
C MET B 35 6.19 -4.12 -19.10
N ARG B 36 4.87 -4.22 -19.17
CA ARG B 36 4.18 -4.64 -20.37
C ARG B 36 4.52 -3.74 -21.55
N ARG B 37 4.43 -2.43 -21.32
CA ARG B 37 4.73 -1.45 -22.36
C ARG B 37 6.16 -1.62 -22.88
N ARG B 38 7.07 -1.95 -21.98
CA ARG B 38 8.46 -2.14 -22.35
C ARG B 38 9.09 -3.27 -21.53
N HIS B 39 9.45 -4.36 -22.21
CA HIS B 39 10.05 -5.52 -21.55
C HIS B 39 11.58 -5.42 -21.60
N ILE B 40 12.24 -6.34 -20.89
CA ILE B 40 13.70 -6.36 -20.86
C ILE B 40 14.22 -7.79 -20.78
N VAL B 41 15.50 -7.96 -21.08
CA VAL B 41 16.13 -9.28 -21.05
C VAL B 41 17.13 -9.38 -19.89
N ARG B 42 17.73 -10.55 -19.74
CA ARG B 42 18.70 -10.79 -18.69
C ARG B 42 20.11 -10.87 -19.26
N LYS B 43 21.10 -10.80 -18.37
CA LYS B 43 22.50 -10.87 -18.79
C LYS B 43 23.17 -12.12 -18.24
N ARG B 44 23.99 -12.76 -19.06
CA ARG B 44 24.70 -13.97 -18.66
C ARG B 44 25.63 -13.70 -17.48
N GLU A 1 -2.75 38.65 -3.65
CA GLU A 1 -3.96 39.08 -2.99
C GLU A 1 -4.25 38.22 -1.76
N GLY A 2 -3.93 36.93 -1.86
CA GLY A 2 -4.16 36.02 -0.74
C GLY A 2 -2.90 35.76 0.05
N CYS A 3 -3.05 35.03 1.16
CA CYS A 3 -1.91 34.71 2.01
C CYS A 3 -2.16 33.41 2.78
N PRO A 4 -1.07 32.75 3.20
CA PRO A 4 -1.13 31.49 3.95
C PRO A 4 -1.68 31.69 5.36
N THR A 5 -2.28 30.63 5.90
CA THR A 5 -2.84 30.68 7.25
C THR A 5 -2.50 29.43 8.04
N ASN A 6 -2.35 29.59 9.36
CA ASN A 6 -2.02 28.46 10.22
C ASN A 6 -3.16 27.44 10.24
N GLY A 7 -2.98 26.39 11.05
CA GLY A 7 -4.00 25.36 11.15
C GLY A 7 -3.75 24.41 12.30
N PRO A 8 -4.73 23.54 12.57
CA PRO A 8 -4.64 22.56 13.66
C PRO A 8 -3.62 21.47 13.37
N LYS A 9 -3.60 20.44 14.21
CA LYS A 9 -2.68 19.32 14.05
C LYS A 9 -3.12 18.41 12.92
N ILE A 10 -2.29 17.42 12.59
CA ILE A 10 -2.61 16.47 11.53
C ILE A 10 -3.87 15.69 11.85
N PRO A 11 -4.77 15.59 10.86
CA PRO A 11 -6.05 14.87 11.01
C PRO A 11 -5.84 13.36 11.12
N SER A 12 -6.94 12.62 11.07
CA SER A 12 -6.89 11.17 11.15
C SER A 12 -6.66 10.54 9.78
N ILE A 13 -7.23 11.17 8.74
CA ILE A 13 -7.09 10.68 7.39
C ILE A 13 -5.63 10.44 7.04
N ALA A 14 -4.75 11.25 7.61
CA ALA A 14 -3.32 11.12 7.37
C ALA A 14 -2.85 9.68 7.57
N THR A 15 -3.54 8.96 8.45
CA THR A 15 -3.19 7.58 8.74
C THR A 15 -3.03 6.76 7.46
N GLY A 16 -3.80 7.13 6.43
CA GLY A 16 -3.73 6.43 5.17
C GLY A 16 -2.41 6.62 4.47
N MET A 17 -1.81 7.80 4.65
CA MET A 17 -0.52 8.11 4.03
C MET A 17 0.60 7.29 4.66
N VAL A 18 0.60 7.22 5.99
CA VAL A 18 1.62 6.45 6.70
C VAL A 18 1.48 4.97 6.43
N GLY A 19 0.30 4.42 6.71
CA GLY A 19 0.06 3.01 6.49
C GLY A 19 0.37 2.58 5.06
N ALA A 20 0.05 3.44 4.11
CA ALA A 20 0.31 3.15 2.70
C ALA A 20 1.81 3.01 2.43
N LEU A 21 2.58 3.99 2.88
CA LEU A 21 4.02 3.97 2.69
C LEU A 21 4.64 2.74 3.32
N LEU A 22 4.30 2.49 4.58
CA LEU A 22 4.82 1.34 5.31
C LEU A 22 4.59 0.05 4.52
N LEU A 23 3.33 -0.23 4.22
CA LEU A 23 2.98 -1.43 3.47
C LEU A 23 3.66 -1.44 2.11
N LEU A 24 3.68 -0.29 1.45
CA LEU A 24 4.32 -0.17 0.14
C LEU A 24 5.71 -0.77 0.15
N LEU A 25 6.51 -0.41 1.16
CA LEU A 25 7.86 -0.92 1.28
C LEU A 25 7.87 -2.41 1.58
N VAL A 26 6.93 -2.84 2.43
CA VAL A 26 6.82 -4.24 2.80
C VAL A 26 6.53 -5.10 1.58
N VAL A 27 5.58 -4.65 0.75
CA VAL A 27 5.21 -5.38 -0.46
C VAL A 27 6.39 -5.49 -1.42
N ALA A 28 7.12 -4.39 -1.57
CA ALA A 28 8.26 -4.36 -2.47
C ALA A 28 9.30 -5.40 -2.07
N LEU A 29 9.53 -5.54 -0.77
CA LEU A 29 10.50 -6.50 -0.26
C LEU A 29 10.04 -7.93 -0.51
N GLY A 30 8.74 -8.17 -0.36
CA GLY A 30 8.19 -9.49 -0.59
C GLY A 30 8.34 -9.94 -2.03
N ILE A 31 7.95 -9.08 -2.96
CA ILE A 31 8.03 -9.39 -4.38
C ILE A 31 9.48 -9.69 -4.79
N GLY A 32 10.36 -8.72 -4.53
CA GLY A 32 11.76 -8.90 -4.88
C GLY A 32 12.32 -10.23 -4.40
N LEU A 33 12.30 -10.44 -3.10
CA LEU A 33 12.81 -11.69 -2.52
C LEU A 33 12.18 -12.90 -3.21
N PHE A 34 10.92 -12.75 -3.61
CA PHE A 34 10.21 -13.83 -4.28
C PHE A 34 10.88 -14.20 -5.60
N MET A 35 11.27 -13.18 -6.36
CA MET A 35 11.93 -13.39 -7.65
C MET A 35 13.30 -14.00 -7.46
N ARG A 36 14.00 -13.60 -6.40
CA ARG A 36 15.33 -14.10 -6.11
C ARG A 36 15.28 -15.59 -5.79
N ARG A 37 14.22 -16.02 -5.12
CA ARG A 37 14.05 -17.42 -4.75
C ARG A 37 15.30 -17.95 -4.05
N ARG A 38 15.98 -17.08 -3.33
CA ARG A 38 17.21 -17.46 -2.63
C ARG A 38 16.88 -18.34 -1.43
N HIS A 39 15.76 -18.06 -0.77
CA HIS A 39 15.34 -18.82 0.40
C HIS A 39 14.97 -20.24 0.00
N ILE A 40 14.72 -21.08 1.00
CA ILE A 40 14.34 -22.47 0.75
C ILE A 40 13.32 -22.95 1.79
N VAL A 41 12.68 -24.08 1.49
CA VAL A 41 11.70 -24.66 2.39
C VAL A 41 12.06 -26.09 2.77
N ARG A 42 11.31 -26.65 3.72
CA ARG A 42 11.55 -28.01 4.18
C ARG A 42 10.78 -29.02 3.33
N LYS A 43 11.44 -30.11 2.96
CA LYS A 43 10.82 -31.15 2.15
C LYS A 43 11.49 -32.49 2.37
N ARG A 44 10.68 -33.52 2.63
CA ARG A 44 11.20 -34.87 2.86
C ARG A 44 11.59 -35.54 1.56
N GLU B 1 -15.21 -21.40 27.17
CA GLU B 1 -15.32 -20.61 28.39
C GLU B 1 -15.62 -19.14 28.08
N GLY B 2 -15.04 -18.65 26.99
CA GLY B 2 -15.26 -17.28 26.59
C GLY B 2 -16.30 -17.14 25.49
N CYS B 3 -16.64 -15.91 25.14
CA CYS B 3 -17.63 -15.65 24.10
C CYS B 3 -17.39 -14.29 23.45
N PRO B 4 -17.87 -14.13 22.21
CA PRO B 4 -17.72 -12.89 21.46
C PRO B 4 -18.57 -11.76 22.04
N THR B 5 -18.14 -10.52 21.79
CA THR B 5 -18.85 -9.35 22.30
C THR B 5 -18.95 -8.27 21.22
N ASN B 6 -20.03 -7.51 21.25
CA ASN B 6 -20.25 -6.44 20.28
C ASN B 6 -19.21 -5.34 20.46
N GLY B 7 -19.32 -4.29 19.65
CA GLY B 7 -18.39 -3.19 19.74
C GLY B 7 -18.85 -1.98 18.95
N PRO B 8 -18.14 -0.85 19.11
CA PRO B 8 -18.46 0.40 18.41
C PRO B 8 -18.17 0.32 16.92
N LYS B 9 -18.25 1.46 16.24
CA LYS B 9 -18.00 1.53 14.81
C LYS B 9 -16.50 1.46 14.53
N ILE B 10 -16.15 1.38 13.24
CA ILE B 10 -14.75 1.31 12.84
C ILE B 10 -13.99 2.56 13.25
N PRO B 11 -12.81 2.36 13.85
CA PRO B 11 -11.96 3.47 14.31
C PRO B 11 -11.36 4.26 13.15
N SER B 12 -10.44 5.16 13.47
CA SER B 12 -9.78 5.98 12.46
C SER B 12 -8.57 5.25 11.87
N ILE B 13 -7.88 4.49 12.71
CA ILE B 13 -6.70 3.75 12.28
C ILE B 13 -7.00 2.93 11.04
N ALA B 14 -8.24 2.46 10.93
CA ALA B 14 -8.66 1.65 9.79
C ALA B 14 -8.31 2.34 8.47
N THR B 15 -8.27 3.67 8.50
CA THR B 15 -7.95 4.45 7.31
C THR B 15 -6.68 3.93 6.64
N GLY B 16 -5.75 3.41 7.45
CA GLY B 16 -4.51 2.89 6.91
C GLY B 16 -4.72 1.66 6.06
N MET B 17 -5.72 0.85 6.41
CA MET B 17 -6.02 -0.37 5.67
C MET B 17 -6.59 -0.04 4.30
N VAL B 18 -7.53 0.89 4.26
CA VAL B 18 -8.16 1.30 3.01
C VAL B 18 -7.16 2.02 2.10
N GLY B 19 -6.55 3.08 2.62
CA GLY B 19 -5.59 3.83 1.84
C GLY B 19 -4.47 2.96 1.31
N ALA B 20 -4.04 1.99 2.10
CA ALA B 20 -2.97 1.09 1.70
C ALA B 20 -3.39 0.25 0.49
N LEU B 21 -4.56 -0.37 0.59
CA LEU B 21 -5.07 -1.20 -0.49
C LEU B 21 -5.23 -0.40 -1.77
N LEU B 22 -5.89 0.76 -1.66
CA LEU B 22 -6.11 1.63 -2.81
C LEU B 22 -4.80 1.95 -3.51
N LEU B 23 -3.86 2.52 -2.76
CA LEU B 23 -2.55 2.87 -3.32
C LEU B 23 -1.84 1.64 -3.87
N LEU B 24 -1.93 0.54 -3.12
CA LEU B 24 -1.29 -0.71 -3.53
C LEU B 24 -1.64 -1.06 -4.97
N LEU B 25 -2.92 -0.98 -5.29
CA LEU B 25 -3.39 -1.29 -6.64
C LEU B 25 -2.89 -0.25 -7.64
N VAL B 26 -2.90 1.01 -7.21
CA VAL B 26 -2.44 2.10 -8.07
C VAL B 26 -0.98 1.93 -8.45
N VAL B 27 -0.16 1.58 -7.47
CA VAL B 27 1.28 1.38 -7.70
C VAL B 27 1.52 0.21 -8.65
N ALA B 28 0.76 -0.86 -8.46
CA ALA B 28 0.89 -2.04 -9.30
C ALA B 28 0.63 -1.70 -10.77
N LEU B 29 -0.37 -0.88 -11.01
CA LEU B 29 -0.73 -0.47 -12.36
C LEU B 29 0.37 0.39 -12.99
N GLY B 30 0.96 1.26 -12.18
CA GLY B 30 2.01 2.12 -12.67
C GLY B 30 3.24 1.35 -13.10
N ILE B 31 3.70 0.44 -12.24
CA ILE B 31 4.87 -0.37 -12.54
C ILE B 31 4.66 -1.20 -13.81
N GLY B 32 3.60 -1.99 -13.82
CA GLY B 32 3.31 -2.82 -14.98
C GLY B 32 3.35 -2.04 -16.27
N LEU B 33 2.48 -1.04 -16.39
CA LEU B 33 2.43 -0.21 -17.59
C LEU B 33 3.80 0.33 -17.94
N PHE B 34 4.61 0.59 -16.92
CA PHE B 34 5.96 1.11 -17.13
C PHE B 34 6.82 0.11 -17.89
N MET B 35 6.72 -1.16 -17.51
CA MET B 35 7.48 -2.22 -18.15
C MET B 35 7.02 -2.43 -19.59
N ARG B 36 5.71 -2.30 -19.81
CA ARG B 36 5.14 -2.47 -21.14
C ARG B 36 5.64 -1.41 -22.10
N ARG B 37 5.83 -0.19 -21.58
CA ARG B 37 6.31 0.91 -22.39
C ARG B 37 5.50 1.04 -23.68
N ARG B 38 4.22 0.70 -23.60
CA ARG B 38 3.33 0.78 -24.74
C ARG B 38 3.02 2.23 -25.09
N HIS B 39 2.89 3.06 -24.07
CA HIS B 39 2.60 4.48 -24.26
C HIS B 39 3.76 5.19 -24.93
N ILE B 40 3.55 6.44 -25.30
CA ILE B 40 4.58 7.24 -25.95
C ILE B 40 4.50 8.70 -25.52
N VAL B 41 5.57 9.45 -25.81
CA VAL B 41 5.62 10.86 -25.45
C VAL B 41 5.88 11.72 -26.68
N ARG B 42 5.75 13.04 -26.50
CA ARG B 42 5.96 13.98 -27.61
C ARG B 42 7.42 14.43 -27.66
N LYS B 43 7.97 14.49 -28.86
CA LYS B 43 9.35 14.90 -29.06
C LYS B 43 9.56 15.46 -30.46
N ARG B 44 10.17 16.64 -30.53
CA ARG B 44 10.44 17.28 -31.82
C ARG B 44 11.62 16.62 -32.53
N GLU A 1 0.11 39.33 -1.57
CA GLU A 1 -0.46 39.45 -0.24
C GLU A 1 0.23 38.48 0.73
N GLY A 2 0.45 37.26 0.27
CA GLY A 2 1.10 36.26 1.10
C GLY A 2 0.10 35.48 1.94
N CYS A 3 0.47 34.25 2.29
CA CYS A 3 -0.40 33.39 3.09
C CYS A 3 0.34 32.87 4.32
N PRO A 4 -0.43 32.42 5.33
CA PRO A 4 0.14 31.89 6.57
C PRO A 4 0.82 30.55 6.37
N THR A 5 1.20 29.90 7.47
CA THR A 5 1.86 28.61 7.42
C THR A 5 1.32 27.67 8.49
N ASN A 6 1.09 26.42 8.09
CA ASN A 6 0.57 25.41 9.02
C ASN A 6 1.71 24.58 9.61
N GLY A 7 1.55 24.21 10.88
CA GLY A 7 2.57 23.41 11.55
C GLY A 7 2.41 21.93 11.29
N PRO A 8 3.20 21.11 11.99
CA PRO A 8 3.17 19.65 11.85
C PRO A 8 1.88 19.05 12.42
N LYS A 9 0.83 19.04 11.62
CA LYS A 9 -0.45 18.49 12.04
C LYS A 9 -1.27 18.02 10.83
N ILE A 10 -1.96 16.90 11.00
CA ILE A 10 -2.77 16.35 9.93
C ILE A 10 -3.98 15.59 10.48
N PRO A 11 -5.04 15.48 9.67
CA PRO A 11 -6.26 14.78 10.06
C PRO A 11 -6.07 13.27 10.18
N SER A 12 -7.06 12.59 10.74
CA SER A 12 -6.99 11.14 10.91
C SER A 12 -6.81 10.45 9.57
N ILE A 13 -7.44 10.99 8.54
CA ILE A 13 -7.35 10.43 7.20
C ILE A 13 -5.90 10.19 6.80
N ALA A 14 -5.02 11.07 7.26
CA ALA A 14 -3.60 10.95 6.95
C ALA A 14 -3.08 9.56 7.26
N THR A 15 -3.70 8.91 8.24
CA THR A 15 -3.30 7.56 8.63
C THR A 15 -3.17 6.64 7.42
N GLY A 16 -4.01 6.88 6.42
CA GLY A 16 -3.99 6.07 5.22
C GLY A 16 -2.73 6.28 4.40
N MET A 17 -2.21 7.51 4.43
CA MET A 17 -1.00 7.84 3.69
C MET A 17 0.23 7.17 4.30
N VAL A 18 0.29 7.17 5.62
CA VAL A 18 1.40 6.55 6.34
C VAL A 18 1.40 5.04 6.17
N GLY A 19 0.29 4.42 6.55
CA GLY A 19 0.17 2.97 6.43
C GLY A 19 0.41 2.48 5.03
N ALA A 20 -0.05 3.26 4.05
CA ALA A 20 0.12 2.91 2.65
C ALA A 20 1.60 2.87 2.26
N LEU A 21 2.32 3.92 2.61
CA LEU A 21 3.74 4.02 2.30
C LEU A 21 4.52 2.92 2.99
N LEU A 22 4.31 2.79 4.29
CA LEU A 22 5.00 1.76 5.08
C LEU A 22 4.81 0.38 4.46
N LEU A 23 3.56 -0.03 4.30
CA LEU A 23 3.25 -1.33 3.72
C LEU A 23 3.82 -1.44 2.30
N LEU A 24 3.67 -0.36 1.53
CA LEU A 24 4.17 -0.34 0.17
C LEU A 24 5.62 -0.83 0.10
N LEU A 25 6.46 -0.29 0.98
CA LEU A 25 7.86 -0.66 1.02
C LEU A 25 8.02 -2.11 1.47
N VAL A 26 7.22 -2.52 2.44
CA VAL A 26 7.26 -3.88 2.96
C VAL A 26 6.94 -4.90 1.88
N VAL A 27 5.90 -4.61 1.10
CA VAL A 27 5.48 -5.50 0.02
C VAL A 27 6.56 -5.61 -1.05
N ALA A 28 7.19 -4.48 -1.37
CA ALA A 28 8.24 -4.45 -2.37
C ALA A 28 9.40 -5.35 -1.98
N LEU A 29 9.75 -5.34 -0.69
CA LEU A 29 10.84 -6.15 -0.19
C LEU A 29 10.50 -7.64 -0.26
N GLY A 30 9.24 -7.96 0.05
CA GLY A 30 8.80 -9.34 0.00
C GLY A 30 8.86 -9.93 -1.39
N ILE A 31 8.31 -9.21 -2.36
CA ILE A 31 8.30 -9.66 -3.75
C ILE A 31 9.72 -9.87 -4.27
N GLY A 32 10.54 -8.83 -4.18
CA GLY A 32 11.90 -8.92 -4.64
C GLY A 32 12.62 -10.15 -4.11
N LEU A 33 12.74 -10.22 -2.79
CA LEU A 33 13.40 -11.36 -2.14
C LEU A 33 12.83 -12.68 -2.64
N PHE A 34 11.53 -12.68 -2.94
CA PHE A 34 10.86 -13.88 -3.42
C PHE A 34 11.44 -14.33 -4.76
N MET A 35 11.66 -13.37 -5.65
CA MET A 35 12.22 -13.66 -6.97
C MET A 35 13.67 -14.13 -6.85
N ARG A 36 14.41 -13.55 -5.91
CA ARG A 36 15.80 -13.91 -5.71
C ARG A 36 15.92 -15.33 -5.17
N ARG A 37 15.14 -15.64 -4.14
CA ARG A 37 15.16 -16.96 -3.52
C ARG A 37 14.75 -18.03 -4.52
N ARG A 38 13.57 -17.87 -5.10
CA ARG A 38 13.05 -18.82 -6.07
C ARG A 38 12.76 -18.13 -7.41
N HIS A 39 13.05 -18.83 -8.50
CA HIS A 39 12.81 -18.29 -9.83
C HIS A 39 12.37 -19.39 -10.80
N ILE A 40 11.98 -18.98 -12.00
CA ILE A 40 11.53 -19.93 -13.02
C ILE A 40 11.97 -19.49 -14.41
N VAL A 41 11.75 -20.35 -15.39
CA VAL A 41 12.12 -20.06 -16.78
C VAL A 41 10.89 -19.96 -17.67
N ARG A 42 10.98 -19.15 -18.72
CA ARG A 42 9.87 -18.98 -19.65
C ARG A 42 9.68 -20.22 -20.50
N LYS A 43 8.45 -20.74 -20.51
CA LYS A 43 8.12 -21.93 -21.28
C LYS A 43 7.94 -21.58 -22.76
N ARG A 44 8.84 -22.10 -23.60
CA ARG A 44 8.78 -21.86 -25.03
C ARG A 44 7.49 -22.39 -25.62
N GLU B 1 -19.78 -18.56 29.57
CA GLU B 1 -20.42 -17.31 29.98
C GLU B 1 -20.92 -16.53 28.77
N GLY B 2 -20.08 -16.48 27.74
CA GLY B 2 -20.46 -15.76 26.53
C GLY B 2 -20.06 -14.29 26.58
N CYS B 3 -19.84 -13.69 25.42
CA CYS B 3 -19.46 -12.29 25.33
C CYS B 3 -20.39 -11.53 24.41
N PRO B 4 -20.40 -10.20 24.56
CA PRO B 4 -21.24 -9.31 23.74
C PRO B 4 -20.78 -9.24 22.29
N THR B 5 -21.38 -8.34 21.52
CA THR B 5 -21.02 -8.17 20.12
C THR B 5 -20.94 -6.70 19.74
N ASN B 6 -19.90 -6.34 18.98
CA ASN B 6 -19.71 -4.96 18.56
C ASN B 6 -20.28 -4.74 17.16
N GLY B 7 -20.85 -3.56 16.94
CA GLY B 7 -21.43 -3.24 15.65
C GLY B 7 -20.40 -2.71 14.67
N PRO B 8 -20.88 -2.24 13.51
CA PRO B 8 -20.01 -1.68 12.46
C PRO B 8 -19.39 -0.35 12.87
N LYS B 9 -18.27 -0.42 13.58
CA LYS B 9 -17.57 0.78 14.03
C LYS B 9 -16.08 0.50 14.25
N ILE B 10 -15.24 1.45 13.86
CA ILE B 10 -13.80 1.30 14.04
C ILE B 10 -13.14 2.65 14.25
N PRO B 11 -11.95 2.63 14.89
CA PRO B 11 -11.19 3.85 15.17
C PRO B 11 -10.60 4.47 13.92
N SER B 12 -10.09 5.69 14.04
CA SER B 12 -9.49 6.39 12.91
C SER B 12 -8.34 5.59 12.32
N ILE B 13 -7.59 4.91 13.18
CA ILE B 13 -6.46 4.10 12.74
C ILE B 13 -6.86 3.15 11.62
N ALA B 14 -8.10 2.67 11.67
CA ALA B 14 -8.62 1.76 10.66
C ALA B 14 -8.39 2.30 9.26
N THR B 15 -8.36 3.63 9.15
CA THR B 15 -8.16 4.28 7.86
C THR B 15 -6.95 3.69 7.14
N GLY B 16 -5.95 3.29 7.91
CA GLY B 16 -4.75 2.71 7.33
C GLY B 16 -5.00 1.36 6.68
N MET B 17 -5.93 0.60 7.25
CA MET B 17 -6.27 -0.72 6.73
C MET B 17 -7.00 -0.60 5.39
N VAL B 18 -7.92 0.35 5.30
CA VAL B 18 -8.68 0.56 4.08
C VAL B 18 -7.79 1.08 2.96
N GLY B 19 -7.12 2.21 3.22
CA GLY B 19 -6.25 2.80 2.22
C GLY B 19 -5.18 1.83 1.75
N ALA B 20 -4.68 1.00 2.66
CA ALA B 20 -3.65 0.03 2.33
C ALA B 20 -4.17 -1.01 1.34
N LEU B 21 -5.34 -1.56 1.64
CA LEU B 21 -5.95 -2.57 0.78
C LEU B 21 -6.28 -1.99 -0.59
N LEU B 22 -6.96 -0.85 -0.59
CA LEU B 22 -7.34 -0.19 -1.85
C LEU B 22 -6.11 0.03 -2.73
N LEU B 23 -5.12 0.74 -2.20
CA LEU B 23 -3.90 1.01 -2.95
C LEU B 23 -3.20 -0.28 -3.35
N LEU B 24 -3.16 -1.25 -2.44
CA LEU B 24 -2.53 -2.53 -2.69
C LEU B 24 -3.02 -3.12 -4.01
N LEU B 25 -4.34 -3.13 -4.20
CA LEU B 25 -4.94 -3.67 -5.42
C LEU B 25 -4.58 -2.79 -6.63
N VAL B 26 -4.59 -1.48 -6.42
CA VAL B 26 -4.26 -0.55 -7.49
C VAL B 26 -2.84 -0.75 -7.99
N VAL B 27 -1.90 -0.92 -7.07
CA VAL B 27 -0.50 -1.13 -7.41
C VAL B 27 -0.32 -2.44 -8.18
N ALA B 28 -1.01 -3.48 -7.74
CA ALA B 28 -0.93 -4.78 -8.39
C ALA B 28 -1.36 -4.70 -9.84
N LEU B 29 -2.42 -3.94 -10.11
CA LEU B 29 -2.92 -3.78 -11.46
C LEU B 29 -1.93 -3.02 -12.34
N GLY B 30 -1.29 -2.01 -11.75
CA GLY B 30 -0.31 -1.23 -12.49
C GLY B 30 0.89 -2.05 -12.92
N ILE B 31 1.45 -2.80 -11.98
CA ILE B 31 2.61 -3.63 -12.26
C ILE B 31 2.30 -4.66 -13.34
N GLY B 32 1.27 -5.45 -13.11
CA GLY B 32 0.89 -6.47 -14.07
C GLY B 32 0.77 -5.92 -15.48
N LEU B 33 -0.14 -4.96 -15.66
CA LEU B 33 -0.35 -4.36 -16.98
C LEU B 33 0.97 -3.86 -17.56
N PHE B 34 1.87 -3.41 -16.70
CA PHE B 34 3.17 -2.92 -17.13
C PHE B 34 3.98 -4.02 -17.81
N MET B 35 3.96 -5.21 -17.21
CA MET B 35 4.68 -6.35 -17.75
C MET B 35 4.07 -6.82 -19.06
N ARG B 36 2.74 -6.74 -19.14
CA ARG B 36 2.02 -7.16 -20.34
C ARG B 36 2.33 -6.24 -21.51
N ARG B 37 2.23 -4.92 -21.26
CA ARG B 37 2.50 -3.94 -22.30
C ARG B 37 3.94 -4.05 -22.79
N ARG B 38 4.89 -3.92 -21.88
CA ARG B 38 6.30 -3.99 -22.22
C ARG B 38 7.00 -5.12 -21.44
N HIS B 39 7.99 -5.74 -22.05
CA HIS B 39 8.73 -6.81 -21.42
C HIS B 39 10.20 -6.77 -21.81
N ILE B 40 11.00 -7.61 -21.17
CA ILE B 40 12.43 -7.67 -21.45
C ILE B 40 12.95 -9.10 -21.37
N VAL B 41 14.22 -9.28 -21.72
CA VAL B 41 14.85 -10.60 -21.68
C VAL B 41 15.96 -10.65 -20.64
N ARG B 42 16.20 -11.83 -20.09
CA ARG B 42 17.24 -12.01 -19.08
C ARG B 42 18.63 -11.90 -19.71
N LYS B 43 19.46 -11.03 -19.15
CA LYS B 43 20.81 -10.84 -19.66
C LYS B 43 21.73 -11.96 -19.20
N ARG B 44 22.22 -12.75 -20.15
CA ARG B 44 23.11 -13.86 -19.83
C ARG B 44 24.40 -13.36 -19.19
N GLU A 1 -26.45 17.23 18.95
CA GLU A 1 -26.25 17.32 20.39
C GLU A 1 -24.78 17.12 20.74
N GLY A 2 -24.14 16.15 20.09
CA GLY A 2 -22.74 15.87 20.33
C GLY A 2 -22.10 15.07 19.23
N CYS A 3 -21.07 15.63 18.60
CA CYS A 3 -20.37 14.96 17.52
C CYS A 3 -18.91 15.42 17.44
N PRO A 4 -18.07 14.61 16.79
CA PRO A 4 -16.65 14.91 16.64
C PRO A 4 -16.40 16.08 15.70
N THR A 5 -15.13 16.48 15.56
CA THR A 5 -14.76 17.59 14.69
C THR A 5 -13.26 17.63 14.47
N ASN A 6 -12.86 18.04 13.27
CA ASN A 6 -11.45 18.13 12.92
C ASN A 6 -10.76 19.25 13.69
N GLY A 7 -9.46 19.41 13.47
CA GLY A 7 -8.72 20.46 14.14
C GLY A 7 -7.80 21.21 13.21
N PRO A 8 -7.12 22.25 13.74
CA PRO A 8 -6.20 23.08 12.96
C PRO A 8 -4.93 22.32 12.59
N LYS A 9 -4.50 21.42 13.46
CA LYS A 9 -3.30 20.63 13.22
C LYS A 9 -3.56 19.53 12.20
N ILE A 10 -2.56 18.70 11.95
CA ILE A 10 -2.69 17.61 11.00
C ILE A 10 -3.92 16.76 11.30
N PRO A 11 -4.70 16.46 10.24
CA PRO A 11 -5.92 15.65 10.37
C PRO A 11 -5.61 14.20 10.68
N SER A 12 -6.66 13.38 10.74
CA SER A 12 -6.51 11.95 11.04
C SER A 12 -6.45 11.14 9.75
N ILE A 13 -7.19 11.56 8.74
CA ILE A 13 -7.22 10.87 7.46
C ILE A 13 -5.80 10.64 6.93
N ALA A 14 -4.91 11.58 7.24
CA ALA A 14 -3.52 11.48 6.80
C ALA A 14 -2.93 10.12 7.15
N THR A 15 -3.43 9.52 8.23
CA THR A 15 -2.94 8.23 8.68
C THR A 15 -2.91 7.23 7.53
N GLY A 16 -3.83 7.39 6.59
CA GLY A 16 -3.88 6.48 5.45
C GLY A 16 -2.66 6.59 4.57
N MET A 17 -2.09 7.79 4.48
CA MET A 17 -0.90 8.02 3.67
C MET A 17 0.30 7.29 4.25
N VAL A 18 0.45 7.37 5.57
CA VAL A 18 1.57 6.72 6.24
C VAL A 18 1.47 5.20 6.14
N GLY A 19 0.34 4.66 6.58
CA GLY A 19 0.14 3.22 6.53
C GLY A 19 0.38 2.65 5.15
N ALA A 20 -0.11 3.34 4.13
CA ALA A 20 0.07 2.91 2.75
C ALA A 20 1.55 2.81 2.39
N LEU A 21 2.28 3.89 2.63
CA LEU A 21 3.70 3.93 2.33
C LEU A 21 4.45 2.80 3.04
N LEU A 22 4.19 2.65 4.32
CA LEU A 22 4.83 1.59 5.11
C LEU A 22 4.64 0.23 4.46
N LEU A 23 3.38 -0.15 4.27
CA LEU A 23 3.05 -1.43 3.65
C LEU A 23 3.66 -1.53 2.25
N LEU A 24 3.56 -0.45 1.49
CA LEU A 24 4.10 -0.42 0.14
C LEU A 24 5.54 -0.92 0.11
N LEU A 25 6.37 -0.43 1.02
CA LEU A 25 7.76 -0.83 1.09
C LEU A 25 7.87 -2.29 1.53
N VAL A 26 7.02 -2.69 2.46
CA VAL A 26 7.02 -4.07 2.97
C VAL A 26 6.71 -5.05 1.86
N VAL A 27 5.69 -4.73 1.05
CA VAL A 27 5.30 -5.59 -0.05
C VAL A 27 6.41 -5.71 -1.09
N ALA A 28 7.07 -4.59 -1.38
CA ALA A 28 8.16 -4.58 -2.35
C ALA A 28 9.28 -5.52 -1.93
N LEU A 29 9.59 -5.52 -0.63
CA LEU A 29 10.66 -6.38 -0.10
C LEU A 29 10.27 -7.84 -0.21
N GLY A 30 9.00 -8.14 0.05
CA GLY A 30 8.52 -9.51 -0.03
C GLY A 30 8.61 -10.08 -1.43
N ILE A 31 8.11 -9.33 -2.41
CA ILE A 31 8.14 -9.77 -3.80
C ILE A 31 9.57 -10.00 -4.27
N GLY A 32 10.41 -8.98 -4.15
CA GLY A 32 11.79 -9.10 -4.56
C GLY A 32 12.45 -10.35 -4.02
N LEU A 33 12.54 -10.45 -2.70
CA LEU A 33 13.15 -11.61 -2.05
C LEU A 33 12.56 -12.91 -2.59
N PHE A 34 11.28 -12.87 -2.93
CA PHE A 34 10.60 -14.04 -3.45
C PHE A 34 11.21 -14.49 -4.77
N MET A 35 11.50 -13.52 -5.63
CA MET A 35 12.08 -13.81 -6.94
C MET A 35 13.57 -14.13 -6.80
N ARG A 36 14.27 -13.33 -6.01
CA ARG A 36 15.70 -13.54 -5.81
C ARG A 36 15.97 -14.91 -5.21
N ARG A 37 15.13 -15.32 -4.27
CA ARG A 37 15.27 -16.62 -3.62
C ARG A 37 15.33 -17.74 -4.65
N ARG A 38 14.45 -17.67 -5.64
CA ARG A 38 14.39 -18.69 -6.69
C ARG A 38 15.76 -18.86 -7.35
N HIS A 39 15.98 -20.01 -7.97
CA HIS A 39 17.24 -20.31 -8.63
C HIS A 39 17.27 -19.69 -10.03
N ILE A 40 18.43 -19.76 -10.67
CA ILE A 40 18.60 -19.21 -12.01
C ILE A 40 19.09 -20.27 -12.99
N VAL A 41 19.87 -21.21 -12.47
CA VAL A 41 20.41 -22.29 -13.30
C VAL A 41 19.33 -23.31 -13.64
N ARG A 42 19.70 -24.30 -14.45
CA ARG A 42 18.75 -25.34 -14.85
C ARG A 42 18.44 -26.26 -13.68
N LYS A 43 17.21 -26.76 -13.64
CA LYS A 43 16.77 -27.65 -12.57
C LYS A 43 15.72 -28.64 -13.08
N ARG A 44 15.79 -29.87 -12.58
CA ARG A 44 14.85 -30.91 -12.98
C ARG A 44 13.78 -31.12 -11.91
N GLU B 1 -3.53 15.79 30.68
CA GLU B 1 -4.30 17.01 30.88
C GLU B 1 -5.34 17.18 29.78
N GLY B 2 -4.94 16.90 28.55
CA GLY B 2 -5.84 17.03 27.42
C GLY B 2 -5.35 16.28 26.19
N CYS B 3 -6.17 15.36 25.70
CA CYS B 3 -5.81 14.58 24.53
C CYS B 3 -7.06 14.09 23.80
N PRO B 4 -6.89 13.72 22.52
CA PRO B 4 -7.99 13.23 21.68
C PRO B 4 -8.49 11.86 22.12
N THR B 5 -9.51 11.36 21.43
CA THR B 5 -10.09 10.06 21.75
C THR B 5 -10.98 9.56 20.61
N ASN B 6 -10.99 8.24 20.41
CA ASN B 6 -11.80 7.64 19.36
C ASN B 6 -13.28 7.78 19.67
N GLY B 7 -14.12 7.25 18.79
CA GLY B 7 -15.55 7.34 18.98
C GLY B 7 -16.25 6.01 18.75
N PRO B 8 -17.59 6.00 18.90
CA PRO B 8 -18.39 4.79 18.72
C PRO B 8 -18.45 4.35 17.25
N LYS B 9 -18.42 5.32 16.34
CA LYS B 9 -18.47 5.04 14.92
C LYS B 9 -17.11 4.55 14.41
N ILE B 10 -17.03 4.27 13.12
CA ILE B 10 -15.80 3.80 12.52
C ILE B 10 -14.64 4.76 12.81
N PRO B 11 -13.50 4.20 13.23
CA PRO B 11 -12.31 4.98 13.54
C PRO B 11 -11.66 5.59 12.31
N SER B 12 -10.55 6.30 12.51
CA SER B 12 -9.84 6.94 11.40
C SER B 12 -8.68 6.07 10.94
N ILE B 13 -8.04 5.39 11.87
CA ILE B 13 -6.91 4.53 11.55
C ILE B 13 -7.26 3.56 10.42
N ALA B 14 -8.52 3.15 10.38
CA ALA B 14 -8.99 2.23 9.34
C ALA B 14 -8.60 2.73 7.95
N THR B 15 -8.48 4.05 7.81
CA THR B 15 -8.12 4.65 6.53
C THR B 15 -6.89 3.98 5.93
N GLY B 16 -6.00 3.52 6.80
CA GLY B 16 -4.79 2.87 6.34
C GLY B 16 -5.06 1.54 5.68
N MET B 17 -6.09 0.85 6.16
CA MET B 17 -6.47 -0.46 5.60
C MET B 17 -7.01 -0.31 4.18
N VAL B 18 -7.86 0.69 3.98
CA VAL B 18 -8.45 0.94 2.67
C VAL B 18 -7.39 1.40 1.67
N GLY B 19 -6.70 2.48 2.00
CA GLY B 19 -5.67 3.00 1.12
C GLY B 19 -4.66 1.94 0.73
N ALA B 20 -4.26 1.11 1.68
CA ALA B 20 -3.30 0.04 1.42
C ALA B 20 -3.83 -0.93 0.38
N LEU B 21 -5.04 -1.42 0.59
CA LEU B 21 -5.66 -2.37 -0.33
C LEU B 21 -5.77 -1.77 -1.74
N LEU B 22 -6.26 -0.54 -1.81
CA LEU B 22 -6.42 0.14 -3.09
C LEU B 22 -5.09 0.17 -3.85
N LEU B 23 -4.07 0.75 -3.22
CA LEU B 23 -2.75 0.84 -3.83
C LEU B 23 -2.20 -0.55 -4.16
N LEU B 24 -2.39 -1.48 -3.24
CA LEU B 24 -1.91 -2.85 -3.42
C LEU B 24 -2.34 -3.39 -4.79
N LEU B 25 -3.63 -3.23 -5.11
CA LEU B 25 -4.16 -3.70 -6.38
C LEU B 25 -3.57 -2.91 -7.55
N VAL B 26 -3.40 -1.61 -7.35
CA VAL B 26 -2.85 -0.74 -8.38
C VAL B 26 -1.43 -1.16 -8.73
N VAL B 27 -0.62 -1.43 -7.72
CA VAL B 27 0.76 -1.84 -7.92
C VAL B 27 0.83 -3.18 -8.65
N ALA B 28 -0.04 -4.10 -8.28
CA ALA B 28 -0.07 -5.41 -8.90
C ALA B 28 -0.34 -5.30 -10.39
N LEU B 29 -1.24 -4.41 -10.77
CA LEU B 29 -1.59 -4.21 -12.17
C LEU B 29 -0.41 -3.62 -12.95
N GLY B 30 0.31 -2.69 -12.31
CA GLY B 30 1.44 -2.07 -12.95
C GLY B 30 2.56 -3.05 -13.24
N ILE B 31 2.92 -3.85 -12.25
CA ILE B 31 3.98 -4.84 -12.40
C ILE B 31 3.64 -5.84 -13.50
N GLY B 32 2.49 -6.49 -13.37
CA GLY B 32 2.06 -7.46 -14.36
C GLY B 32 2.17 -6.93 -15.77
N LEU B 33 1.42 -5.86 -16.06
CA LEU B 33 1.43 -5.26 -17.38
C LEU B 33 2.85 -4.97 -17.84
N PHE B 34 3.72 -4.63 -16.88
CA PHE B 34 5.11 -4.33 -17.18
C PHE B 34 5.82 -5.55 -17.77
N MET B 35 5.58 -6.71 -17.17
CA MET B 35 6.19 -7.95 -17.62
C MET B 35 5.50 -8.47 -18.88
N ARG B 36 4.17 -8.41 -18.89
CA ARG B 36 3.39 -8.87 -20.02
C ARG B 36 3.84 -8.18 -21.31
N ARG B 37 4.21 -6.92 -21.19
CA ARG B 37 4.67 -6.14 -22.35
C ARG B 37 5.76 -6.89 -23.10
N ARG B 38 6.73 -7.43 -22.36
CA ARG B 38 7.84 -8.16 -22.96
C ARG B 38 7.32 -9.26 -23.88
N HIS B 39 8.17 -9.71 -24.80
CA HIS B 39 7.80 -10.76 -25.74
C HIS B 39 7.99 -12.13 -25.11
N ILE B 40 7.53 -13.16 -25.81
CA ILE B 40 7.64 -14.53 -25.32
C ILE B 40 8.36 -15.42 -26.33
N VAL B 41 8.20 -15.11 -27.61
CA VAL B 41 8.84 -15.88 -28.67
C VAL B 41 10.33 -15.56 -28.76
N ARG B 42 11.03 -16.26 -29.65
CA ARG B 42 12.46 -16.05 -29.83
C ARG B 42 12.74 -14.72 -30.52
N LYS B 43 13.85 -14.09 -30.18
CA LYS B 43 14.22 -12.81 -30.76
C LYS B 43 15.74 -12.68 -30.85
N ARG B 44 16.21 -12.06 -31.92
CA ARG B 44 17.64 -11.86 -32.13
C ARG B 44 18.06 -10.43 -31.80
N GLU A 1 -6.04 45.17 11.45
CA GLU A 1 -5.73 44.73 10.10
C GLU A 1 -5.15 43.31 10.11
N GLY A 2 -4.37 43.00 11.13
CA GLY A 2 -3.77 41.69 11.23
C GLY A 2 -4.71 40.66 11.83
N CYS A 3 -4.23 39.43 11.98
CA CYS A 3 -5.05 38.36 12.54
C CYS A 3 -4.23 37.50 13.50
N PRO A 4 -4.93 36.76 14.37
CA PRO A 4 -4.29 35.89 15.37
C PRO A 4 -3.61 34.68 14.72
N THR A 5 -3.02 33.83 15.54
CA THR A 5 -2.34 32.63 15.05
C THR A 5 -2.87 31.38 15.75
N ASN A 6 -3.04 30.31 14.97
CA ASN A 6 -3.55 29.06 15.50
C ASN A 6 -2.50 27.95 15.38
N GLY A 7 -2.73 26.84 16.07
CA GLY A 7 -1.79 25.73 16.02
C GLY A 7 -2.48 24.40 15.79
N PRO A 8 -2.95 24.18 14.56
CA PRO A 8 -3.64 22.95 14.18
C PRO A 8 -2.70 21.75 14.14
N LYS A 9 -3.18 20.61 14.62
CA LYS A 9 -2.39 19.38 14.64
C LYS A 9 -2.67 18.53 13.40
N ILE A 10 -2.02 17.38 13.33
CA ILE A 10 -2.21 16.47 12.20
C ILE A 10 -3.55 15.75 12.29
N PRO A 11 -4.27 15.72 11.16
CA PRO A 11 -5.59 15.07 11.07
C PRO A 11 -5.48 13.56 11.17
N SER A 12 -6.62 12.88 10.99
CA SER A 12 -6.66 11.43 11.06
C SER A 12 -6.42 10.81 9.68
N ILE A 13 -6.92 11.48 8.65
CA ILE A 13 -6.76 11.02 7.28
C ILE A 13 -5.30 10.70 6.97
N ALA A 14 -4.40 11.45 7.58
CA ALA A 14 -2.97 11.26 7.38
C ALA A 14 -2.58 9.79 7.59
N THR A 15 -3.33 9.11 8.46
CA THR A 15 -3.07 7.71 8.76
C THR A 15 -2.92 6.89 7.48
N GLY A 16 -3.66 7.28 6.44
CA GLY A 16 -3.58 6.57 5.18
C GLY A 16 -2.25 6.73 4.49
N MET A 17 -1.62 7.89 4.68
CA MET A 17 -0.32 8.16 4.08
C MET A 17 0.76 7.29 4.71
N VAL A 18 0.73 7.17 6.03
CA VAL A 18 1.71 6.36 6.75
C VAL A 18 1.54 4.88 6.44
N GLY A 19 0.36 4.35 6.73
CA GLY A 19 0.10 2.95 6.46
C GLY A 19 0.38 2.56 5.03
N ALA A 20 0.11 3.47 4.10
CA ALA A 20 0.33 3.22 2.68
C ALA A 20 1.82 3.04 2.40
N LEU A 21 2.63 3.98 2.89
CA LEU A 21 4.08 3.93 2.68
C LEU A 21 4.67 2.67 3.31
N LEU A 22 4.30 2.42 4.57
CA LEU A 22 4.80 1.26 5.28
C LEU A 22 4.55 -0.02 4.50
N LEU A 23 3.28 -0.28 4.17
CA LEU A 23 2.92 -1.46 3.42
C LEU A 23 3.62 -1.49 2.06
N LEU A 24 3.67 -0.33 1.41
CA LEU A 24 4.31 -0.22 0.11
C LEU A 24 5.71 -0.85 0.13
N LEU A 25 6.49 -0.50 1.14
CA LEU A 25 7.84 -1.03 1.27
C LEU A 25 7.81 -2.52 1.57
N VAL A 26 6.86 -2.93 2.40
CA VAL A 26 6.71 -4.34 2.76
C VAL A 26 6.41 -5.20 1.54
N VAL A 27 5.49 -4.72 0.70
CA VAL A 27 5.11 -5.45 -0.51
C VAL A 27 6.29 -5.57 -1.47
N ALA A 28 7.06 -4.48 -1.59
CA ALA A 28 8.22 -4.47 -2.48
C ALA A 28 9.23 -5.53 -2.07
N LEU A 29 9.45 -5.67 -0.77
CA LEU A 29 10.39 -6.66 -0.26
C LEU A 29 9.90 -8.08 -0.53
N GLY A 30 8.59 -8.28 -0.40
CA GLY A 30 8.01 -9.59 -0.64
C GLY A 30 8.16 -10.04 -2.09
N ILE A 31 7.81 -9.16 -3.01
CA ILE A 31 7.90 -9.46 -4.43
C ILE A 31 9.35 -9.77 -4.84
N GLY A 32 10.23 -8.80 -4.61
CA GLY A 32 11.63 -8.99 -4.95
C GLY A 32 12.18 -10.30 -4.45
N LEU A 33 12.06 -10.53 -3.14
CA LEU A 33 12.55 -11.77 -2.52
C LEU A 33 11.92 -12.99 -3.19
N PHE A 34 10.69 -12.83 -3.65
CA PHE A 34 9.98 -13.94 -4.31
C PHE A 34 10.67 -14.32 -5.62
N MET A 35 11.08 -13.31 -6.38
CA MET A 35 11.75 -13.55 -7.66
C MET A 35 13.12 -14.16 -7.45
N ARG A 36 13.91 -13.55 -6.56
CA ARG A 36 15.25 -14.03 -6.27
C ARG A 36 15.21 -15.42 -5.66
N ARG A 37 14.37 -15.59 -4.64
CA ARG A 37 14.23 -16.87 -3.96
C ARG A 37 15.60 -17.43 -3.58
N ARG A 38 16.54 -16.53 -3.27
CA ARG A 38 17.89 -16.94 -2.89
C ARG A 38 17.85 -17.86 -1.67
N HIS A 39 16.98 -17.53 -0.71
CA HIS A 39 16.86 -18.32 0.50
C HIS A 39 16.44 -19.75 0.19
N ILE A 40 16.44 -20.60 1.20
CA ILE A 40 16.06 -22.00 1.03
C ILE A 40 16.17 -22.77 2.34
N VAL A 41 15.10 -23.48 2.69
CA VAL A 41 15.08 -24.26 3.93
C VAL A 41 16.24 -25.25 3.97
N ARG A 42 16.76 -25.48 5.17
CA ARG A 42 17.88 -26.40 5.35
C ARG A 42 17.48 -27.82 4.97
N LYS A 43 18.43 -28.74 5.07
CA LYS A 43 18.18 -30.14 4.74
C LYS A 43 19.08 -31.07 5.55
N ARG A 44 18.52 -32.19 5.99
CA ARG A 44 19.28 -33.16 6.78
C ARG A 44 19.89 -32.50 8.01
N GLU B 1 -27.14 -8.75 36.90
CA GLU B 1 -26.19 -9.71 36.38
C GLU B 1 -25.80 -9.35 34.94
N GLY B 2 -26.77 -8.85 34.18
CA GLY B 2 -26.51 -8.48 32.80
C GLY B 2 -25.88 -7.10 32.67
N CYS B 3 -25.63 -6.67 31.45
CA CYS B 3 -25.04 -5.37 31.19
C CYS B 3 -25.71 -4.68 30.01
N PRO B 4 -25.54 -3.35 29.92
CA PRO B 4 -26.12 -2.54 28.85
C PRO B 4 -25.45 -2.82 27.50
N THR B 5 -25.92 -2.12 26.47
CA THR B 5 -25.36 -2.28 25.13
C THR B 5 -24.91 -0.94 24.55
N ASN B 6 -23.76 -0.94 23.88
CA ASN B 6 -23.22 0.27 23.28
C ASN B 6 -23.16 0.15 21.77
N GLY B 7 -22.95 1.28 21.09
CA GLY B 7 -22.88 1.28 19.65
C GLY B 7 -21.69 2.06 19.13
N PRO B 8 -20.49 1.47 19.26
CA PRO B 8 -19.25 2.10 18.82
C PRO B 8 -19.15 2.15 17.29
N LYS B 9 -18.65 3.28 16.78
CA LYS B 9 -18.50 3.45 15.33
C LYS B 9 -17.09 3.08 14.89
N ILE B 10 -16.82 3.24 13.59
CA ILE B 10 -15.51 2.92 13.04
C ILE B 10 -14.48 3.97 13.43
N PRO B 11 -13.31 3.51 13.89
CA PRO B 11 -12.22 4.39 14.31
C PRO B 11 -11.58 5.12 13.13
N SER B 12 -10.51 5.87 13.41
CA SER B 12 -9.82 6.62 12.37
C SER B 12 -8.70 5.79 11.76
N ILE B 13 -8.06 4.97 12.59
CA ILE B 13 -6.97 4.11 12.13
C ILE B 13 -7.37 3.32 10.90
N ALA B 14 -8.65 2.94 10.83
CA ALA B 14 -9.16 2.18 9.71
C ALA B 14 -8.80 2.84 8.38
N THR B 15 -8.66 4.16 8.41
CA THR B 15 -8.31 4.91 7.21
C THR B 15 -7.11 4.30 6.49
N GLY B 16 -6.19 3.72 7.28
CA GLY B 16 -5.01 3.10 6.71
C GLY B 16 -5.34 1.86 5.90
N MET B 17 -6.38 1.14 6.31
CA MET B 17 -6.79 -0.07 5.61
C MET B 17 -7.37 0.26 4.24
N VAL B 18 -8.21 1.29 4.19
CA VAL B 18 -8.83 1.71 2.95
C VAL B 18 -7.80 2.28 1.98
N GLY B 19 -7.10 3.32 2.41
CA GLY B 19 -6.10 3.94 1.58
C GLY B 19 -5.07 2.95 1.07
N ALA B 20 -4.72 1.98 1.91
CA ALA B 20 -3.74 0.96 1.55
C ALA B 20 -4.26 0.09 0.39
N LEU B 21 -5.47 -0.40 0.53
CA LEU B 21 -6.08 -1.24 -0.50
C LEU B 21 -6.23 -0.46 -1.81
N LEU B 22 -6.77 0.74 -1.73
CA LEU B 22 -6.98 1.58 -2.90
C LEU B 22 -5.66 1.75 -3.67
N LEU B 23 -4.65 2.27 -2.98
CA LEU B 23 -3.34 2.48 -3.60
C LEU B 23 -2.76 1.16 -4.12
N LEU B 24 -2.91 0.11 -3.32
CA LEU B 24 -2.40 -1.20 -3.70
C LEU B 24 -2.83 -1.57 -5.11
N LEU B 25 -4.13 -1.41 -5.39
CA LEU B 25 -4.67 -1.72 -6.70
C LEU B 25 -4.13 -0.77 -7.76
N VAL B 26 -4.00 0.50 -7.40
CA VAL B 26 -3.49 1.52 -8.31
C VAL B 26 -2.06 1.19 -8.74
N VAL B 27 -1.22 0.82 -7.78
CA VAL B 27 0.16 0.49 -8.05
C VAL B 27 0.27 -0.73 -8.96
N ALA B 28 -0.58 -1.73 -8.70
CA ALA B 28 -0.58 -2.95 -9.50
C ALA B 28 -0.87 -2.64 -10.96
N LEU B 29 -1.82 -1.74 -11.20
CA LEU B 29 -2.19 -1.38 -12.55
C LEU B 29 -1.05 -0.64 -13.26
N GLY B 30 -0.35 0.20 -12.50
CA GLY B 30 0.76 0.95 -13.06
C GLY B 30 1.91 0.06 -13.49
N ILE B 31 2.30 -0.86 -12.63
CA ILE B 31 3.38 -1.79 -12.93
C ILE B 31 3.06 -2.65 -14.15
N GLY B 32 1.96 -3.39 -14.05
CA GLY B 32 1.55 -4.24 -15.16
C GLY B 32 1.55 -3.51 -16.48
N LEU B 33 0.83 -2.40 -16.55
CA LEU B 33 0.74 -1.62 -17.76
C LEU B 33 2.13 -1.18 -18.23
N PHE B 34 3.03 -0.99 -17.28
CA PHE B 34 4.40 -0.57 -17.60
C PHE B 34 5.13 -1.67 -18.37
N MET B 35 4.96 -2.91 -17.93
CA MET B 35 5.60 -4.05 -18.57
C MET B 35 5.03 -4.28 -19.96
N ARG B 36 3.70 -4.33 -20.05
CA ARG B 36 3.03 -4.55 -21.32
C ARG B 36 3.31 -3.40 -22.30
N ARG B 37 3.13 -2.17 -21.82
CA ARG B 37 3.36 -0.99 -22.66
C ARG B 37 2.65 -1.12 -23.99
N ARG B 38 1.51 -1.80 -23.99
CA ARG B 38 0.73 -1.99 -25.21
C ARG B 38 0.34 -0.66 -25.83
N HIS B 39 -0.04 0.29 -24.98
CA HIS B 39 -0.43 1.61 -25.44
C HIS B 39 0.72 2.30 -26.17
N ILE B 40 0.42 3.45 -26.77
CA ILE B 40 1.44 4.20 -27.51
C ILE B 40 0.85 5.47 -28.12
N VAL B 41 1.50 6.60 -27.87
CA VAL B 41 1.03 7.88 -28.40
C VAL B 41 0.90 7.83 -29.91
N ARG B 42 -0.09 8.55 -30.44
CA ARG B 42 -0.33 8.59 -31.88
C ARG B 42 0.84 9.22 -32.61
N LYS B 43 0.76 9.28 -33.93
CA LYS B 43 1.81 9.86 -34.75
C LYS B 43 1.25 10.44 -36.04
N ARG B 44 1.77 11.59 -36.45
CA ARG B 44 1.32 12.24 -37.67
C ARG B 44 -0.19 12.47 -37.63
N GLU A 1 -20.20 28.72 -6.50
CA GLU A 1 -20.63 29.16 -5.17
C GLU A 1 -19.50 29.02 -4.16
N GLY A 2 -18.92 27.82 -4.08
CA GLY A 2 -17.84 27.58 -3.15
C GLY A 2 -18.33 27.36 -1.73
N CYS A 3 -17.42 26.94 -0.85
CA CYS A 3 -17.77 26.67 0.54
C CYS A 3 -16.56 26.88 1.45
N PRO A 4 -16.83 27.08 2.75
CA PRO A 4 -15.78 27.28 3.75
C PRO A 4 -14.96 26.02 4.00
N THR A 5 -13.77 26.20 4.56
CA THR A 5 -12.88 25.08 4.86
C THR A 5 -12.22 25.23 6.22
N ASN A 6 -12.11 24.14 6.96
CA ASN A 6 -11.49 24.16 8.27
C ASN A 6 -10.57 22.97 8.46
N GLY A 7 -9.52 23.15 9.27
CA GLY A 7 -8.57 22.08 9.51
C GLY A 7 -7.25 22.59 10.07
N PRO A 8 -7.25 22.95 11.36
CA PRO A 8 -6.05 23.46 12.03
C PRO A 8 -5.00 22.38 12.23
N LYS A 9 -5.43 21.21 12.69
CA LYS A 9 -4.52 20.10 12.93
C LYS A 9 -4.62 19.07 11.80
N ILE A 10 -3.82 18.01 11.89
CA ILE A 10 -3.81 16.96 10.89
C ILE A 10 -5.01 16.03 11.06
N PRO A 11 -5.69 15.74 9.95
CA PRO A 11 -6.87 14.86 9.95
C PRO A 11 -6.49 13.40 10.22
N SER A 12 -7.48 12.61 10.62
CA SER A 12 -7.26 11.19 10.91
C SER A 12 -7.13 10.39 9.62
N ILE A 13 -7.90 10.77 8.60
CA ILE A 13 -7.87 10.08 7.32
C ILE A 13 -6.45 10.00 6.77
N ALA A 14 -5.66 11.03 7.04
CA ALA A 14 -4.28 11.08 6.58
C ALA A 14 -3.52 9.83 6.99
N THR A 15 -3.95 9.21 8.09
CA THR A 15 -3.31 8.01 8.60
C THR A 15 -3.09 6.99 7.48
N GLY A 16 -4.00 6.98 6.51
CA GLY A 16 -3.89 6.05 5.39
C GLY A 16 -2.63 6.27 4.59
N MET A 17 -2.25 7.52 4.40
CA MET A 17 -1.05 7.86 3.64
C MET A 17 0.18 7.20 4.25
N VAL A 18 0.29 7.26 5.58
CA VAL A 18 1.41 6.66 6.29
C VAL A 18 1.39 5.14 6.18
N GLY A 19 0.29 4.54 6.62
CA GLY A 19 0.16 3.10 6.58
C GLY A 19 0.37 2.55 5.18
N ALA A 20 -0.04 3.32 4.17
CA ALA A 20 0.11 2.90 2.78
C ALA A 20 1.58 2.82 2.39
N LEU A 21 2.31 3.90 2.64
CA LEU A 21 3.73 3.96 2.30
C LEU A 21 4.49 2.84 3.00
N LEU A 22 4.25 2.69 4.30
CA LEU A 22 4.93 1.66 5.09
C LEU A 22 4.75 0.29 4.44
N LEU A 23 3.50 -0.11 4.26
CA LEU A 23 3.19 -1.40 3.66
C LEU A 23 3.78 -1.50 2.25
N LEU A 24 3.66 -0.42 1.49
CA LEU A 24 4.18 -0.39 0.13
C LEU A 24 5.62 -0.87 0.08
N LEU A 25 6.45 -0.35 0.98
CA LEU A 25 7.85 -0.74 1.04
C LEU A 25 8.00 -2.19 1.49
N VAL A 26 7.16 -2.60 2.43
CA VAL A 26 7.20 -3.97 2.94
C VAL A 26 6.88 -4.97 1.84
N VAL A 27 5.86 -4.68 1.05
CA VAL A 27 5.46 -5.55 -0.05
C VAL A 27 6.57 -5.65 -1.10
N ALA A 28 7.20 -4.52 -1.41
CA ALA A 28 8.27 -4.49 -2.39
C ALA A 28 9.42 -5.41 -1.98
N LEU A 29 9.75 -5.40 -0.69
CA LEU A 29 10.82 -6.23 -0.17
C LEU A 29 10.47 -7.72 -0.27
N GLY A 30 9.21 -8.02 0.01
CA GLY A 30 8.76 -9.41 -0.05
C GLY A 30 8.84 -9.98 -1.45
N ILE A 31 8.31 -9.24 -2.43
CA ILE A 31 8.32 -9.69 -3.81
C ILE A 31 9.76 -9.90 -4.30
N GLY A 32 10.58 -8.87 -4.20
CA GLY A 32 11.95 -8.96 -4.63
C GLY A 32 12.64 -10.19 -4.09
N LEU A 33 12.75 -10.29 -2.77
CA LEU A 33 13.39 -11.42 -2.13
C LEU A 33 12.82 -12.74 -2.65
N PHE A 34 11.54 -12.73 -2.97
CA PHE A 34 10.86 -13.92 -3.48
C PHE A 34 11.47 -14.36 -4.81
N MET A 35 11.72 -13.40 -5.68
CA MET A 35 12.30 -13.68 -6.99
C MET A 35 13.75 -14.12 -6.86
N ARG A 36 14.47 -13.49 -5.95
CA ARG A 36 15.88 -13.82 -5.72
C ARG A 36 16.03 -15.25 -5.24
N ARG A 37 15.31 -15.59 -4.17
CA ARG A 37 15.36 -16.93 -3.60
C ARG A 37 14.86 -17.97 -4.60
N ARG A 38 13.60 -17.81 -5.03
CA ARG A 38 13.01 -18.73 -5.98
C ARG A 38 12.61 -18.01 -7.27
N HIS A 39 12.80 -18.67 -8.40
CA HIS A 39 12.47 -18.09 -9.70
C HIS A 39 11.73 -19.10 -10.58
N ILE A 40 11.24 -18.64 -11.72
CA ILE A 40 10.52 -19.51 -12.65
C ILE A 40 10.80 -19.11 -14.10
N VAL A 41 10.43 -19.98 -15.02
CA VAL A 41 10.62 -19.73 -16.45
C VAL A 41 9.34 -19.93 -17.23
N ARG A 42 9.08 -19.03 -18.17
CA ARG A 42 7.88 -19.10 -18.99
C ARG A 42 8.04 -20.14 -20.11
N LYS A 43 7.39 -21.29 -19.94
CA LYS A 43 7.46 -22.36 -20.93
C LYS A 43 6.21 -22.39 -21.80
N ARG A 44 6.40 -22.56 -23.10
CA ARG A 44 5.29 -22.60 -24.04
C ARG A 44 4.33 -23.73 -23.70
N GLU B 1 -3.08 -9.46 34.26
CA GLU B 1 -3.97 -8.45 34.81
C GLU B 1 -5.11 -8.13 33.84
N GLY B 2 -4.74 -7.78 32.61
CA GLY B 2 -5.73 -7.45 31.60
C GLY B 2 -6.27 -6.05 31.76
N CYS B 3 -7.04 -5.59 30.77
CA CYS B 3 -7.61 -4.25 30.80
C CYS B 3 -8.91 -4.20 29.99
N PRO B 4 -9.73 -3.18 30.27
CA PRO B 4 -11.01 -3.00 29.59
C PRO B 4 -10.83 -2.59 28.12
N THR B 5 -11.89 -2.78 27.33
CA THR B 5 -11.84 -2.44 25.91
C THR B 5 -13.15 -1.79 25.47
N ASN B 6 -13.03 -0.78 24.61
CA ASN B 6 -14.20 -0.07 24.11
C ASN B 6 -14.08 0.19 22.61
N GLY B 7 -15.21 0.23 21.93
CA GLY B 7 -15.21 0.48 20.50
C GLY B 7 -16.50 0.04 19.83
N PRO B 8 -17.56 0.84 20.01
CA PRO B 8 -18.87 0.55 19.43
C PRO B 8 -18.89 0.71 17.90
N LYS B 9 -18.31 1.81 17.43
CA LYS B 9 -18.25 2.08 15.99
C LYS B 9 -16.85 1.77 15.44
N ILE B 10 -16.70 1.94 14.14
CA ILE B 10 -15.42 1.70 13.48
C ILE B 10 -14.45 2.86 13.70
N PRO B 11 -13.21 2.54 14.08
CA PRO B 11 -12.17 3.55 14.31
C PRO B 11 -11.71 4.23 13.03
N SER B 12 -11.08 5.39 13.16
CA SER B 12 -10.59 6.13 12.01
C SER B 12 -9.31 5.52 11.47
N ILE B 13 -8.48 5.02 12.38
CA ILE B 13 -7.22 4.39 11.98
C ILE B 13 -7.44 3.29 10.96
N ALA B 14 -8.57 2.59 11.09
CA ALA B 14 -8.90 1.51 10.16
C ALA B 14 -8.84 1.99 8.72
N THR B 15 -9.07 3.27 8.51
CA THR B 15 -9.04 3.86 7.17
C THR B 15 -7.80 3.41 6.41
N GLY B 16 -6.70 3.20 7.13
CA GLY B 16 -5.47 2.77 6.49
C GLY B 16 -5.61 1.43 5.79
N MET B 17 -6.34 0.52 6.42
CA MET B 17 -6.55 -0.81 5.85
C MET B 17 -7.17 -0.72 4.47
N VAL B 18 -8.17 0.15 4.32
CA VAL B 18 -8.84 0.33 3.05
C VAL B 18 -7.92 0.98 2.02
N GLY B 19 -7.41 2.16 2.35
CA GLY B 19 -6.51 2.86 1.46
C GLY B 19 -5.31 2.02 1.05
N ALA B 20 -4.86 1.17 1.96
CA ALA B 20 -3.72 0.31 1.69
C ALA B 20 -4.05 -0.73 0.62
N LEU B 21 -5.16 -1.45 0.82
CA LEU B 21 -5.58 -2.47 -0.12
C LEU B 21 -5.82 -1.88 -1.51
N LEU B 22 -6.55 -0.76 -1.55
CA LEU B 22 -6.84 -0.09 -2.81
C LEU B 22 -5.56 0.20 -3.58
N LEU B 23 -4.65 0.94 -2.95
CA LEU B 23 -3.38 1.30 -3.57
C LEU B 23 -2.58 0.04 -3.94
N LEU B 24 -2.59 -0.94 -3.03
CA LEU B 24 -1.87 -2.19 -3.26
C LEU B 24 -2.21 -2.76 -4.64
N LEU B 25 -3.50 -2.84 -4.93
CA LEU B 25 -3.96 -3.36 -6.22
C LEU B 25 -3.54 -2.46 -7.36
N VAL B 26 -3.63 -1.14 -7.14
CA VAL B 26 -3.25 -0.16 -8.15
C VAL B 26 -1.78 -0.30 -8.53
N VAL B 27 -0.93 -0.44 -7.53
CA VAL B 27 0.51 -0.58 -7.75
C VAL B 27 0.83 -1.85 -8.51
N ALA B 28 0.14 -2.94 -8.16
CA ALA B 28 0.35 -4.22 -8.82
C ALA B 28 0.05 -4.13 -10.31
N LEU B 29 -1.02 -3.41 -10.65
CA LEU B 29 -1.41 -3.24 -12.04
C LEU B 29 -0.38 -2.42 -12.81
N GLY B 30 0.17 -1.40 -12.16
CA GLY B 30 1.15 -0.55 -12.79
C GLY B 30 2.43 -1.30 -13.11
N ILE B 31 2.95 -2.04 -12.14
CA ILE B 31 4.17 -2.81 -12.34
C ILE B 31 4.01 -3.82 -13.47
N GLY B 32 3.00 -4.68 -13.34
CA GLY B 32 2.75 -5.69 -14.36
C GLY B 32 2.73 -5.11 -15.76
N LEU B 33 1.81 -4.19 -16.00
CA LEU B 33 1.68 -3.56 -17.32
C LEU B 33 3.02 -2.99 -17.77
N PHE B 34 3.82 -2.53 -16.81
CA PHE B 34 5.13 -1.96 -17.12
C PHE B 34 6.05 -3.02 -17.73
N MET B 35 6.02 -4.22 -17.16
CA MET B 35 6.85 -5.30 -17.66
C MET B 35 6.40 -5.76 -19.04
N ARG B 36 5.09 -5.78 -19.24
CA ARG B 36 4.52 -6.19 -20.53
C ARG B 36 4.94 -5.24 -21.64
N ARG B 37 4.73 -3.95 -21.42
CA ARG B 37 5.08 -2.93 -22.41
C ARG B 37 6.59 -2.91 -22.64
N ARG B 38 7.35 -2.72 -21.56
CA ARG B 38 8.80 -2.67 -21.66
C ARG B 38 9.43 -3.81 -20.85
N HIS B 39 10.49 -4.39 -21.41
CA HIS B 39 11.19 -5.49 -20.75
C HIS B 39 12.69 -5.31 -20.84
N ILE B 40 13.43 -6.17 -20.14
CA ILE B 40 14.89 -6.11 -20.14
C ILE B 40 15.50 -7.50 -20.10
N VAL B 41 16.81 -7.58 -20.32
CA VAL B 41 17.52 -8.85 -20.30
C VAL B 41 18.75 -8.78 -19.41
N ARG B 42 18.99 -9.83 -18.64
CA ARG B 42 20.14 -9.89 -17.75
C ARG B 42 21.42 -10.20 -18.52
N LYS B 43 22.26 -9.19 -18.69
CA LYS B 43 23.52 -9.35 -19.41
C LYS B 43 24.69 -9.53 -18.45
N ARG B 44 25.57 -10.47 -18.77
CA ARG B 44 26.72 -10.75 -17.92
C ARG B 44 27.60 -9.51 -17.78
N GLU A 1 -12.39 34.28 -3.39
CA GLU A 1 -11.48 35.32 -3.85
C GLU A 1 -10.38 34.74 -4.73
N GLY A 2 -9.83 33.61 -4.31
CA GLY A 2 -8.76 32.98 -5.07
C GLY A 2 -7.56 32.64 -4.22
N CYS A 3 -7.30 31.35 -4.05
CA CYS A 3 -6.16 30.90 -3.25
C CYS A 3 -5.69 29.52 -3.71
N PRO A 4 -4.45 29.18 -3.35
CA PRO A 4 -3.84 27.90 -3.72
C PRO A 4 -4.48 26.72 -2.98
N THR A 5 -4.63 26.87 -1.67
CA THR A 5 -5.22 25.82 -0.85
C THR A 5 -5.73 26.39 0.48
N ASN A 6 -6.71 25.72 1.06
CA ASN A 6 -7.28 26.15 2.33
C ASN A 6 -7.99 24.99 3.04
N GLY A 7 -7.90 24.99 4.36
CA GLY A 7 -8.54 23.93 5.14
C GLY A 7 -7.91 23.76 6.50
N PRO A 8 -8.49 22.87 7.32
CA PRO A 8 -8.00 22.59 8.67
C PRO A 8 -6.67 21.85 8.66
N LYS A 9 -6.24 21.39 9.83
CA LYS A 9 -4.99 20.65 9.96
C LYS A 9 -5.13 19.23 9.44
N ILE A 10 -4.02 18.52 9.36
CA ILE A 10 -4.02 17.14 8.88
C ILE A 10 -5.04 16.30 9.64
N PRO A 11 -6.10 15.87 8.93
CA PRO A 11 -7.17 15.05 9.50
C PRO A 11 -6.70 13.65 9.83
N SER A 12 -7.65 12.78 10.19
CA SER A 12 -7.34 11.40 10.54
C SER A 12 -7.12 10.56 9.28
N ILE A 13 -7.88 10.87 8.23
CA ILE A 13 -7.78 10.15 6.97
C ILE A 13 -6.32 10.06 6.51
N ALA A 14 -5.53 11.07 6.83
CA ALA A 14 -4.13 11.10 6.45
C ALA A 14 -3.42 9.82 6.86
N THR A 15 -3.91 9.20 7.93
CA THR A 15 -3.33 7.96 8.43
C THR A 15 -3.15 6.94 7.30
N GLY A 16 -4.05 6.99 6.32
CA GLY A 16 -3.97 6.06 5.20
C GLY A 16 -2.73 6.27 4.37
N MET A 17 -2.26 7.52 4.29
CA MET A 17 -1.08 7.84 3.51
C MET A 17 0.17 7.24 4.14
N VAL A 18 0.31 7.42 5.45
CA VAL A 18 1.46 6.89 6.18
C VAL A 18 1.46 5.36 6.16
N GLY A 19 0.36 4.76 6.61
CA GLY A 19 0.25 3.32 6.64
C GLY A 19 0.46 2.70 5.26
N ALA A 20 0.00 3.39 4.23
CA ALA A 20 0.15 2.90 2.87
C ALA A 20 1.62 2.83 2.46
N LEU A 21 2.34 3.92 2.68
CA LEU A 21 3.75 3.98 2.33
C LEU A 21 4.54 2.88 3.04
N LEU A 22 4.31 2.75 4.35
CA LEU A 22 5.00 1.73 5.13
C LEU A 22 4.81 0.35 4.53
N LEU A 23 3.55 -0.06 4.37
CA LEU A 23 3.23 -1.36 3.80
C LEU A 23 3.79 -1.48 2.39
N LEU A 24 3.66 -0.42 1.61
CA LEU A 24 4.15 -0.40 0.23
C LEU A 24 5.59 -0.90 0.17
N LEU A 25 6.43 -0.35 1.04
CA LEU A 25 7.84 -0.74 1.07
C LEU A 25 7.99 -2.19 1.54
N VAL A 26 7.19 -2.58 2.52
CA VAL A 26 7.23 -3.94 3.05
C VAL A 26 6.89 -4.96 1.96
N VAL A 27 5.85 -4.68 1.19
CA VAL A 27 5.42 -5.57 0.12
C VAL A 27 6.50 -5.69 -0.95
N ALA A 28 7.12 -4.57 -1.28
CA ALA A 28 8.17 -4.54 -2.29
C ALA A 28 9.34 -5.46 -1.89
N LEU A 29 9.70 -5.43 -0.62
CA LEU A 29 10.79 -6.25 -0.11
C LEU A 29 10.43 -7.74 -0.18
N GLY A 30 9.18 -8.05 0.13
CA GLY A 30 8.73 -9.43 0.10
C GLY A 30 8.77 -10.03 -1.30
N ILE A 31 8.22 -9.29 -2.26
CA ILE A 31 8.20 -9.76 -3.64
C ILE A 31 9.61 -9.98 -4.17
N GLY A 32 10.44 -8.94 -4.10
CA GLY A 32 11.81 -9.04 -4.57
C GLY A 32 12.51 -10.27 -4.04
N LEU A 33 12.64 -10.34 -2.72
CA LEU A 33 13.31 -11.48 -2.08
C LEU A 33 12.72 -12.80 -2.56
N PHE A 34 11.43 -12.79 -2.85
CA PHE A 34 10.74 -13.98 -3.33
C PHE A 34 11.31 -14.44 -4.67
N MET A 35 11.53 -13.49 -5.56
CA MET A 35 12.07 -13.79 -6.88
C MET A 35 13.55 -14.18 -6.78
N ARG A 36 14.29 -13.49 -5.92
CA ARG A 36 15.70 -13.77 -5.74
C ARG A 36 15.92 -15.18 -5.22
N ARG A 37 15.05 -15.61 -4.32
CA ARG A 37 15.14 -16.95 -3.74
C ARG A 37 15.08 -18.02 -4.83
N ARG A 38 14.15 -17.85 -5.77
CA ARG A 38 13.98 -18.79 -6.86
C ARG A 38 13.99 -18.07 -8.21
N HIS A 39 15.05 -18.29 -8.97
CA HIS A 39 15.18 -17.66 -10.29
C HIS A 39 14.18 -18.26 -11.27
N ILE A 40 14.10 -17.66 -12.46
CA ILE A 40 13.18 -18.13 -13.49
C ILE A 40 13.25 -17.26 -14.73
N VAL A 41 13.31 -17.89 -15.90
CA VAL A 41 13.38 -17.17 -17.16
C VAL A 41 12.26 -17.59 -18.10
N ARG A 42 11.77 -16.65 -18.90
CA ARG A 42 10.69 -16.93 -19.84
C ARG A 42 11.22 -17.70 -21.04
N LYS A 43 10.30 -18.05 -21.96
CA LYS A 43 10.68 -18.79 -23.15
C LYS A 43 9.94 -18.26 -24.38
N ARG A 44 10.63 -18.22 -25.52
CA ARG A 44 10.04 -17.74 -26.75
C ARG A 44 8.72 -18.45 -27.04
N GLU B 1 -16.16 -15.15 30.16
CA GLU B 1 -17.25 -16.09 29.96
C GLU B 1 -17.05 -16.90 28.69
N GLY B 2 -16.65 -16.21 27.62
CA GLY B 2 -16.42 -16.89 26.34
C GLY B 2 -17.13 -16.22 25.20
N CYS B 3 -16.36 -15.64 24.27
CA CYS B 3 -16.94 -14.96 23.12
C CYS B 3 -15.96 -14.98 21.94
N PRO B 4 -16.50 -14.76 20.73
CA PRO B 4 -15.70 -14.74 19.50
C PRO B 4 -14.77 -13.53 19.43
N THR B 5 -15.33 -12.35 19.71
CA THR B 5 -14.55 -11.12 19.66
C THR B 5 -15.22 -10.02 20.49
N ASN B 6 -14.42 -9.06 20.95
CA ASN B 6 -14.94 -7.95 21.75
C ASN B 6 -14.04 -6.73 21.64
N GLY B 7 -14.65 -5.55 21.67
CA GLY B 7 -13.88 -4.32 21.56
C GLY B 7 -14.72 -3.17 21.06
N PRO B 8 -14.12 -1.96 21.05
CA PRO B 8 -14.79 -0.75 20.58
C PRO B 8 -15.03 -0.75 19.08
N LYS B 9 -15.52 0.38 18.56
CA LYS B 9 -15.79 0.50 17.13
C LYS B 9 -14.50 0.76 16.36
N ILE B 10 -14.57 0.65 15.03
CA ILE B 10 -13.41 0.87 14.18
C ILE B 10 -12.85 2.28 14.38
N PRO B 11 -11.63 2.35 14.94
CA PRO B 11 -10.96 3.63 15.20
C PRO B 11 -10.51 4.31 13.92
N SER B 12 -9.74 5.39 14.06
CA SER B 12 -9.25 6.14 12.91
C SER B 12 -8.02 5.46 12.30
N ILE B 13 -7.19 4.89 13.17
CA ILE B 13 -5.98 4.21 12.72
C ILE B 13 -6.30 3.15 11.67
N ALA B 14 -7.47 2.53 11.79
CA ALA B 14 -7.89 1.51 10.85
C ALA B 14 -7.77 2.00 9.41
N THR B 15 -7.89 3.31 9.22
CA THR B 15 -7.79 3.91 7.90
C THR B 15 -6.55 3.41 7.15
N GLY B 16 -5.49 3.12 7.91
CA GLY B 16 -4.27 2.62 7.31
C GLY B 16 -4.46 1.32 6.58
N MET B 17 -5.38 0.49 7.07
CA MET B 17 -5.66 -0.80 6.45
C MET B 17 -6.33 -0.61 5.09
N VAL B 18 -7.38 0.21 5.07
CA VAL B 18 -8.10 0.48 3.83
C VAL B 18 -7.23 1.19 2.81
N GLY B 19 -6.64 2.31 3.23
CA GLY B 19 -5.79 3.06 2.34
C GLY B 19 -4.64 2.23 1.78
N ALA B 20 -4.11 1.34 2.61
CA ALA B 20 -3.01 0.48 2.19
C ALA B 20 -3.44 -0.47 1.08
N LEU B 21 -4.57 -1.16 1.29
CA LEU B 21 -5.09 -2.10 0.31
C LEU B 21 -5.35 -1.40 -1.02
N LEU B 22 -6.06 -0.27 -0.97
CA LEU B 22 -6.37 0.49 -2.16
C LEU B 22 -5.12 0.81 -2.96
N LEU B 23 -4.17 1.49 -2.31
CA LEU B 23 -2.92 1.85 -2.97
C LEU B 23 -2.17 0.61 -3.45
N LEU B 24 -2.15 -0.43 -2.62
CA LEU B 24 -1.48 -1.67 -2.97
C LEU B 24 -1.89 -2.15 -4.36
N LEU B 25 -3.20 -2.16 -4.61
CA LEU B 25 -3.72 -2.60 -5.90
C LEU B 25 -3.32 -1.62 -7.00
N VAL B 26 -3.36 -0.32 -6.68
CA VAL B 26 -3.00 0.72 -7.65
C VAL B 26 -1.55 0.58 -8.09
N VAL B 27 -0.66 0.35 -7.12
CA VAL B 27 0.75 0.20 -7.41
C VAL B 27 1.01 -1.03 -8.29
N ALA B 28 0.31 -2.12 -7.98
CA ALA B 28 0.46 -3.36 -8.73
C ALA B 28 0.10 -3.16 -10.20
N LEU B 29 -0.95 -2.39 -10.44
CA LEU B 29 -1.39 -2.12 -11.81
C LEU B 29 -0.37 -1.27 -12.56
N GLY B 30 0.22 -0.30 -11.85
CA GLY B 30 1.21 0.56 -12.46
C GLY B 30 2.45 -0.20 -12.89
N ILE B 31 2.99 -1.01 -11.99
CA ILE B 31 4.18 -1.79 -12.28
C ILE B 31 3.95 -2.73 -13.47
N GLY B 32 2.92 -3.57 -13.36
CA GLY B 32 2.62 -4.49 -14.44
C GLY B 32 2.57 -3.82 -15.80
N LEU B 33 1.65 -2.88 -15.95
CA LEU B 33 1.50 -2.15 -17.20
C LEU B 33 2.83 -1.59 -17.67
N PHE B 34 3.67 -1.20 -16.72
CA PHE B 34 4.99 -0.64 -17.03
C PHE B 34 5.85 -1.67 -17.75
N MET B 35 5.83 -2.91 -17.26
CA MET B 35 6.61 -3.98 -17.86
C MET B 35 6.06 -4.36 -19.23
N ARG B 36 4.73 -4.35 -19.35
CA ARG B 36 4.07 -4.70 -20.60
C ARG B 36 4.49 -3.74 -21.72
N ARG B 37 4.62 -2.46 -21.37
CA ARG B 37 5.01 -1.45 -22.34
C ARG B 37 6.34 -1.80 -23.00
N ARG B 38 7.29 -2.28 -22.20
CA ARG B 38 8.60 -2.65 -22.70
C ARG B 38 8.96 -4.07 -22.28
N HIS B 39 8.99 -4.98 -23.24
CA HIS B 39 9.32 -6.38 -22.97
C HIS B 39 10.79 -6.52 -22.60
N ILE B 40 11.18 -7.72 -22.18
CA ILE B 40 12.56 -7.99 -21.79
C ILE B 40 12.73 -9.42 -21.32
N VAL B 41 13.76 -10.09 -21.80
CA VAL B 41 14.05 -11.47 -21.43
C VAL B 41 15.46 -11.62 -20.86
N ARG B 42 15.61 -12.51 -19.89
CA ARG B 42 16.91 -12.74 -19.27
C ARG B 42 17.81 -13.57 -20.18
N LYS B 43 19.04 -13.82 -19.73
CA LYS B 43 19.99 -14.59 -20.49
C LYS B 43 20.76 -15.56 -19.61
N ARG B 44 21.02 -16.75 -20.12
CA ARG B 44 21.75 -17.78 -19.37
C ARG B 44 23.06 -17.21 -18.83
N GLU A 1 -5.35 36.51 -15.96
CA GLU A 1 -5.38 37.10 -14.64
C GLU A 1 -4.56 36.28 -13.64
N GLY A 2 -5.01 35.06 -13.38
CA GLY A 2 -4.31 34.19 -12.46
C GLY A 2 -4.92 34.20 -11.08
N CYS A 3 -4.73 33.12 -10.33
CA CYS A 3 -5.27 33.01 -8.98
C CYS A 3 -4.37 32.13 -8.11
N PRO A 4 -4.53 32.27 -6.78
CA PRO A 4 -3.74 31.50 -5.82
C PRO A 4 -4.13 30.03 -5.80
N THR A 5 -3.60 29.29 -4.82
CA THR A 5 -3.89 27.87 -4.69
C THR A 5 -4.43 27.54 -3.31
N ASN A 6 -5.17 26.44 -3.23
CA ASN A 6 -5.76 26.02 -1.96
C ASN A 6 -4.94 24.89 -1.32
N GLY A 7 -5.38 24.42 -0.16
CA GLY A 7 -4.67 23.36 0.53
C GLY A 7 -5.13 23.18 1.96
N PRO A 8 -6.33 22.60 2.12
CA PRO A 8 -6.91 22.36 3.45
C PRO A 8 -6.16 21.28 4.23
N LYS A 9 -6.70 20.91 5.39
CA LYS A 9 -6.09 19.89 6.22
C LYS A 9 -6.76 18.54 6.03
N ILE A 10 -6.25 17.52 6.71
CA ILE A 10 -6.82 16.18 6.61
C ILE A 10 -7.00 15.55 7.99
N PRO A 11 -8.19 14.96 8.22
CA PRO A 11 -8.52 14.32 9.50
C PRO A 11 -7.73 13.04 9.73
N SER A 12 -8.14 12.27 10.72
CA SER A 12 -7.46 11.02 11.05
C SER A 12 -7.30 10.14 9.81
N ILE A 13 -8.24 10.29 8.87
CA ILE A 13 -8.21 9.51 7.64
C ILE A 13 -6.83 9.58 6.98
N ALA A 14 -6.14 10.69 7.18
CA ALA A 14 -4.80 10.87 6.61
C ALA A 14 -3.90 9.69 6.94
N THR A 15 -4.18 9.05 8.07
CA THR A 15 -3.39 7.89 8.50
C THR A 15 -3.18 6.90 7.36
N GLY A 16 -4.18 6.82 6.47
CA GLY A 16 -4.10 5.91 5.34
C GLY A 16 -2.84 6.13 4.52
N MET A 17 -2.40 7.39 4.44
CA MET A 17 -1.22 7.73 3.67
C MET A 17 0.04 7.11 4.28
N VAL A 18 0.26 7.39 5.56
CA VAL A 18 1.42 6.84 6.27
C VAL A 18 1.45 5.32 6.19
N GLY A 19 0.33 4.70 6.58
CA GLY A 19 0.25 3.25 6.54
C GLY A 19 0.47 2.68 5.16
N ALA A 20 0.03 3.42 4.15
CA ALA A 20 0.19 2.98 2.76
C ALA A 20 1.66 2.93 2.36
N LEU A 21 2.39 4.01 2.64
CA LEU A 21 3.81 4.09 2.31
C LEU A 21 4.58 2.98 3.02
N LEU A 22 4.38 2.85 4.32
CA LEU A 22 5.06 1.83 5.10
C LEU A 22 4.86 0.46 4.49
N LEU A 23 3.60 0.06 4.34
CA LEU A 23 3.29 -1.25 3.77
C LEU A 23 3.84 -1.38 2.35
N LEU A 24 3.71 -0.30 1.57
CA LEU A 24 4.20 -0.30 0.20
C LEU A 24 5.64 -0.79 0.14
N LEU A 25 6.48 -0.25 1.00
CA LEU A 25 7.89 -0.65 1.05
C LEU A 25 8.04 -2.09 1.51
N VAL A 26 7.23 -2.48 2.48
CA VAL A 26 7.27 -3.84 3.01
C VAL A 26 6.93 -4.87 1.93
N VAL A 27 5.89 -4.58 1.15
CA VAL A 27 5.45 -5.46 0.08
C VAL A 27 6.54 -5.59 -0.99
N ALA A 28 7.17 -4.47 -1.31
CA ALA A 28 8.22 -4.45 -2.32
C ALA A 28 9.38 -5.37 -1.92
N LEU A 29 9.73 -5.34 -0.65
CA LEU A 29 10.83 -6.16 -0.14
C LEU A 29 10.46 -7.65 -0.21
N GLY A 30 9.20 -7.96 0.10
CA GLY A 30 8.74 -9.34 0.07
C GLY A 30 8.79 -9.93 -1.32
N ILE A 31 8.25 -9.20 -2.29
CA ILE A 31 8.23 -9.66 -3.68
C ILE A 31 9.64 -9.90 -4.20
N GLY A 32 10.47 -8.86 -4.12
CA GLY A 32 11.84 -8.97 -4.60
C GLY A 32 12.53 -10.20 -4.05
N LEU A 33 12.67 -10.27 -2.73
CA LEU A 33 13.32 -11.40 -2.09
C LEU A 33 12.73 -12.72 -2.57
N PHE A 34 11.43 -12.71 -2.86
CA PHE A 34 10.75 -13.91 -3.34
C PHE A 34 11.31 -14.36 -4.67
N MET A 35 11.54 -13.42 -5.58
CA MET A 35 12.09 -13.73 -6.89
C MET A 35 13.53 -14.22 -6.78
N ARG A 36 14.28 -13.65 -5.85
CA ARG A 36 15.67 -14.03 -5.64
C ARG A 36 15.77 -15.47 -5.15
N ARG A 37 14.81 -15.88 -4.32
CA ARG A 37 14.80 -17.23 -3.79
C ARG A 37 14.79 -18.27 -4.90
N ARG A 38 13.90 -18.08 -5.87
CA ARG A 38 13.79 -19.00 -6.99
C ARG A 38 15.08 -19.01 -7.81
N HIS A 39 15.69 -17.85 -7.95
CA HIS A 39 16.94 -17.73 -8.70
C HIS A 39 17.99 -18.71 -8.18
N ILE A 40 19.11 -18.82 -8.89
CA ILE A 40 20.19 -19.71 -8.49
C ILE A 40 21.35 -19.64 -9.48
N VAL A 41 22.56 -19.43 -8.95
CA VAL A 41 23.74 -19.34 -9.79
C VAL A 41 24.33 -20.73 -10.05
N ARG A 42 24.92 -20.89 -11.23
CA ARG A 42 25.52 -22.16 -11.61
C ARG A 42 26.63 -22.56 -10.65
N LYS A 43 27.30 -23.67 -10.94
CA LYS A 43 28.37 -24.16 -10.09
C LYS A 43 29.44 -24.87 -10.93
N ARG A 44 30.70 -24.66 -10.57
CA ARG A 44 31.81 -25.27 -11.29
C ARG A 44 31.98 -26.73 -10.88
N GLU B 1 2.94 -26.36 29.38
CA GLU B 1 1.62 -26.00 29.88
C GLU B 1 0.73 -25.48 28.75
N GLY B 2 1.12 -24.33 28.19
CA GLY B 2 0.36 -23.74 27.11
C GLY B 2 -0.59 -22.66 27.60
N CYS B 3 -0.93 -21.72 26.71
CA CYS B 3 -1.82 -20.63 27.06
C CYS B 3 -2.60 -20.16 25.84
N PRO B 4 -3.71 -19.46 26.08
CA PRO B 4 -4.57 -18.94 25.00
C PRO B 4 -3.91 -17.79 24.24
N THR B 5 -4.68 -17.14 23.39
CA THR B 5 -4.18 -16.04 22.59
C THR B 5 -5.02 -14.78 22.79
N ASN B 6 -4.41 -13.61 22.57
CA ASN B 6 -5.11 -12.34 22.73
C ASN B 6 -5.50 -11.76 21.37
N GLY B 7 -6.13 -10.59 21.39
CA GLY B 7 -6.54 -9.95 20.16
C GLY B 7 -7.46 -8.77 20.40
N PRO B 8 -6.90 -7.67 20.92
CA PRO B 8 -7.66 -6.45 21.21
C PRO B 8 -8.13 -5.74 19.94
N LYS B 9 -8.65 -4.54 20.11
CA LYS B 9 -9.13 -3.75 18.98
C LYS B 9 -8.06 -2.77 18.52
N ILE B 10 -8.39 -1.99 17.49
CA ILE B 10 -7.46 -0.99 16.95
C ILE B 10 -8.13 0.37 16.80
N PRO B 11 -7.44 1.42 17.27
CA PRO B 11 -7.96 2.79 17.19
C PRO B 11 -7.99 3.31 15.76
N SER B 12 -8.17 4.62 15.61
CA SER B 12 -8.23 5.25 14.30
C SER B 12 -7.03 4.84 13.45
N ILE B 13 -5.91 4.56 14.12
CA ILE B 13 -4.69 4.16 13.42
C ILE B 13 -4.97 3.04 12.42
N ALA B 14 -5.97 2.22 12.73
CA ALA B 14 -6.34 1.11 11.86
C ALA B 14 -6.55 1.59 10.43
N THR B 15 -6.94 2.84 10.28
CA THR B 15 -7.18 3.43 8.97
C THR B 15 -6.02 3.12 8.01
N GLY B 16 -4.82 3.03 8.57
CA GLY B 16 -3.65 2.74 7.74
C GLY B 16 -3.81 1.47 6.95
N MET B 17 -4.52 0.50 7.51
CA MET B 17 -4.73 -0.78 6.85
C MET B 17 -5.58 -0.60 5.59
N VAL B 18 -6.75 0.02 5.75
CA VAL B 18 -7.65 0.25 4.63
C VAL B 18 -6.95 1.02 3.51
N GLY B 19 -6.34 2.14 3.87
CA GLY B 19 -5.64 2.94 2.88
C GLY B 19 -4.52 2.18 2.19
N ALA B 20 -3.88 1.28 2.93
CA ALA B 20 -2.80 0.47 2.37
C ALA B 20 -3.31 -0.48 1.30
N LEU B 21 -4.39 -1.20 1.61
CA LEU B 21 -4.97 -2.14 0.66
C LEU B 21 -5.41 -1.43 -0.61
N LEU B 22 -6.14 -0.34 -0.46
CA LEU B 22 -6.62 0.43 -1.60
C LEU B 22 -5.46 0.81 -2.52
N LEU B 23 -4.49 1.52 -1.97
CA LEU B 23 -3.32 1.94 -2.73
C LEU B 23 -2.58 0.74 -3.32
N LEU B 24 -2.44 -0.31 -2.52
CA LEU B 24 -1.76 -1.52 -2.95
C LEU B 24 -2.29 -1.98 -4.31
N LEU B 25 -3.61 -2.06 -4.42
CA LEU B 25 -4.24 -2.48 -5.67
C LEU B 25 -4.01 -1.46 -6.78
N VAL B 26 -4.07 -0.18 -6.42
CA VAL B 26 -3.86 0.89 -7.39
C VAL B 26 -2.45 0.81 -7.99
N VAL B 27 -1.46 0.61 -7.14
CA VAL B 27 -0.07 0.52 -7.57
C VAL B 27 0.13 -0.68 -8.49
N ALA B 28 -0.49 -1.80 -8.14
CA ALA B 28 -0.37 -3.02 -8.93
C ALA B 28 -0.88 -2.80 -10.35
N LEU B 29 -1.99 -2.08 -10.47
CA LEU B 29 -2.58 -1.80 -11.78
C LEU B 29 -1.68 -0.90 -12.60
N GLY B 30 -1.06 0.07 -11.94
CA GLY B 30 -0.17 1.00 -12.63
C GLY B 30 1.05 0.30 -13.21
N ILE B 31 1.71 -0.51 -12.38
CA ILE B 31 2.89 -1.23 -12.82
C ILE B 31 2.58 -2.14 -14.00
N GLY B 32 1.61 -3.03 -13.81
CA GLY B 32 1.22 -3.95 -14.86
C GLY B 32 1.00 -3.25 -16.19
N LEU B 33 0.03 -2.34 -16.22
CA LEU B 33 -0.28 -1.61 -17.44
C LEU B 33 0.98 -0.98 -18.03
N PHE B 34 1.89 -0.57 -17.16
CA PHE B 34 3.15 0.04 -17.59
C PHE B 34 3.97 -0.93 -18.43
N MET B 35 4.05 -2.17 -17.97
CA MET B 35 4.81 -3.20 -18.67
C MET B 35 4.15 -3.55 -20.00
N ARG B 36 2.83 -3.54 -20.03
CA ARG B 36 2.08 -3.85 -21.24
C ARG B 36 2.33 -2.81 -22.32
N ARG B 37 2.45 -1.54 -21.91
CA ARG B 37 2.71 -0.46 -22.85
C ARG B 37 4.00 -0.68 -23.61
N ARG B 38 5.07 -0.98 -22.88
CA ARG B 38 6.37 -1.21 -23.48
C ARG B 38 6.33 -2.42 -24.41
N HIS B 39 5.58 -3.45 -24.00
CA HIS B 39 5.46 -4.68 -24.79
C HIS B 39 4.99 -4.35 -26.21
N ILE B 40 5.00 -5.37 -27.07
CA ILE B 40 4.58 -5.20 -28.46
C ILE B 40 4.68 -6.51 -29.22
N VAL B 41 3.59 -6.88 -29.89
CA VAL B 41 3.56 -8.12 -30.66
C VAL B 41 4.11 -7.89 -32.08
N ARG B 42 4.75 -8.91 -32.63
CA ARG B 42 5.32 -8.83 -33.97
C ARG B 42 4.22 -8.58 -35.01
N LYS B 43 4.62 -8.51 -36.28
CA LYS B 43 3.67 -8.29 -37.36
C LYS B 43 4.13 -8.98 -38.64
N ARG B 44 3.18 -9.54 -39.38
CA ARG B 44 3.49 -10.24 -40.62
C ARG B 44 3.72 -9.24 -41.75
N GLU A 1 8.77 42.06 6.81
CA GLU A 1 7.71 41.98 5.81
C GLU A 1 6.87 40.72 6.01
N GLY A 2 7.53 39.62 6.37
CA GLY A 2 6.82 38.38 6.57
C GLY A 2 7.58 37.43 7.49
N CYS A 3 6.95 36.32 7.84
CA CYS A 3 7.57 35.34 8.72
C CYS A 3 6.92 33.97 8.54
N PRO A 4 7.68 32.91 8.89
CA PRO A 4 7.21 31.52 8.77
C PRO A 4 6.10 31.20 9.78
N THR A 5 5.41 30.09 9.55
CA THR A 5 4.33 29.67 10.44
C THR A 5 4.29 28.15 10.56
N ASN A 6 3.90 27.66 11.73
CA ASN A 6 3.81 26.23 11.98
C ASN A 6 2.40 25.73 11.75
N GLY A 7 2.25 24.41 11.62
CA GLY A 7 0.94 23.82 11.40
C GLY A 7 0.49 22.98 12.56
N PRO A 8 -0.81 22.63 12.57
CA PRO A 8 -1.41 21.81 13.63
C PRO A 8 -0.91 20.37 13.61
N LYS A 9 -1.52 19.52 14.43
CA LYS A 9 -1.14 18.11 14.49
C LYS A 9 -1.70 17.34 13.30
N ILE A 10 -1.20 16.13 13.10
CA ILE A 10 -1.66 15.29 12.00
C ILE A 10 -3.08 14.78 12.25
N PRO A 11 -3.94 14.89 11.23
CA PRO A 11 -5.33 14.45 11.31
C PRO A 11 -5.45 12.93 11.38
N SER A 12 -6.68 12.43 11.27
CA SER A 12 -6.93 10.99 11.32
C SER A 12 -6.84 10.38 9.93
N ILE A 13 -7.29 11.12 8.92
CA ILE A 13 -7.25 10.65 7.55
C ILE A 13 -5.82 10.46 7.07
N ALA A 14 -4.92 11.33 7.54
CA ALA A 14 -3.52 11.26 7.16
C ALA A 14 -2.95 9.86 7.39
N THR A 15 -3.52 9.15 8.35
CA THR A 15 -3.08 7.80 8.66
C THR A 15 -2.97 6.95 7.40
N GLY A 16 -3.83 7.23 6.42
CA GLY A 16 -3.82 6.48 5.19
C GLY A 16 -2.49 6.60 4.46
N MET A 17 -1.86 7.77 4.56
CA MET A 17 -0.59 8.00 3.91
C MET A 17 0.53 7.20 4.57
N VAL A 18 0.67 7.37 5.89
CA VAL A 18 1.69 6.67 6.65
C VAL A 18 1.56 5.16 6.47
N GLY A 19 0.36 4.64 6.68
CA GLY A 19 0.12 3.22 6.53
C GLY A 19 0.46 2.71 5.15
N ALA A 20 0.09 3.49 4.13
CA ALA A 20 0.35 3.12 2.75
C ALA A 20 1.85 2.98 2.49
N LEU A 21 2.62 3.95 2.97
CA LEU A 21 4.07 3.93 2.78
C LEU A 21 4.68 2.68 3.41
N LEU A 22 4.32 2.42 4.66
CA LEU A 22 4.83 1.26 5.38
C LEU A 22 4.58 -0.02 4.59
N LEU A 23 3.33 -0.28 4.27
CA LEU A 23 2.95 -1.48 3.52
C LEU A 23 3.64 -1.49 2.16
N LEU A 24 3.68 -0.33 1.51
CA LEU A 24 4.32 -0.21 0.20
C LEU A 24 5.71 -0.83 0.21
N LEU A 25 6.50 -0.47 1.21
CA LEU A 25 7.86 -0.99 1.34
C LEU A 25 7.84 -2.49 1.63
N VAL A 26 6.90 -2.92 2.47
CA VAL A 26 6.77 -4.32 2.83
C VAL A 26 6.47 -5.18 1.60
N VAL A 27 5.55 -4.71 0.78
CA VAL A 27 5.16 -5.43 -0.44
C VAL A 27 6.33 -5.54 -1.41
N ALA A 28 7.08 -4.44 -1.54
CA ALA A 28 8.23 -4.40 -2.43
C ALA A 28 9.26 -5.47 -2.04
N LEU A 29 9.48 -5.61 -0.75
CA LEU A 29 10.44 -6.59 -0.24
C LEU A 29 9.97 -8.01 -0.52
N GLY A 30 8.67 -8.24 -0.36
CA GLY A 30 8.12 -9.56 -0.61
C GLY A 30 8.26 -9.99 -2.06
N ILE A 31 7.88 -9.12 -2.98
CA ILE A 31 7.97 -9.41 -4.40
C ILE A 31 9.41 -9.71 -4.81
N GLY A 32 10.30 -8.76 -4.54
CA GLY A 32 11.70 -8.95 -4.88
C GLY A 32 12.24 -10.29 -4.42
N LEU A 33 12.23 -10.52 -3.12
CA LEU A 33 12.72 -11.77 -2.56
C LEU A 33 12.08 -12.97 -3.25
N PHE A 34 10.83 -12.81 -3.67
CA PHE A 34 10.10 -13.87 -4.35
C PHE A 34 10.78 -14.23 -5.67
N MET A 35 11.18 -13.21 -6.41
CA MET A 35 11.83 -13.40 -7.71
C MET A 35 13.21 -14.04 -7.52
N ARG A 36 13.94 -13.58 -6.52
CA ARG A 36 15.27 -14.10 -6.23
C ARG A 36 15.20 -15.56 -5.78
N ARG A 37 14.28 -15.84 -4.86
CA ARG A 37 14.11 -17.19 -4.33
C ARG A 37 15.45 -17.77 -3.89
N ARG A 38 16.34 -16.91 -3.42
CA ARG A 38 17.66 -17.34 -2.96
C ARG A 38 17.54 -18.34 -1.82
N HIS A 39 16.62 -18.06 -0.89
CA HIS A 39 16.41 -18.95 0.25
C HIS A 39 15.98 -20.34 -0.21
N ILE A 40 15.91 -21.27 0.73
CA ILE A 40 15.52 -22.64 0.43
C ILE A 40 15.50 -23.51 1.68
N VAL A 41 14.35 -24.10 1.97
CA VAL A 41 14.20 -24.95 3.14
C VAL A 41 13.80 -26.37 2.74
N ARG A 42 13.99 -27.32 3.66
CA ARG A 42 13.64 -28.71 3.41
C ARG A 42 12.64 -29.21 4.44
N LYS A 43 12.12 -30.42 4.21
CA LYS A 43 11.16 -31.03 5.12
C LYS A 43 11.42 -32.52 5.27
N ARG A 44 11.72 -32.94 6.50
CA ARG A 44 11.99 -34.34 6.79
C ARG A 44 10.75 -35.19 6.53
N GLU B 1 -28.77 -21.86 20.84
CA GLU B 1 -27.51 -22.02 21.55
C GLU B 1 -26.63 -20.79 21.39
N GLY B 2 -26.65 -20.21 20.20
CA GLY B 2 -25.84 -19.03 19.94
C GLY B 2 -26.39 -18.20 18.79
N CYS B 3 -25.79 -17.03 18.57
CA CYS B 3 -26.23 -16.15 17.50
C CYS B 3 -25.10 -15.19 17.10
N PRO B 4 -25.19 -14.68 15.86
CA PRO B 4 -24.18 -13.75 15.33
C PRO B 4 -24.24 -12.39 16.00
N THR B 5 -23.19 -11.59 15.79
CA THR B 5 -23.12 -10.26 16.38
C THR B 5 -22.43 -9.28 15.44
N ASN B 6 -22.87 -8.03 15.47
CA ASN B 6 -22.30 -6.99 14.62
C ASN B 6 -21.21 -6.22 15.36
N GLY B 7 -20.39 -5.50 14.61
CA GLY B 7 -19.32 -4.72 15.21
C GLY B 7 -19.53 -3.23 15.06
N PRO B 8 -18.75 -2.43 15.81
CA PRO B 8 -18.83 -0.97 15.78
C PRO B 8 -18.33 -0.39 14.46
N LYS B 9 -18.23 0.93 14.40
CA LYS B 9 -17.76 1.61 13.21
C LYS B 9 -16.24 1.51 13.07
N ILE B 10 -15.73 1.83 11.89
CA ILE B 10 -14.29 1.78 11.65
C ILE B 10 -13.57 2.90 12.38
N PRO B 11 -12.47 2.54 13.05
CA PRO B 11 -11.66 3.50 13.81
C PRO B 11 -10.90 4.47 12.90
N SER B 12 -9.99 5.24 13.49
CA SER B 12 -9.21 6.21 12.74
C SER B 12 -7.94 5.57 12.21
N ILE B 13 -7.36 4.67 12.99
CA ILE B 13 -6.13 3.98 12.61
C ILE B 13 -6.36 3.08 11.39
N ALA B 14 -7.56 2.49 11.33
CA ALA B 14 -7.91 1.61 10.23
C ALA B 14 -7.66 2.28 8.89
N THR B 15 -7.74 3.61 8.86
CA THR B 15 -7.53 4.38 7.64
C THR B 15 -6.25 3.95 6.94
N GLY B 16 -5.25 3.53 7.73
CA GLY B 16 -3.99 3.11 7.16
C GLY B 16 -4.14 1.91 6.24
N MET B 17 -5.08 1.03 6.57
CA MET B 17 -5.32 -0.16 5.77
C MET B 17 -5.97 0.21 4.44
N VAL B 18 -7.09 0.94 4.50
CA VAL B 18 -7.80 1.35 3.30
C VAL B 18 -6.89 2.15 2.37
N GLY B 19 -6.23 3.16 2.92
CA GLY B 19 -5.34 3.99 2.13
C GLY B 19 -4.22 3.18 1.50
N ALA B 20 -3.67 2.24 2.24
CA ALA B 20 -2.59 1.40 1.74
C ALA B 20 -3.04 0.59 0.53
N LEU B 21 -4.21 -0.02 0.64
CA LEU B 21 -4.76 -0.82 -0.45
C LEU B 21 -4.92 0.00 -1.72
N LEU B 22 -5.56 1.17 -1.58
CA LEU B 22 -5.78 2.06 -2.70
C LEU B 22 -4.47 2.37 -3.42
N LEU B 23 -3.51 2.92 -2.69
CA LEU B 23 -2.21 3.26 -3.24
C LEU B 23 -1.53 2.02 -3.82
N LEU B 24 -1.61 0.92 -3.09
CA LEU B 24 -0.99 -0.33 -3.53
C LEU B 24 -1.37 -0.65 -4.97
N LEU B 25 -2.66 -0.56 -5.28
CA LEU B 25 -3.16 -0.83 -6.62
C LEU B 25 -2.65 0.22 -7.61
N VAL B 26 -2.63 1.48 -7.17
CA VAL B 26 -2.16 2.57 -8.00
C VAL B 26 -0.70 2.38 -8.41
N VAL B 27 0.12 2.01 -7.44
CA VAL B 27 1.54 1.79 -7.70
C VAL B 27 1.76 0.64 -8.66
N ALA B 28 0.98 -0.43 -8.49
CA ALA B 28 1.09 -1.60 -9.35
C ALA B 28 0.81 -1.23 -10.80
N LEU B 29 -0.19 -0.39 -11.02
CA LEU B 29 -0.56 0.04 -12.37
C LEU B 29 0.55 0.88 -12.98
N GLY B 30 1.16 1.74 -12.17
CA GLY B 30 2.23 2.59 -12.66
C GLY B 30 3.45 1.80 -13.13
N ILE B 31 3.89 0.87 -12.29
CA ILE B 31 5.04 0.04 -12.61
C ILE B 31 4.81 -0.76 -13.89
N GLY B 32 3.73 -1.53 -13.90
CA GLY B 32 3.41 -2.34 -15.06
C GLY B 32 3.45 -1.53 -16.35
N LEU B 33 2.59 -0.53 -16.44
CA LEU B 33 2.53 0.32 -17.63
C LEU B 33 3.92 0.84 -17.99
N PHE B 34 4.74 1.07 -16.99
CA PHE B 34 6.10 1.57 -17.20
C PHE B 34 6.93 0.56 -17.98
N MET B 35 6.82 -0.70 -17.62
CA MET B 35 7.55 -1.77 -18.29
C MET B 35 7.05 -1.97 -19.71
N ARG B 36 5.72 -1.95 -19.87
CA ARG B 36 5.11 -2.13 -21.17
C ARG B 36 5.44 -0.97 -22.10
N ARG B 37 5.29 0.25 -21.59
CA ARG B 37 5.58 1.45 -22.38
C ARG B 37 4.87 1.39 -23.74
N ARG B 38 3.71 0.75 -23.77
CA ARG B 38 2.95 0.62 -24.99
C ARG B 38 2.58 1.99 -25.56
N HIS B 39 2.18 2.90 -24.67
CA HIS B 39 1.81 4.24 -25.08
C HIS B 39 2.97 4.95 -25.77
N ILE B 40 2.70 6.12 -26.33
CA ILE B 40 3.72 6.90 -27.02
C ILE B 40 3.16 8.21 -27.56
N VAL B 41 3.77 9.31 -27.15
CA VAL B 41 3.33 10.64 -27.60
C VAL B 41 4.45 11.37 -28.33
N ARG B 42 4.07 12.39 -29.11
CA ARG B 42 5.04 13.16 -29.86
C ARG B 42 4.96 14.64 -29.48
N LYS B 43 5.90 15.43 -30.00
CA LYS B 43 5.94 16.86 -29.72
C LYS B 43 6.34 17.65 -30.95
N ARG B 44 5.44 18.51 -31.43
CA ARG B 44 5.71 19.32 -32.60
C ARG B 44 6.85 20.29 -32.35
N GLU A 1 -6.07 42.22 2.26
CA GLU A 1 -5.69 42.32 3.67
C GLU A 1 -4.70 41.23 4.04
N GLY A 2 -4.84 40.06 3.41
CA GLY A 2 -3.94 38.95 3.69
C GLY A 2 -4.62 37.84 4.46
N CYS A 3 -3.92 36.72 4.62
CA CYS A 3 -4.46 35.58 5.34
C CYS A 3 -3.39 34.93 6.22
N PRO A 4 -3.84 34.14 7.20
CA PRO A 4 -2.93 33.45 8.13
C PRO A 4 -2.16 32.32 7.45
N THR A 5 -1.10 31.86 8.11
CA THR A 5 -0.29 30.78 7.57
C THR A 5 -0.15 29.64 8.58
N ASN A 6 -0.23 28.41 8.07
CA ASN A 6 -0.11 27.23 8.93
C ASN A 6 0.82 26.20 8.31
N GLY A 7 1.52 25.45 9.16
CA GLY A 7 2.44 24.42 8.67
C GLY A 7 1.71 23.24 8.07
N PRO A 8 2.48 22.24 7.64
CA PRO A 8 1.93 21.01 7.03
C PRO A 8 1.18 20.15 8.04
N LYS A 9 -0.09 20.46 8.26
CA LYS A 9 -0.90 19.72 9.21
C LYS A 9 -1.85 18.76 8.48
N ILE A 10 -2.11 17.60 9.08
CA ILE A 10 -2.99 16.61 8.49
C ILE A 10 -3.81 15.90 9.55
N PRO A 11 -5.13 15.80 9.32
CA PRO A 11 -6.05 15.13 10.25
C PRO A 11 -5.84 13.62 10.29
N SER A 12 -6.76 12.92 10.93
CA SER A 12 -6.69 11.46 11.05
C SER A 12 -6.43 10.83 9.68
N ILE A 13 -6.95 11.46 8.64
CA ILE A 13 -6.77 10.95 7.28
C ILE A 13 -5.32 10.63 6.99
N ALA A 14 -4.41 11.38 7.62
CA ALA A 14 -2.99 11.16 7.43
C ALA A 14 -2.61 9.69 7.64
N THR A 15 -3.38 9.02 8.48
CA THR A 15 -3.13 7.61 8.77
C THR A 15 -2.97 6.80 7.48
N GLY A 16 -3.69 7.21 6.44
CA GLY A 16 -3.62 6.51 5.17
C GLY A 16 -2.27 6.69 4.51
N MET A 17 -1.66 7.85 4.70
CA MET A 17 -0.35 8.14 4.10
C MET A 17 0.74 7.28 4.73
N VAL A 18 0.69 7.14 6.06
CA VAL A 18 1.67 6.35 6.78
C VAL A 18 1.55 4.87 6.42
N GLY A 19 0.37 4.30 6.65
CA GLY A 19 0.15 2.91 6.34
C GLY A 19 0.44 2.57 4.89
N ALA A 20 0.18 3.53 4.00
CA ALA A 20 0.42 3.33 2.58
C ALA A 20 1.91 3.16 2.30
N LEU A 21 2.73 4.05 2.83
CA LEU A 21 4.16 3.99 2.63
C LEU A 21 4.75 2.75 3.29
N LEU A 22 4.39 2.51 4.53
CA LEU A 22 4.88 1.35 5.28
C LEU A 22 4.61 0.07 4.50
N LEU A 23 3.35 -0.18 4.18
CA LEU A 23 2.97 -1.38 3.44
C LEU A 23 3.65 -1.42 2.08
N LEU A 24 3.71 -0.27 1.42
CA LEU A 24 4.34 -0.17 0.11
C LEU A 24 5.72 -0.81 0.13
N LEU A 25 6.52 -0.46 1.12
CA LEU A 25 7.87 -1.00 1.26
C LEU A 25 7.84 -2.50 1.56
N VAL A 26 6.89 -2.89 2.42
CA VAL A 26 6.74 -4.29 2.79
C VAL A 26 6.42 -5.16 1.58
N VAL A 27 5.50 -4.69 0.75
CA VAL A 27 5.10 -5.41 -0.45
C VAL A 27 6.26 -5.55 -1.42
N ALA A 28 7.03 -4.47 -1.57
CA ALA A 28 8.17 -4.48 -2.47
C ALA A 28 9.19 -5.55 -2.06
N LEU A 29 9.41 -5.69 -0.77
CA LEU A 29 10.35 -6.67 -0.24
C LEU A 29 9.85 -8.09 -0.51
N GLY A 30 8.54 -8.28 -0.35
CA GLY A 30 7.96 -9.60 -0.57
C GLY A 30 8.10 -10.06 -2.01
N ILE A 31 7.73 -9.19 -2.95
CA ILE A 31 7.82 -9.51 -4.36
C ILE A 31 9.24 -9.84 -4.77
N GLY A 32 10.16 -8.91 -4.51
CA GLY A 32 11.55 -9.12 -4.84
C GLY A 32 12.07 -10.47 -4.38
N LEU A 33 12.05 -10.67 -3.06
CA LEU A 33 12.52 -11.93 -2.49
C LEU A 33 11.86 -13.12 -3.16
N PHE A 34 10.60 -12.95 -3.58
CA PHE A 34 9.86 -14.01 -4.23
C PHE A 34 10.53 -14.40 -5.56
N MET A 35 10.94 -13.40 -6.32
CA MET A 35 11.58 -13.64 -7.60
C MET A 35 12.99 -14.18 -7.41
N ARG A 36 13.76 -13.55 -6.53
CA ARG A 36 15.13 -13.98 -6.25
C ARG A 36 15.16 -15.40 -5.70
N ARG A 37 14.43 -15.62 -4.61
CA ARG A 37 14.36 -16.93 -3.98
C ARG A 37 15.77 -17.49 -3.75
N ARG A 38 16.72 -16.60 -3.50
CA ARG A 38 18.11 -17.00 -3.27
C ARG A 38 18.43 -16.97 -1.79
N HIS A 39 19.02 -18.06 -1.29
CA HIS A 39 19.38 -18.16 0.11
C HIS A 39 20.73 -18.87 0.28
N ILE A 40 21.25 -18.87 1.50
CA ILE A 40 22.52 -19.51 1.79
C ILE A 40 22.52 -20.13 3.17
N VAL A 41 23.53 -20.95 3.45
CA VAL A 41 23.65 -21.62 4.75
C VAL A 41 25.09 -21.59 5.24
N ARG A 42 25.26 -21.39 6.55
CA ARG A 42 26.59 -21.35 7.15
C ARG A 42 27.06 -22.75 7.53
N LYS A 43 28.33 -22.86 7.89
CA LYS A 43 28.91 -24.15 8.27
C LYS A 43 28.79 -24.37 9.77
N ARG A 44 28.38 -25.56 10.16
CA ARG A 44 28.23 -25.90 11.57
C ARG A 44 27.29 -24.92 12.27
N GLU B 1 -20.39 -15.21 33.90
CA GLU B 1 -21.60 -14.43 33.67
C GLU B 1 -21.76 -14.12 32.18
N GLY B 2 -20.63 -13.94 31.49
CA GLY B 2 -20.67 -13.64 30.07
C GLY B 2 -20.27 -12.21 29.77
N CYS B 3 -20.12 -11.90 28.49
CA CYS B 3 -19.74 -10.55 28.06
C CYS B 3 -20.52 -10.12 26.83
N PRO B 4 -20.56 -8.81 26.59
CA PRO B 4 -21.28 -8.24 25.43
C PRO B 4 -20.59 -8.57 24.11
N THR B 5 -21.30 -8.38 23.01
CA THR B 5 -20.77 -8.65 21.69
C THR B 5 -20.92 -7.44 20.77
N ASN B 6 -19.89 -7.17 19.97
CA ASN B 6 -19.91 -6.04 19.05
C ASN B 6 -19.40 -6.45 17.68
N GLY B 7 -19.94 -5.82 16.63
CA GLY B 7 -19.52 -6.13 15.29
C GLY B 7 -18.12 -5.63 14.97
N PRO B 8 -17.69 -5.84 13.72
CA PRO B 8 -16.35 -5.41 13.28
C PRO B 8 -16.24 -3.89 13.18
N LYS B 9 -15.91 -3.25 14.29
CA LYS B 9 -15.77 -1.80 14.32
C LYS B 9 -14.30 -1.40 14.29
N ILE B 10 -14.01 -0.26 13.65
CA ILE B 10 -12.65 0.23 13.56
C ILE B 10 -12.61 1.75 13.61
N PRO B 11 -11.71 2.30 14.45
CA PRO B 11 -11.56 3.75 14.60
C PRO B 11 -10.94 4.40 13.37
N SER B 12 -10.55 5.67 13.52
CA SER B 12 -9.95 6.41 12.41
C SER B 12 -8.81 5.60 11.78
N ILE B 13 -8.13 4.81 12.60
CA ILE B 13 -7.03 3.99 12.12
C ILE B 13 -7.41 3.21 10.87
N ALA B 14 -8.69 2.85 10.78
CA ALA B 14 -9.18 2.10 9.63
C ALA B 14 -8.79 2.77 8.33
N THR B 15 -8.64 4.09 8.37
CA THR B 15 -8.26 4.85 7.18
C THR B 15 -7.05 4.24 6.50
N GLY B 16 -6.15 3.66 7.29
CA GLY B 16 -4.96 3.04 6.74
C GLY B 16 -5.27 1.80 5.93
N MET B 17 -6.31 1.07 6.34
CA MET B 17 -6.70 -0.14 5.64
C MET B 17 -7.27 0.18 4.26
N VAL B 18 -8.10 1.21 4.20
CA VAL B 18 -8.72 1.62 2.94
C VAL B 18 -7.67 2.13 1.96
N GLY B 19 -6.93 3.17 2.38
CA GLY B 19 -5.91 3.74 1.52
C GLY B 19 -4.88 2.71 1.09
N ALA B 20 -4.60 1.75 1.96
CA ALA B 20 -3.64 0.70 1.65
C ALA B 20 -4.11 -0.16 0.50
N LEU B 21 -5.35 -0.62 0.57
CA LEU B 21 -5.92 -1.47 -0.47
C LEU B 21 -6.06 -0.70 -1.78
N LEU B 22 -6.63 0.50 -1.69
CA LEU B 22 -6.82 1.34 -2.87
C LEU B 22 -5.49 1.54 -3.62
N LEU B 23 -4.50 2.07 -2.91
CA LEU B 23 -3.19 2.32 -3.50
C LEU B 23 -2.57 1.02 -4.00
N LEU B 24 -2.72 -0.04 -3.21
CA LEU B 24 -2.17 -1.35 -3.58
C LEU B 24 -2.57 -1.72 -5.00
N LEU B 25 -3.86 -1.58 -5.30
CA LEU B 25 -4.37 -1.90 -6.63
C LEU B 25 -3.82 -0.93 -7.68
N VAL B 26 -3.72 0.34 -7.31
CA VAL B 26 -3.22 1.37 -8.21
C VAL B 26 -1.78 1.08 -8.61
N VAL B 27 -0.96 0.72 -7.62
CA VAL B 27 0.45 0.40 -7.86
C VAL B 27 0.60 -0.81 -8.78
N ALA B 28 -0.22 -1.82 -8.53
CA ALA B 28 -0.18 -3.04 -9.34
C ALA B 28 -0.46 -2.74 -10.80
N LEU B 29 -1.41 -1.86 -11.06
CA LEU B 29 -1.76 -1.48 -12.43
C LEU B 29 -0.62 -0.72 -13.09
N GLY B 30 0.05 0.14 -12.33
CA GLY B 30 1.15 0.91 -12.87
C GLY B 30 2.32 0.04 -13.28
N ILE B 31 2.72 -0.86 -12.40
CA ILE B 31 3.84 -1.77 -12.69
C ILE B 31 3.55 -2.62 -13.92
N GLY B 32 2.43 -3.34 -13.89
CA GLY B 32 2.07 -4.19 -15.00
C GLY B 32 2.14 -3.46 -16.33
N LEU B 33 1.34 -2.41 -16.48
CA LEU B 33 1.32 -1.62 -17.70
C LEU B 33 2.73 -1.20 -18.10
N PHE B 34 3.57 -0.95 -17.10
CA PHE B 34 4.95 -0.53 -17.35
C PHE B 34 5.72 -1.62 -18.08
N MET B 35 5.54 -2.87 -17.65
CA MET B 35 6.22 -4.00 -18.27
C MET B 35 5.63 -4.30 -19.64
N ARG B 36 4.31 -4.36 -19.72
CA ARG B 36 3.63 -4.65 -20.97
C ARG B 36 3.95 -3.58 -22.02
N ARG B 37 3.67 -2.32 -21.67
CA ARG B 37 3.93 -1.22 -22.58
C ARG B 37 3.32 -1.48 -23.96
N ARG B 38 2.21 -2.21 -23.97
CA ARG B 38 1.53 -2.55 -25.22
C ARG B 38 0.32 -1.65 -25.44
N HIS B 39 0.23 -1.07 -26.64
CA HIS B 39 -0.89 -0.19 -26.97
C HIS B 39 -1.34 -0.42 -28.41
N ILE B 40 -2.46 0.21 -28.77
CA ILE B 40 -3.00 0.07 -30.12
C ILE B 40 -3.64 1.37 -30.59
N VAL B 41 -3.97 1.43 -31.88
CA VAL B 41 -4.59 2.62 -32.45
C VAL B 41 -5.71 2.24 -33.40
N ARG B 42 -6.79 3.02 -33.38
CA ARG B 42 -7.95 2.77 -34.24
C ARG B 42 -7.76 3.43 -35.60
N LYS B 43 -8.64 3.10 -36.53
CA LYS B 43 -8.58 3.65 -37.89
C LYS B 43 -9.40 4.93 -37.99
N ARG B 44 -8.82 5.95 -38.62
CA ARG B 44 -9.50 7.23 -38.78
C ARG B 44 -9.93 7.79 -37.44
#